data_7HLG
# 
_entry.id   7HLG 
# 
_audit_conform.dict_name       mmcif_pdbx.dic 
_audit_conform.dict_version    5.399 
_audit_conform.dict_location   http://mmcif.pdb.org/dictionaries/ascii/mmcif_pdbx.dic 
# 
loop_
_database_2.database_id 
_database_2.database_code 
_database_2.pdbx_database_accession 
_database_2.pdbx_DOI 
PDB   7HLG         pdb_00007hlg 10.2210/pdb7hlg/pdb 
WWPDB D_1001407622 ?            ?                   
# 
_pdbx_audit_revision_history.ordinal             1 
_pdbx_audit_revision_history.data_content_type   'Structure model' 
_pdbx_audit_revision_history.major_revision      1 
_pdbx_audit_revision_history.minor_revision      0 
_pdbx_audit_revision_history.revision_date       2024-11-27 
# 
_pdbx_audit_revision_details.ordinal             1 
_pdbx_audit_revision_details.revision_ordinal    1 
_pdbx_audit_revision_details.data_content_type   'Structure model' 
_pdbx_audit_revision_details.provider            repository 
_pdbx_audit_revision_details.type                'Initial release' 
_pdbx_audit_revision_details.description         ? 
_pdbx_audit_revision_details.details             ? 
# 
_pdbx_database_status.entry_id                        7HLG 
_pdbx_database_status.status_code                     REL 
_pdbx_database_status.status_code_sf                  REL 
_pdbx_database_status.status_code_mr                  ? 
_pdbx_database_status.status_code_cs                  ? 
_pdbx_database_status.recvd_initial_deposition_date   2024-11-04 
_pdbx_database_status.status_code_nmr_data            ? 
_pdbx_database_status.deposit_site                    RCSB 
_pdbx_database_status.process_site                    RCSB 
_pdbx_database_status.SG_entry                        ? 
_pdbx_database_status.pdb_format_compatible           N 
_pdbx_database_status.methods_development_category    ? 
# 
_pdbx_contact_author.id                 1 
_pdbx_contact_author.email              knapp@pharmchem.uni-frankfurt.de 
_pdbx_contact_author.name_first         Stefan 
_pdbx_contact_author.name_last          Knapp 
_pdbx_contact_author.role               'principal investigator/group leader' 
_pdbx_contact_author.identifier_ORCID   0000-0001-5995-6494 
_pdbx_contact_author.name_mi            ? 
# 
loop_
_audit_author.name 
_audit_author.pdbx_ordinal 
'Kim, Y.'                              1 
'Marples, P.'                          2 
'Fearon, D.'                           3 
'von Delft, F.'                        4 
'Knapp, S.'                            5 
'Kraemer, A.'                          6 
'Structural Genomics Consortium (SGC)' 7 
# 
_citation.id                        primary 
_citation.title                     'PanDDA analysis group deposition' 
_citation.journal_abbrev            'To Be Published' 
_citation.journal_volume            ? 
_citation.page_first                ? 
_citation.page_last                 ? 
_citation.year                      ? 
_citation.journal_id_ASTM           ? 
_citation.country                   ? 
_citation.journal_id_ISSN           ? 
_citation.journal_id_CSD            0353 
_citation.book_publisher            ? 
_citation.pdbx_database_id_PubMed   ? 
_citation.pdbx_database_id_DOI      ? 
# 
loop_
_citation_author.citation_id 
_citation_author.name 
_citation_author.identifier_ORCID 
_citation_author.ordinal 
primary 'Kim, Y.'                              ? 1 
primary 'Marples, P.'                          ? 2 
primary 'Fearon, D.'                           ? 3 
primary 'von Delft, F.'                        ? 4 
primary 'Knapp, S.'                            ? 5 
primary 'Kraemer, A.'                          ? 6 
primary 'Structural Genomics Consortium (SGC)' ? 7 
# 
loop_
_entity.id 
_entity.type 
_entity.src_method 
_entity.pdbx_description 
_entity.formula_weight 
_entity.pdbx_number_of_molecules 
_entity.pdbx_ec 
_entity.pdbx_mutation 
_entity.pdbx_fragment 
_entity.details 
1 polymer     man 'E3 ubiquitin-protein ligase TRIM21'                              21596.361 1  2.3.2.27 ? ? ? 
2 non-polymer syn 1,2-ETHANEDIOL                                                    62.068    2  ?        ? ? ? 
3 non-polymer syn 'SULFATE ION'                                                     96.063    1  ?        ? ? ? 
4 non-polymer syn '(1r,3r)-3-[(3-fluoropyridin-2-yl)amino]-1-methylcyclobutan-1-ol' 196.221   1  ?        ? ? ? 
5 water       nat water                                                             18.015    28 ?        ? ? ? 
# 
_entity_name_com.entity_id   1 
_entity_name_com.name        
;52 kDa Ro protein,52 kDa ribonucleoprotein autoantigen Ro/SS-A,Ro(SS-A),Sjoegren syndrome type A antigen,SS-A,Tripartite motif-containing protein 21
;
# 
_entity_poly.entity_id                      1 
_entity_poly.type                           'polypeptide(L)' 
_entity_poly.nstd_linkage                   no 
_entity_poly.nstd_monomer                   no 
_entity_poly.pdbx_seq_one_letter_code       
;MHHHHHHMVHITLDRNTANSWLIISKDRRQVRMGDTHQNVSDNKERFSNYPMVLGAQRFSSGKMYWEVDVTQKEAWDLGV
CRDSVQRKGQFSLSPENGFWTIWLWQDSYEAGTSPQTTLHIQVPPCQIGIFVDYEAGVVSFYNITDHGSLIYTFSECVFA
GPLRPFFNVGFNYSGGNAAPLKLCPLKM
;
_entity_poly.pdbx_seq_one_letter_code_can   
;MHHHHHHMVHITLDRNTANSWLIISKDRRQVRMGDTHQNVSDNKERFSNYPMVLGAQRFSSGKMYWEVDVTQKEAWDLGV
CRDSVQRKGQFSLSPENGFWTIWLWQDSYEAGTSPQTTLHIQVPPCQIGIFVDYEAGVVSFYNITDHGSLIYTFSECVFA
GPLRPFFNVGFNYSGGNAAPLKLCPLKM
;
_entity_poly.pdbx_strand_id                 B 
_entity_poly.pdbx_target_identifier         ? 
# 
loop_
_pdbx_entity_nonpoly.entity_id 
_pdbx_entity_nonpoly.name 
_pdbx_entity_nonpoly.comp_id 
2 1,2-ETHANEDIOL                                                    EDO   
3 'SULFATE ION'                                                     SO4   
4 '(1r,3r)-3-[(3-fluoropyridin-2-yl)amino]-1-methylcyclobutan-1-ol' A1BE8 
5 water                                                             HOH   
# 
loop_
_entity_poly_seq.entity_id 
_entity_poly_seq.num 
_entity_poly_seq.mon_id 
_entity_poly_seq.hetero 
1 1   MET n 
1 2   HIS n 
1 3   HIS n 
1 4   HIS n 
1 5   HIS n 
1 6   HIS n 
1 7   HIS n 
1 8   MET n 
1 9   VAL n 
1 10  HIS n 
1 11  ILE n 
1 12  THR n 
1 13  LEU n 
1 14  ASP n 
1 15  ARG n 
1 16  ASN n 
1 17  THR n 
1 18  ALA n 
1 19  ASN n 
1 20  SER n 
1 21  TRP n 
1 22  LEU n 
1 23  ILE n 
1 24  ILE n 
1 25  SER n 
1 26  LYS n 
1 27  ASP n 
1 28  ARG n 
1 29  ARG n 
1 30  GLN n 
1 31  VAL n 
1 32  ARG n 
1 33  MET n 
1 34  GLY n 
1 35  ASP n 
1 36  THR n 
1 37  HIS n 
1 38  GLN n 
1 39  ASN n 
1 40  VAL n 
1 41  SER n 
1 42  ASP n 
1 43  ASN n 
1 44  LYS n 
1 45  GLU n 
1 46  ARG n 
1 47  PHE n 
1 48  SER n 
1 49  ASN n 
1 50  TYR n 
1 51  PRO n 
1 52  MET n 
1 53  VAL n 
1 54  LEU n 
1 55  GLY n 
1 56  ALA n 
1 57  GLN n 
1 58  ARG n 
1 59  PHE n 
1 60  SER n 
1 61  SER n 
1 62  GLY n 
1 63  LYS n 
1 64  MET n 
1 65  TYR n 
1 66  TRP n 
1 67  GLU n 
1 68  VAL n 
1 69  ASP n 
1 70  VAL n 
1 71  THR n 
1 72  GLN n 
1 73  LYS n 
1 74  GLU n 
1 75  ALA n 
1 76  TRP n 
1 77  ASP n 
1 78  LEU n 
1 79  GLY n 
1 80  VAL n 
1 81  CYS n 
1 82  ARG n 
1 83  ASP n 
1 84  SER n 
1 85  VAL n 
1 86  GLN n 
1 87  ARG n 
1 88  LYS n 
1 89  GLY n 
1 90  GLN n 
1 91  PHE n 
1 92  SER n 
1 93  LEU n 
1 94  SER n 
1 95  PRO n 
1 96  GLU n 
1 97  ASN n 
1 98  GLY n 
1 99  PHE n 
1 100 TRP n 
1 101 THR n 
1 102 ILE n 
1 103 TRP n 
1 104 LEU n 
1 105 TRP n 
1 106 GLN n 
1 107 ASP n 
1 108 SER n 
1 109 TYR n 
1 110 GLU n 
1 111 ALA n 
1 112 GLY n 
1 113 THR n 
1 114 SER n 
1 115 PRO n 
1 116 GLN n 
1 117 THR n 
1 118 THR n 
1 119 LEU n 
1 120 HIS n 
1 121 ILE n 
1 122 GLN n 
1 123 VAL n 
1 124 PRO n 
1 125 PRO n 
1 126 CYS n 
1 127 GLN n 
1 128 ILE n 
1 129 GLY n 
1 130 ILE n 
1 131 PHE n 
1 132 VAL n 
1 133 ASP n 
1 134 TYR n 
1 135 GLU n 
1 136 ALA n 
1 137 GLY n 
1 138 VAL n 
1 139 VAL n 
1 140 SER n 
1 141 PHE n 
1 142 TYR n 
1 143 ASN n 
1 144 ILE n 
1 145 THR n 
1 146 ASP n 
1 147 HIS n 
1 148 GLY n 
1 149 SER n 
1 150 LEU n 
1 151 ILE n 
1 152 TYR n 
1 153 THR n 
1 154 PHE n 
1 155 SER n 
1 156 GLU n 
1 157 CYS n 
1 158 VAL n 
1 159 PHE n 
1 160 ALA n 
1 161 GLY n 
1 162 PRO n 
1 163 LEU n 
1 164 ARG n 
1 165 PRO n 
1 166 PHE n 
1 167 PHE n 
1 168 ASN n 
1 169 VAL n 
1 170 GLY n 
1 171 PHE n 
1 172 ASN n 
1 173 TYR n 
1 174 SER n 
1 175 GLY n 
1 176 GLY n 
1 177 ASN n 
1 178 ALA n 
1 179 ALA n 
1 180 PRO n 
1 181 LEU n 
1 182 LYS n 
1 183 LEU n 
1 184 CYS n 
1 185 PRO n 
1 186 LEU n 
1 187 LYS n 
1 188 MET n 
# 
_entity_src_gen.entity_id                          1 
_entity_src_gen.pdbx_src_id                        1 
_entity_src_gen.pdbx_alt_source_flag               sample 
_entity_src_gen.pdbx_seq_type                      'Biological sequence' 
_entity_src_gen.pdbx_beg_seq_num                   1 
_entity_src_gen.pdbx_end_seq_num                   188 
_entity_src_gen.gene_src_common_name               'house mouse' 
_entity_src_gen.gene_src_genus                     ? 
_entity_src_gen.pdbx_gene_src_gene                 'Trim21, Ro52, Ssa1' 
_entity_src_gen.gene_src_species                   ? 
_entity_src_gen.gene_src_strain                    ? 
_entity_src_gen.gene_src_tissue                    ? 
_entity_src_gen.gene_src_tissue_fraction           ? 
_entity_src_gen.gene_src_details                   ? 
_entity_src_gen.pdbx_gene_src_fragment             ? 
_entity_src_gen.pdbx_gene_src_scientific_name      'Mus musculus' 
_entity_src_gen.pdbx_gene_src_ncbi_taxonomy_id     10090 
_entity_src_gen.pdbx_gene_src_variant              ? 
_entity_src_gen.pdbx_gene_src_cell_line            ? 
_entity_src_gen.pdbx_gene_src_atcc                 ? 
_entity_src_gen.pdbx_gene_src_organ                ? 
_entity_src_gen.pdbx_gene_src_organelle            ? 
_entity_src_gen.pdbx_gene_src_cell                 ? 
_entity_src_gen.pdbx_gene_src_cellular_location    ? 
_entity_src_gen.host_org_common_name               ? 
_entity_src_gen.pdbx_host_org_scientific_name      'Escherichia coli' 
_entity_src_gen.pdbx_host_org_ncbi_taxonomy_id     562 
_entity_src_gen.host_org_genus                     ? 
_entity_src_gen.pdbx_host_org_gene                 ? 
_entity_src_gen.pdbx_host_org_organ                ? 
_entity_src_gen.host_org_species                   ? 
_entity_src_gen.pdbx_host_org_tissue               ? 
_entity_src_gen.pdbx_host_org_tissue_fraction      ? 
_entity_src_gen.pdbx_host_org_strain               ? 
_entity_src_gen.pdbx_host_org_variant              ? 
_entity_src_gen.pdbx_host_org_cell_line            ? 
_entity_src_gen.pdbx_host_org_atcc                 ? 
_entity_src_gen.pdbx_host_org_culture_collection   ? 
_entity_src_gen.pdbx_host_org_cell                 ? 
_entity_src_gen.pdbx_host_org_organelle            ? 
_entity_src_gen.pdbx_host_org_cellular_location    ? 
_entity_src_gen.pdbx_host_org_vector_type          ? 
_entity_src_gen.pdbx_host_org_vector               ? 
_entity_src_gen.host_org_details                   ? 
_entity_src_gen.expression_system_id               ? 
_entity_src_gen.plasmid_name                       ? 
_entity_src_gen.plasmid_details                    ? 
_entity_src_gen.pdbx_description                   ? 
# 
loop_
_chem_comp.id 
_chem_comp.type 
_chem_comp.mon_nstd_flag 
_chem_comp.name 
_chem_comp.pdbx_synonyms 
_chem_comp.formula 
_chem_comp.formula_weight 
A1BE8 non-polymer         . '(1r,3r)-3-[(3-fluoropyridin-2-yl)amino]-1-methylcyclobutan-1-ol' ?                 'C10 H13 F N2 O' 
196.221 
ALA   'L-peptide linking' y ALANINE                                                           ?                 'C3 H7 N O2'     
89.093  
ARG   'L-peptide linking' y ARGININE                                                          ?                 'C6 H15 N4 O2 1' 
175.209 
ASN   'L-peptide linking' y ASPARAGINE                                                        ?                 'C4 H8 N2 O3'    
132.118 
ASP   'L-peptide linking' y 'ASPARTIC ACID'                                                   ?                 'C4 H7 N O4'     
133.103 
CYS   'L-peptide linking' y CYSTEINE                                                          ?                 'C3 H7 N O2 S'   
121.158 
EDO   non-polymer         . 1,2-ETHANEDIOL                                                    'ETHYLENE GLYCOL' 'C2 H6 O2'       
62.068  
GLN   'L-peptide linking' y GLUTAMINE                                                         ?                 'C5 H10 N2 O3'   
146.144 
GLU   'L-peptide linking' y 'GLUTAMIC ACID'                                                   ?                 'C5 H9 N O4'     
147.129 
GLY   'peptide linking'   y GLYCINE                                                           ?                 'C2 H5 N O2'     
75.067  
HIS   'L-peptide linking' y HISTIDINE                                                         ?                 'C6 H10 N3 O2 1' 
156.162 
HOH   non-polymer         . WATER                                                             ?                 'H2 O'           
18.015  
ILE   'L-peptide linking' y ISOLEUCINE                                                        ?                 'C6 H13 N O2'    
131.173 
LEU   'L-peptide linking' y LEUCINE                                                           ?                 'C6 H13 N O2'    
131.173 
LYS   'L-peptide linking' y LYSINE                                                            ?                 'C6 H15 N2 O2 1' 
147.195 
MET   'L-peptide linking' y METHIONINE                                                        ?                 'C5 H11 N O2 S'  
149.211 
PHE   'L-peptide linking' y PHENYLALANINE                                                     ?                 'C9 H11 N O2'    
165.189 
PRO   'L-peptide linking' y PROLINE                                                           ?                 'C5 H9 N O2'     
115.130 
SER   'L-peptide linking' y SERINE                                                            ?                 'C3 H7 N O3'     
105.093 
SO4   non-polymer         . 'SULFATE ION'                                                     ?                 'O4 S -2'        
96.063  
THR   'L-peptide linking' y THREONINE                                                         ?                 'C4 H9 N O3'     
119.119 
TRP   'L-peptide linking' y TRYPTOPHAN                                                        ?                 'C11 H12 N2 O2'  
204.225 
TYR   'L-peptide linking' y TYROSINE                                                          ?                 'C9 H11 N O3'    
181.189 
VAL   'L-peptide linking' y VALINE                                                            ?                 'C5 H11 N O2'    
117.146 
# 
loop_
_pdbx_poly_seq_scheme.asym_id 
_pdbx_poly_seq_scheme.entity_id 
_pdbx_poly_seq_scheme.seq_id 
_pdbx_poly_seq_scheme.mon_id 
_pdbx_poly_seq_scheme.ndb_seq_num 
_pdbx_poly_seq_scheme.pdb_seq_num 
_pdbx_poly_seq_scheme.auth_seq_num 
_pdbx_poly_seq_scheme.pdb_mon_id 
_pdbx_poly_seq_scheme.auth_mon_id 
_pdbx_poly_seq_scheme.pdb_strand_id 
_pdbx_poly_seq_scheme.pdb_ins_code 
_pdbx_poly_seq_scheme.hetero 
A 1 1   MET 1   7   ?   ?   ?   B . n 
A 1 2   HIS 2   8   8   HIS HIS B . n 
A 1 3   HIS 3   9   9   HIS HIS B . n 
A 1 4   HIS 4   10  10  HIS HIS B . n 
A 1 5   HIS 5   11  11  HIS HIS B . n 
A 1 6   HIS 6   12  12  HIS HIS B . n 
A 1 7   HIS 7   13  13  HIS HIS B . n 
A 1 8   MET 8   14  14  MET MET B . n 
A 1 9   VAL 9   15  15  VAL VAL B . n 
A 1 10  HIS 10  16  16  HIS HIS B . n 
A 1 11  ILE 11  17  17  ILE ILE B . n 
A 1 12  THR 12  18  18  THR THR B . n 
A 1 13  LEU 13  19  19  LEU LEU B . n 
A 1 14  ASP 14  20  20  ASP ASP B . n 
A 1 15  ARG 15  21  21  ARG ARG B . n 
A 1 16  ASN 16  22  22  ASN ASN B . n 
A 1 17  THR 17  23  23  THR THR B . n 
A 1 18  ALA 18  24  24  ALA ALA B . n 
A 1 19  ASN 19  25  25  ASN ASN B . n 
A 1 20  SER 20  26  26  SER SER B . n 
A 1 21  TRP 21  27  27  TRP TRP B . n 
A 1 22  LEU 22  28  28  LEU LEU B . n 
A 1 23  ILE 23  29  29  ILE ILE B . n 
A 1 24  ILE 24  30  30  ILE ILE B . n 
A 1 25  SER 25  31  31  SER SER B . n 
A 1 26  LYS 26  32  32  LYS LYS B . n 
A 1 27  ASP 27  33  33  ASP ASP B . n 
A 1 28  ARG 28  34  34  ARG ARG B . n 
A 1 29  ARG 29  35  35  ARG ARG B . n 
A 1 30  GLN 30  36  36  GLN GLN B . n 
A 1 31  VAL 31  37  37  VAL VAL B . n 
A 1 32  ARG 32  38  38  ARG ARG B . n 
A 1 33  MET 33  39  39  MET MET B . n 
A 1 34  GLY 34  40  40  GLY GLY B . n 
A 1 35  ASP 35  41  41  ASP ASP B . n 
A 1 36  THR 36  42  42  THR THR B . n 
A 1 37  HIS 37  43  43  HIS HIS B . n 
A 1 38  GLN 38  44  44  GLN GLN B . n 
A 1 39  ASN 39  45  45  ASN ASN B . n 
A 1 40  VAL 40  46  46  VAL VAL B . n 
A 1 41  SER 41  47  47  SER SER B . n 
A 1 42  ASP 42  48  48  ASP ASP B . n 
A 1 43  ASN 43  49  49  ASN ASN B . n 
A 1 44  LYS 44  50  50  LYS LYS B . n 
A 1 45  GLU 45  51  51  GLU GLU B . n 
A 1 46  ARG 46  52  52  ARG ARG B . n 
A 1 47  PHE 47  53  53  PHE PHE B . n 
A 1 48  SER 48  54  54  SER SER B . n 
A 1 49  ASN 49  55  55  ASN ASN B . n 
A 1 50  TYR 50  56  56  TYR TYR B . n 
A 1 51  PRO 51  57  57  PRO PRO B . n 
A 1 52  MET 52  58  58  MET MET B . n 
A 1 53  VAL 53  59  59  VAL VAL B . n 
A 1 54  LEU 54  60  60  LEU LEU B . n 
A 1 55  GLY 55  61  61  GLY GLY B . n 
A 1 56  ALA 56  62  62  ALA ALA B . n 
A 1 57  GLN 57  63  63  GLN GLN B . n 
A 1 58  ARG 58  64  64  ARG ARG B . n 
A 1 59  PHE 59  65  65  PHE PHE B . n 
A 1 60  SER 60  66  66  SER SER B . n 
A 1 61  SER 61  67  67  SER SER B . n 
A 1 62  GLY 62  68  68  GLY GLY B . n 
A 1 63  LYS 63  69  69  LYS LYS B . n 
A 1 64  MET 64  70  70  MET MET B . n 
A 1 65  TYR 65  71  71  TYR TYR B . n 
A 1 66  TRP 66  72  72  TRP TRP B . n 
A 1 67  GLU 67  73  73  GLU GLU B . n 
A 1 68  VAL 68  74  74  VAL VAL B . n 
A 1 69  ASP 69  75  75  ASP ASP B . n 
A 1 70  VAL 70  76  76  VAL VAL B . n 
A 1 71  THR 71  77  77  THR THR B . n 
A 1 72  GLN 72  78  78  GLN GLN B . n 
A 1 73  LYS 73  79  79  LYS LYS B . n 
A 1 74  GLU 74  80  80  GLU GLU B . n 
A 1 75  ALA 75  81  81  ALA ALA B . n 
A 1 76  TRP 76  82  82  TRP TRP B . n 
A 1 77  ASP 77  83  83  ASP ASP B . n 
A 1 78  LEU 78  84  84  LEU LEU B . n 
A 1 79  GLY 79  85  85  GLY GLY B . n 
A 1 80  VAL 80  86  86  VAL VAL B . n 
A 1 81  CYS 81  87  87  CYS CYS B . n 
A 1 82  ARG 82  88  88  ARG ARG B . n 
A 1 83  ASP 83  89  89  ASP ASP B . n 
A 1 84  SER 84  90  90  SER SER B . n 
A 1 85  VAL 85  91  91  VAL VAL B . n 
A 1 86  GLN 86  92  92  GLN GLN B . n 
A 1 87  ARG 87  93  93  ARG ARG B . n 
A 1 88  LYS 88  94  94  LYS LYS B . n 
A 1 89  GLY 89  95  95  GLY GLY B . n 
A 1 90  GLN 90  96  96  GLN GLN B . n 
A 1 91  PHE 91  97  97  PHE PHE B . n 
A 1 92  SER 92  98  98  SER SER B . n 
A 1 93  LEU 93  99  99  LEU LEU B . n 
A 1 94  SER 94  100 100 SER SER B . n 
A 1 95  PRO 95  101 101 PRO PRO B . n 
A 1 96  GLU 96  102 102 GLU GLU B . n 
A 1 97  ASN 97  103 103 ASN ASN B . n 
A 1 98  GLY 98  104 104 GLY GLY B . n 
A 1 99  PHE 99  105 105 PHE PHE B . n 
A 1 100 TRP 100 106 106 TRP TRP B . n 
A 1 101 THR 101 107 107 THR THR B . n 
A 1 102 ILE 102 108 108 ILE ILE B . n 
A 1 103 TRP 103 109 109 TRP TRP B . n 
A 1 104 LEU 104 110 110 LEU LEU B . n 
A 1 105 TRP 105 111 111 TRP TRP B . n 
A 1 106 GLN 106 112 112 GLN GLN B . n 
A 1 107 ASP 107 113 113 ASP ASP B . n 
A 1 108 SER 108 114 114 SER SER B . n 
A 1 109 TYR 109 115 115 TYR TYR B . n 
A 1 110 GLU 110 116 116 GLU GLU B . n 
A 1 111 ALA 111 117 117 ALA ALA B . n 
A 1 112 GLY 112 118 118 GLY GLY B . n 
A 1 113 THR 113 119 119 THR THR B . n 
A 1 114 SER 114 120 120 SER SER B . n 
A 1 115 PRO 115 121 121 PRO PRO B . n 
A 1 116 GLN 116 122 122 GLN GLN B . n 
A 1 117 THR 117 123 123 THR THR B . n 
A 1 118 THR 118 124 124 THR THR B . n 
A 1 119 LEU 119 125 125 LEU LEU B . n 
A 1 120 HIS 120 126 126 HIS HIS B . n 
A 1 121 ILE 121 127 127 ILE ILE B . n 
A 1 122 GLN 122 128 128 GLN GLN B . n 
A 1 123 VAL 123 129 129 VAL VAL B . n 
A 1 124 PRO 124 130 130 PRO PRO B . n 
A 1 125 PRO 125 131 131 PRO PRO B . n 
A 1 126 CYS 126 132 132 CYS CYS B . n 
A 1 127 GLN 127 133 133 GLN GLN B . n 
A 1 128 ILE 128 134 134 ILE ILE B . n 
A 1 129 GLY 129 135 135 GLY GLY B . n 
A 1 130 ILE 130 136 136 ILE ILE B . n 
A 1 131 PHE 131 137 137 PHE PHE B . n 
A 1 132 VAL 132 138 138 VAL VAL B . n 
A 1 133 ASP 133 139 139 ASP ASP B . n 
A 1 134 TYR 134 140 140 TYR TYR B . n 
A 1 135 GLU 135 141 141 GLU GLU B . n 
A 1 136 ALA 136 142 142 ALA ALA B . n 
A 1 137 GLY 137 143 143 GLY GLY B . n 
A 1 138 VAL 138 144 144 VAL VAL B . n 
A 1 139 VAL 139 145 145 VAL VAL B . n 
A 1 140 SER 140 146 146 SER SER B . n 
A 1 141 PHE 141 147 147 PHE PHE B . n 
A 1 142 TYR 142 148 148 TYR TYR B . n 
A 1 143 ASN 143 149 149 ASN ASN B . n 
A 1 144 ILE 144 150 150 ILE ILE B . n 
A 1 145 THR 145 151 151 THR THR B . n 
A 1 146 ASP 146 152 152 ASP ASP B . n 
A 1 147 HIS 147 153 153 HIS HIS B . n 
A 1 148 GLY 148 154 154 GLY GLY B . n 
A 1 149 SER 149 155 155 SER SER B . n 
A 1 150 LEU 150 156 156 LEU LEU B . n 
A 1 151 ILE 151 157 157 ILE ILE B . n 
A 1 152 TYR 152 158 158 TYR TYR B . n 
A 1 153 THR 153 159 159 THR THR B . n 
A 1 154 PHE 154 160 160 PHE PHE B . n 
A 1 155 SER 155 161 161 SER SER B . n 
A 1 156 GLU 156 162 162 GLU GLU B . n 
A 1 157 CYS 157 163 163 CYS CYS B . n 
A 1 158 VAL 158 164 164 VAL VAL B . n 
A 1 159 PHE 159 165 165 PHE PHE B . n 
A 1 160 ALA 160 166 166 ALA ALA B . n 
A 1 161 GLY 161 167 167 GLY GLY B . n 
A 1 162 PRO 162 168 168 PRO PRO B . n 
A 1 163 LEU 163 169 169 LEU LEU B . n 
A 1 164 ARG 164 170 170 ARG ARG B . n 
A 1 165 PRO 165 171 171 PRO PRO B . n 
A 1 166 PHE 166 172 172 PHE PHE B . n 
A 1 167 PHE 167 173 173 PHE PHE B . n 
A 1 168 ASN 168 174 174 ASN ASN B . n 
A 1 169 VAL 169 175 175 VAL VAL B . n 
A 1 170 GLY 170 176 176 GLY GLY B . n 
A 1 171 PHE 171 177 177 PHE PHE B . n 
A 1 172 ASN 172 178 178 ASN ASN B . n 
A 1 173 TYR 173 179 179 TYR TYR B . n 
A 1 174 SER 174 180 180 SER SER B . n 
A 1 175 GLY 175 181 181 GLY GLY B . n 
A 1 176 GLY 176 182 182 GLY GLY B . n 
A 1 177 ASN 177 183 183 ASN ASN B . n 
A 1 178 ALA 178 184 184 ALA ALA B . n 
A 1 179 ALA 179 185 185 ALA ALA B . n 
A 1 180 PRO 180 186 186 PRO PRO B . n 
A 1 181 LEU 181 187 187 LEU LEU B . n 
A 1 182 LYS 182 188 188 LYS LYS B . n 
A 1 183 LEU 183 189 189 LEU LEU B . n 
A 1 184 CYS 184 190 190 CYS CYS B . n 
A 1 185 PRO 185 191 191 PRO PRO B . n 
A 1 186 LEU 186 192 192 LEU LEU B . n 
A 1 187 LYS 187 193 ?   ?   ?   B . n 
A 1 188 MET 188 194 ?   ?   ?   B . n 
# 
_pdbx_entity_instance_feature.ordinal        1 
_pdbx_entity_instance_feature.comp_id        A1BE8 
_pdbx_entity_instance_feature.asym_id        ? 
_pdbx_entity_instance_feature.seq_num        ? 
_pdbx_entity_instance_feature.auth_comp_id   A1BE8 
_pdbx_entity_instance_feature.auth_asym_id   ? 
_pdbx_entity_instance_feature.auth_seq_num   ? 
_pdbx_entity_instance_feature.feature_type   'SUBJECT OF INVESTIGATION' 
_pdbx_entity_instance_feature.details        ? 
# 
loop_
_pdbx_nonpoly_scheme.asym_id 
_pdbx_nonpoly_scheme.entity_id 
_pdbx_nonpoly_scheme.mon_id 
_pdbx_nonpoly_scheme.ndb_seq_num 
_pdbx_nonpoly_scheme.pdb_seq_num 
_pdbx_nonpoly_scheme.auth_seq_num 
_pdbx_nonpoly_scheme.pdb_mon_id 
_pdbx_nonpoly_scheme.auth_mon_id 
_pdbx_nonpoly_scheme.pdb_strand_id 
_pdbx_nonpoly_scheme.pdb_ins_code 
B 2 EDO   1  201 202 EDO   EDO B . 
C 2 EDO   1  202 305 EDO   EDO B . 
D 3 SO4   1  203 1   SO4   SO4 B . 
E 4 A1BE8 1  204 1   A1BE8 LIG B . 
F 5 HOH   1  301 267 HOH   HOH B . 
F 5 HOH   2  302 85  HOH   HOH B . 
F 5 HOH   3  303 3   HOH   HOH B . 
F 5 HOH   4  304 27  HOH   HOH B . 
F 5 HOH   5  305 66  HOH   HOH B . 
F 5 HOH   6  306 129 HOH   HOH B . 
F 5 HOH   7  307 22  HOH   HOH B . 
F 5 HOH   8  308 7   HOH   HOH B . 
F 5 HOH   9  309 20  HOH   HOH B . 
F 5 HOH   10 310 11  HOH   HOH B . 
F 5 HOH   11 311 40  HOH   HOH B . 
F 5 HOH   12 312 62  HOH   HOH B . 
F 5 HOH   13 313 43  HOH   HOH B . 
F 5 HOH   14 314 29  HOH   HOH B . 
F 5 HOH   15 315 304 HOH   HOH B . 
F 5 HOH   16 316 86  HOH   HOH B . 
F 5 HOH   17 317 264 HOH   HOH B . 
F 5 HOH   18 318 30  HOH   HOH B . 
F 5 HOH   19 319 8   HOH   HOH B . 
F 5 HOH   20 320 281 HOH   HOH B . 
F 5 HOH   21 321 23  HOH   HOH B . 
F 5 HOH   22 322 22  HOH   HOH B . 
F 5 HOH   23 323 53  HOH   HOH B . 
F 5 HOH   24 324 44  HOH   HOH B . 
F 5 HOH   25 325 214 HOH   HOH B . 
F 5 HOH   26 326 5   HOH   HOH B . 
F 5 HOH   27 327 156 HOH   HOH B . 
F 5 HOH   28 328 20  HOH   HOH B . 
# 
loop_
_pdbx_unobs_or_zero_occ_atoms.id 
_pdbx_unobs_or_zero_occ_atoms.PDB_model_num 
_pdbx_unobs_or_zero_occ_atoms.polymer_flag 
_pdbx_unobs_or_zero_occ_atoms.occupancy_flag 
_pdbx_unobs_or_zero_occ_atoms.auth_asym_id 
_pdbx_unobs_or_zero_occ_atoms.auth_comp_id 
_pdbx_unobs_or_zero_occ_atoms.auth_seq_id 
_pdbx_unobs_or_zero_occ_atoms.PDB_ins_code 
_pdbx_unobs_or_zero_occ_atoms.auth_atom_id 
_pdbx_unobs_or_zero_occ_atoms.label_alt_id 
_pdbx_unobs_or_zero_occ_atoms.label_asym_id 
_pdbx_unobs_or_zero_occ_atoms.label_comp_id 
_pdbx_unobs_or_zero_occ_atoms.label_seq_id 
_pdbx_unobs_or_zero_occ_atoms.label_atom_id 
1 1 Y 1 B LEU 192 ? CG  ? A LEU 186 CG  
2 1 Y 1 B LEU 192 ? CD1 ? A LEU 186 CD1 
3 1 Y 1 B LEU 192 ? CD2 ? A LEU 186 CD2 
# 
loop_
_software.pdbx_ordinal 
_software.name 
_software.version 
_software.date 
_software.type 
_software.contact_author 
_software.contact_author_email 
_software.classification 
_software.location 
_software.language 
_software.citation_id 
1 REFMAC  5.8.0267 ?        program 'Garib N. Murshudov' garib@ysbl.york.ac.uk refinement       
http://www.ccp4.ac.uk/dist/html/refmac5.html        Fortran_77 ? 
2 Aimless 0.7.7    23/04/21 program 'Phil Evans'         ?                     'data scaling'   
http://www.mrc-lmb.cam.ac.uk/harry/pre/aimless.html ?          ? 
3 XDS     .        ?        program ?                    ?                     'data reduction' ? ?          ? 
4 REFMAC  .        ?        program ?                    ?                     phasing          ? ?          ? 
# 
_cell.entry_id           7HLG 
_cell.length_a           96.084 
_cell.length_b           96.084 
_cell.length_c           45.574 
_cell.angle_alpha        90.000 
_cell.angle_beta         90.000 
_cell.angle_gamma        90.000 
_cell.Z_PDB              8 
_cell.pdbx_unique_axis   ? 
# 
_symmetry.entry_id                         7HLG 
_symmetry.space_group_name_H-M             'I 4' 
_symmetry.pdbx_full_space_group_name_H-M   ? 
_symmetry.cell_setting                     ? 
_symmetry.Int_Tables_number                79 
# 
_exptl.crystals_number   1 
_exptl.entry_id          7HLG 
_exptl.method            'X-RAY DIFFRACTION' 
# 
_exptl_crystal.id                    1 
_exptl_crystal.pdbx_mosaicity        0.000 
_exptl_crystal.pdbx_mosaicity_esd    ? 
_exptl_crystal.density_Matthews      2.44 
_exptl_crystal.density_diffrn        ? 
_exptl_crystal.density_meas          ? 
_exptl_crystal.density_meas_temp     ? 
_exptl_crystal.density_percent_sol   49.49 
_exptl_crystal.size_max              ? 
_exptl_crystal.size_mid              ? 
_exptl_crystal.size_min              ? 
_exptl_crystal.size_rad              ? 
_exptl_crystal.description           ? 
# 
_exptl_crystal_grow.crystal_id      1 
_exptl_crystal_grow.method          'VAPOR DIFFUSION, SITTING DROP' 
_exptl_crystal_grow.pH              8 
_exptl_crystal_grow.temp            293 
_exptl_crystal_grow.pdbx_details    '4 % PEG 400, 2 M AmmSO4, 0.1 M HEPES pH 8' 
_exptl_crystal_grow.temp_details    ? 
_exptl_crystal_grow.pdbx_pH_range   ? 
# 
_diffrn.id                     1 
_diffrn.ambient_temp           100 
_diffrn.crystal_id             1 
_diffrn.ambient_temp_details   ? 
# 
_diffrn_detector.detector               PIXEL 
_diffrn_detector.type                   'DECTRIS EIGER2 XE 9M' 
_diffrn_detector.pdbx_collection_date   2024-05-22 
_diffrn_detector.diffrn_id              1 
_diffrn_detector.details                ? 
# 
_diffrn_radiation.diffrn_id                        1 
_diffrn_radiation.wavelength_id                    1 
_diffrn_radiation.pdbx_diffrn_protocol             'SINGLE WAVELENGTH' 
_diffrn_radiation.pdbx_monochromatic_or_laue_m_l   ? 
_diffrn_radiation.monochromator                    ? 
_diffrn_radiation.pdbx_scattering_type             x-ray 
# 
_diffrn_radiation_wavelength.id           1 
_diffrn_radiation_wavelength.wavelength   0.92124 
_diffrn_radiation_wavelength.wt           1.0 
# 
_diffrn_source.diffrn_id                   1 
_diffrn_source.source                      SYNCHROTRON 
_diffrn_source.type                        'DIAMOND BEAMLINE I04-1' 
_diffrn_source.pdbx_wavelength_list        0.92124 
_diffrn_source.pdbx_synchrotron_site       Diamond 
_diffrn_source.pdbx_synchrotron_beamline   I04-1 
_diffrn_source.pdbx_wavelength             ? 
# 
_reflns.entry_id                     7HLG 
_reflns.pdbx_diffrn_id               1 
_reflns.pdbx_ordinal                 1 
_reflns.observed_criterion_sigma_I   ? 
_reflns.observed_criterion_sigma_F   ? 
_reflns.d_resolution_low             33.970 
_reflns.d_resolution_high            1.500 
_reflns.number_obs                   33453 
_reflns.number_all                   ? 
_reflns.percent_possible_obs         100.000 
_reflns.pdbx_Rmerge_I_obs            0.157 
_reflns.pdbx_Rsym_value              ? 
_reflns.pdbx_netI_over_sigmaI        10.600 
_reflns.B_iso_Wilson_estimate        ? 
_reflns.pdbx_redundancy              13.300 
_reflns.pdbx_Rrim_I_all              0.163 
_reflns.pdbx_Rpim_I_all              0.044 
_reflns.pdbx_CC_half                 0.996 
_reflns.pdbx_netI_over_av_sigmaI     ? 
_reflns.pdbx_number_measured_all     444419 
_reflns.pdbx_scaling_rejects         0 
_reflns.pdbx_chi_squared             ? 
_reflns.Rmerge_F_all                 ? 
_reflns.Rmerge_F_obs                 ? 
_reflns.observed_criterion_F_max     ? 
_reflns.observed_criterion_F_min     ? 
_reflns.observed_criterion_I_max     ? 
_reflns.observed_criterion_I_min     ? 
_reflns.pdbx_d_res_high_opt          ? 
_reflns.pdbx_d_res_low_opt           ? 
_reflns.details                      ? 
# 
loop_
_reflns_shell.pdbx_diffrn_id 
_reflns_shell.pdbx_ordinal 
_reflns_shell.d_res_high 
_reflns_shell.d_res_low 
_reflns_shell.number_measured_obs 
_reflns_shell.number_measured_all 
_reflns_shell.number_unique_obs 
_reflns_shell.pdbx_rejects 
_reflns_shell.Rmerge_I_obs 
_reflns_shell.meanI_over_sigI_obs 
_reflns_shell.pdbx_Rsym_value 
_reflns_shell.pdbx_chi_squared 
_reflns_shell.pdbx_redundancy 
_reflns_shell.percent_possible_obs 
_reflns_shell.pdbx_netI_over_sigmaI_obs 
_reflns_shell.number_possible 
_reflns_shell.number_unique_all 
_reflns_shell.Rmerge_F_all 
_reflns_shell.Rmerge_F_obs 
_reflns_shell.Rmerge_I_all 
_reflns_shell.meanI_over_sigI_all 
_reflns_shell.percent_possible_all 
_reflns_shell.pdbx_Rrim_I_all 
_reflns_shell.pdbx_Rpim_I_all 
_reflns_shell.pdbx_CC_half 
1 1 1.500 1.530  ? 17448 1687 ? 3.705 ? ? ? 10.300 ? 0.400  ? ? ? ? ? ? 100.000 3.899 1.208 0.296 
1 2 8.220 33.970 ? 2606  225  ? 0.055 ? ? ? 11.600 ? 62.400 ? ? ? ? ? ? 98.900  0.058 0.017 0.998 
# 
_refine.entry_id                                 7HLG 
_refine.pdbx_refine_id                           'X-RAY DIFFRACTION' 
_refine.ls_d_res_high                            1.5000 
_refine.ls_d_res_low                             33.9900 
_refine.pdbx_ls_sigma_F                          0.000 
_refine.pdbx_data_cutoff_high_absF               ? 
_refine.pdbx_data_cutoff_low_absF                ? 
_refine.ls_percent_reflns_obs                    99.9600 
_refine.ls_number_reflns_obs                     31820 
_refine.ls_number_reflns_all                     ? 
_refine.pdbx_ls_cross_valid_method               THROUGHOUT 
_refine.ls_matrix_type                           ? 
_refine.pdbx_R_Free_selection_details            RANDOM 
_refine.details                                  
'HYDROGENS HAVE BEEN ADDED IN THE RIDING POSITIONS U VALUES      : REFINED INDIVIDUALLY' 
_refine.ls_R_factor_all                          ? 
_refine.ls_R_factor_obs                          0.1864 
_refine.ls_R_factor_R_work                       0.1853 
_refine.ls_wR_factor_R_work                      ? 
_refine.ls_R_factor_R_free                       0.2079 
_refine.ls_wR_factor_R_free                      ? 
_refine.ls_percent_reflns_R_free                 4.9000 
_refine.ls_number_reflns_R_free                  1622 
_refine.ls_number_reflns_R_work                  ? 
_refine.ls_R_factor_R_free_error                 ? 
_refine.B_iso_mean                               23.2080 
_refine.solvent_model_param_bsol                 ? 
_refine.solvent_model_param_ksol                 ? 
_refine.pdbx_isotropic_thermal_model             ? 
_refine.aniso_B[1][1]                            0.1900 
_refine.aniso_B[2][2]                            0.1900 
_refine.aniso_B[3][3]                            -0.3700 
_refine.aniso_B[1][2]                            -0.0000 
_refine.aniso_B[1][3]                            -0.0000 
_refine.aniso_B[2][3]                            -0.0000 
_refine.correlation_coeff_Fo_to_Fc               0.9640 
_refine.correlation_coeff_Fo_to_Fc_free          0.9580 
_refine.overall_SU_R_Cruickshank_DPI             ? 
_refine.pdbx_overall_SU_R_free_Cruickshank_DPI   ? 
_refine.pdbx_overall_SU_R_Blow_DPI               ? 
_refine.pdbx_overall_SU_R_free_Blow_DPI          ? 
_refine.overall_SU_R_free                        ? 
_refine.pdbx_overall_ESU_R                       0.0830 
_refine.pdbx_overall_ESU_R_Free                  0.0810 
_refine.overall_SU_ML                            0.0750 
_refine.overall_SU_B                             2.2600 
_refine.solvent_model_details                    MASK 
_refine.pdbx_solvent_vdw_probe_radii             1.2000 
_refine.pdbx_solvent_ion_probe_radii             0.8000 
_refine.pdbx_solvent_shrinkage_radii             0.8000 
_refine.ls_number_parameters                     ? 
_refine.ls_number_restraints                     ? 
_refine.pdbx_starting_model                      ? 
_refine.pdbx_method_to_determine_struct          'FOURIER SYNTHESIS' 
_refine.pdbx_stereochemistry_target_values       'MAXIMUM LIKELIHOOD' 
_refine.pdbx_stereochem_target_val_spec_case     ? 
_refine.overall_FOM_work_R_set                   ? 
_refine.B_iso_max                                129.150 
_refine.B_iso_min                                5.460 
_refine.pdbx_overall_phase_error                 ? 
_refine.occupancy_max                            ? 
_refine.occupancy_min                            ? 
_refine.pdbx_diffrn_id                           1 
_refine.pdbx_TLS_residual_ADP_flag               ? 
_refine.pdbx_ls_sigma_I                          ? 
_refine.pdbx_data_cutoff_high_rms_absF           ? 
_refine.ls_R_factor_R_free_error_details         ? 
# 
_refine_hist.cycle_id                         final 
_refine_hist.pdbx_refine_id                   'X-RAY DIFFRACTION' 
_refine_hist.d_res_high                       1.5000 
_refine_hist.d_res_low                        33.9900 
_refine_hist.pdbx_number_atoms_ligand         27 
_refine_hist.number_atoms_solvent             28 
_refine_hist.number_atoms_total               1548 
_refine_hist.pdbx_number_residues_total       185 
_refine_hist.pdbx_B_iso_mean_ligand           42.12 
_refine_hist.pdbx_B_iso_mean_solvent          30.87 
_refine_hist.pdbx_number_atoms_protein        1493 
_refine_hist.pdbx_number_atoms_nucleic_acid   0 
# 
loop_
_refine_ls_restr.pdbx_refine_id 
_refine_ls_restr.type 
_refine_ls_restr.number 
_refine_ls_restr.dev_ideal 
_refine_ls_restr.dev_ideal_target 
_refine_ls_restr.weight 
_refine_ls_restr.pdbx_restraint_function 
'X-RAY DIFFRACTION' r_bond_refined_d       2153 0.010  0.014  ? ? 
'X-RAY DIFFRACTION' r_bond_other_d         1628 0.001  0.015  ? ? 
'X-RAY DIFFRACTION' r_angle_refined_deg    2555 1.645  1.645  ? ? 
'X-RAY DIFFRACTION' r_angle_other_deg      3760 1.363  1.580  ? ? 
'X-RAY DIFFRACTION' r_dihedral_angle_1_deg 241  7.293  5.000  ? ? 
'X-RAY DIFFRACTION' r_dihedral_angle_2_deg 110  30.116 21.455 ? ? 
'X-RAY DIFFRACTION' r_dihedral_angle_3_deg 291  12.557 15.000 ? ? 
'X-RAY DIFFRACTION' r_dihedral_angle_4_deg 15   24.413 15.000 ? ? 
'X-RAY DIFFRACTION' r_chiral_restr         224  0.079  0.200  ? ? 
'X-RAY DIFFRACTION' r_gen_planes_refined   2282 0.009  0.020  ? ? 
'X-RAY DIFFRACTION' r_gen_planes_other     506  0.002  0.020  ? ? 
'X-RAY DIFFRACTION' r_mcbond_it            1087 1.912  2.285  ? ? 
'X-RAY DIFFRACTION' r_mcbond_other         965  2.028  2.087  ? ? 
'X-RAY DIFFRACTION' r_mcangle_it           1153 3.272  3.129  ? ? 
# 
_refine_ls_shell.d_res_high                       1.5000 
_refine_ls_shell.d_res_low                        1.5390 
_refine_ls_shell.pdbx_total_number_of_bins_used   20 
_refine_ls_shell.percent_reflns_obs               99.6700 
_refine_ls_shell.number_reflns_R_work             2325 
_refine_ls_shell.R_factor_all                     ? 
_refine_ls_shell.R_factor_R_work                  0.3810 
_refine_ls_shell.R_factor_R_free                  0.4340 
_refine_ls_shell.percent_reflns_R_free            ? 
_refine_ls_shell.number_reflns_R_free             127 
_refine_ls_shell.R_factor_R_free_error            ? 
_refine_ls_shell.number_reflns_all                2452 
_refine_ls_shell.number_reflns_obs                ? 
_refine_ls_shell.pdbx_refine_id                   'X-RAY DIFFRACTION' 
# 
_struct.entry_id                  7HLG 
_struct.title                     'PanDDA analysis group deposition -- Crystal Structure of TRIM21 in complex with Z2365130785' 
_struct.pdbx_model_details        ? 
_struct.pdbx_CASP_flag            ? 
_struct.pdbx_model_type_details   ? 
# 
_struct_keywords.entry_id        7HLG 
_struct_keywords.text            'SGC - Diamond I04-1 fragment screening, PanDDA, XChemExplorer, TRIM21, LIGASE' 
_struct_keywords.pdbx_keywords   LIGASE 
# 
loop_
_struct_asym.id 
_struct_asym.pdbx_blank_PDB_chainid_flag 
_struct_asym.pdbx_modified 
_struct_asym.entity_id 
_struct_asym.details 
A N N 1 ? 
B N N 2 ? 
C N N 2 ? 
D N N 3 ? 
E N N 4 ? 
F N N 5 ? 
# 
_struct_ref.id                         1 
_struct_ref.db_name                    UNP 
_struct_ref.db_code                    RO52_MOUSE 
_struct_ref.pdbx_db_accession          Q62191 
_struct_ref.pdbx_db_isoform            ? 
_struct_ref.entity_id                  1 
_struct_ref.pdbx_seq_one_letter_code   
;VHITLDRNTANSWLIISKDRRQVRMGDTHQNVSDNKERFSNYPMVLGAQRFSSGKMYWEVDVTQKEAWDLGVCRDSVQRK
GQFSLSPENGFWTIWLWQDSYEAGTSPQTTLHIQVPPCQIGIFVDYEAGVVSFYNITDHGSLIYTFSECVFAGPLRPFFN
VGFNYSGGNAAPLKLCPLKM
;
_struct_ref.pdbx_align_begin           291 
# 
_struct_ref_seq.align_id                      1 
_struct_ref_seq.ref_id                        1 
_struct_ref_seq.pdbx_PDB_id_code              7HLG 
_struct_ref_seq.pdbx_strand_id                B 
_struct_ref_seq.seq_align_beg                 9 
_struct_ref_seq.pdbx_seq_align_beg_ins_code   ? 
_struct_ref_seq.seq_align_end                 188 
_struct_ref_seq.pdbx_seq_align_end_ins_code   ? 
_struct_ref_seq.pdbx_db_accession             Q62191 
_struct_ref_seq.db_align_beg                  291 
_struct_ref_seq.pdbx_db_align_beg_ins_code    ? 
_struct_ref_seq.db_align_end                  470 
_struct_ref_seq.pdbx_db_align_end_ins_code    ? 
_struct_ref_seq.pdbx_auth_seq_align_beg       15 
_struct_ref_seq.pdbx_auth_seq_align_end       194 
# 
loop_
_struct_ref_seq_dif.align_id 
_struct_ref_seq_dif.pdbx_pdb_id_code 
_struct_ref_seq_dif.mon_id 
_struct_ref_seq_dif.pdbx_pdb_strand_id 
_struct_ref_seq_dif.seq_num 
_struct_ref_seq_dif.pdbx_pdb_ins_code 
_struct_ref_seq_dif.pdbx_seq_db_name 
_struct_ref_seq_dif.pdbx_seq_db_accession_code 
_struct_ref_seq_dif.db_mon_id 
_struct_ref_seq_dif.pdbx_seq_db_seq_num 
_struct_ref_seq_dif.details 
_struct_ref_seq_dif.pdbx_auth_seq_num 
_struct_ref_seq_dif.pdbx_ordinal 
1 7HLG MET B 1 ? UNP Q62191 ? ? 'initiating methionine' 7  1 
1 7HLG HIS B 2 ? UNP Q62191 ? ? 'expression tag'        8  2 
1 7HLG HIS B 3 ? UNP Q62191 ? ? 'expression tag'        9  3 
1 7HLG HIS B 4 ? UNP Q62191 ? ? 'expression tag'        10 4 
1 7HLG HIS B 5 ? UNP Q62191 ? ? 'expression tag'        11 5 
1 7HLG HIS B 6 ? UNP Q62191 ? ? 'expression tag'        12 6 
1 7HLG HIS B 7 ? UNP Q62191 ? ? 'expression tag'        13 7 
1 7HLG MET B 8 ? UNP Q62191 ? ? 'expression tag'        14 8 
# 
_pdbx_struct_assembly.id                   1 
_pdbx_struct_assembly.details              author_defined_assembly 
_pdbx_struct_assembly.method_details       ? 
_pdbx_struct_assembly.oligomeric_details   monomeric 
_pdbx_struct_assembly.oligomeric_count     1 
# 
_pdbx_struct_assembly_gen.assembly_id       1 
_pdbx_struct_assembly_gen.oper_expression   1 
_pdbx_struct_assembly_gen.asym_id_list      A,B,C,D,E,F 
# 
_pdbx_struct_oper_list.id                   1 
_pdbx_struct_oper_list.type                 'identity operation' 
_pdbx_struct_oper_list.name                 1_555 
_pdbx_struct_oper_list.symmetry_operation   x,y,z 
_pdbx_struct_oper_list.matrix[1][1]         1.0000000000 
_pdbx_struct_oper_list.matrix[1][2]         0.0000000000 
_pdbx_struct_oper_list.matrix[1][3]         0.0000000000 
_pdbx_struct_oper_list.vector[1]            0.0000000000 
_pdbx_struct_oper_list.matrix[2][1]         0.0000000000 
_pdbx_struct_oper_list.matrix[2][2]         1.0000000000 
_pdbx_struct_oper_list.matrix[2][3]         0.0000000000 
_pdbx_struct_oper_list.vector[2]            0.0000000000 
_pdbx_struct_oper_list.matrix[3][1]         0.0000000000 
_pdbx_struct_oper_list.matrix[3][2]         0.0000000000 
_pdbx_struct_oper_list.matrix[3][3]         1.0000000000 
_pdbx_struct_oper_list.vector[3]            0.0000000000 
# 
loop_
_struct_conf.conf_type_id 
_struct_conf.id 
_struct_conf.pdbx_PDB_helix_id 
_struct_conf.beg_label_comp_id 
_struct_conf.beg_label_asym_id 
_struct_conf.beg_label_seq_id 
_struct_conf.pdbx_beg_PDB_ins_code 
_struct_conf.end_label_comp_id 
_struct_conf.end_label_asym_id 
_struct_conf.end_label_seq_id 
_struct_conf.pdbx_end_PDB_ins_code 
_struct_conf.beg_auth_comp_id 
_struct_conf.beg_auth_asym_id 
_struct_conf.beg_auth_seq_id 
_struct_conf.end_auth_comp_id 
_struct_conf.end_auth_asym_id 
_struct_conf.end_auth_seq_id 
_struct_conf.pdbx_PDB_helix_class 
_struct_conf.details 
_struct_conf.pdbx_PDB_helix_length 
HELX_P HELX_P1 AA1 HIS A 4  ? MET A 8  ? HIS B 10  MET B 14  5 ? 5 
HELX_P HELX_P2 AA2 ASP A 14 ? ALA A 18 ? ASP B 20  ALA B 24  5 ? 5 
HELX_P HELX_P3 AA3 SER A 94 ? ASN A 97 ? SER B 100 ASN B 103 5 ? 4 
# 
_struct_conf_type.id          HELX_P 
_struct_conf_type.criteria    ? 
_struct_conf_type.reference   ? 
# 
_struct_mon_prot_cis.pdbx_id                1 
_struct_mon_prot_cis.label_comp_id          SER 
_struct_mon_prot_cis.label_seq_id           114 
_struct_mon_prot_cis.label_asym_id          A 
_struct_mon_prot_cis.label_alt_id           . 
_struct_mon_prot_cis.pdbx_PDB_ins_code      ? 
_struct_mon_prot_cis.auth_comp_id           SER 
_struct_mon_prot_cis.auth_seq_id            120 
_struct_mon_prot_cis.auth_asym_id           B 
_struct_mon_prot_cis.pdbx_label_comp_id_2   PRO 
_struct_mon_prot_cis.pdbx_label_seq_id_2    115 
_struct_mon_prot_cis.pdbx_label_asym_id_2   A 
_struct_mon_prot_cis.pdbx_PDB_ins_code_2    ? 
_struct_mon_prot_cis.pdbx_auth_comp_id_2    PRO 
_struct_mon_prot_cis.pdbx_auth_seq_id_2     121 
_struct_mon_prot_cis.pdbx_auth_asym_id_2    B 
_struct_mon_prot_cis.pdbx_PDB_model_num     1 
_struct_mon_prot_cis.pdbx_omega_angle       -4.32 
# 
loop_
_struct_sheet.id 
_struct_sheet.type 
_struct_sheet.number_strands 
_struct_sheet.details 
AA1 ? 7 ? 
AA2 ? 6 ? 
# 
loop_
_struct_sheet_order.sheet_id 
_struct_sheet_order.range_id_1 
_struct_sheet_order.range_id_2 
_struct_sheet_order.offset 
_struct_sheet_order.sense 
AA1 1 2 ? anti-parallel 
AA1 2 3 ? anti-parallel 
AA1 3 4 ? anti-parallel 
AA1 4 5 ? anti-parallel 
AA1 5 6 ? anti-parallel 
AA1 6 7 ? anti-parallel 
AA2 1 2 ? anti-parallel 
AA2 2 3 ? anti-parallel 
AA2 3 4 ? anti-parallel 
AA2 4 5 ? anti-parallel 
AA2 5 6 ? anti-parallel 
# 
loop_
_struct_sheet_range.sheet_id 
_struct_sheet_range.id 
_struct_sheet_range.beg_label_comp_id 
_struct_sheet_range.beg_label_asym_id 
_struct_sheet_range.beg_label_seq_id 
_struct_sheet_range.pdbx_beg_PDB_ins_code 
_struct_sheet_range.end_label_comp_id 
_struct_sheet_range.end_label_asym_id 
_struct_sheet_range.end_label_seq_id 
_struct_sheet_range.pdbx_end_PDB_ins_code 
_struct_sheet_range.beg_auth_comp_id 
_struct_sheet_range.beg_auth_asym_id 
_struct_sheet_range.beg_auth_seq_id 
_struct_sheet_range.end_auth_comp_id 
_struct_sheet_range.end_auth_asym_id 
_struct_sheet_range.end_auth_seq_id 
AA1 1 LEU A 22  ? ILE A 24  ? LEU B 28  ILE B 30  
AA1 2 GLN A 30  ? MET A 33  ? GLN B 36  MET B 39  
AA1 3 LEU A 181 ? LEU A 183 ? LEU B 187 LEU B 189 
AA1 4 LYS A 63  ? ASP A 69  ? LYS B 69  ASP B 75  
AA1 5 GLN A 127 ? ASP A 133 ? GLN B 133 ASP B 139 
AA1 6 VAL A 138 ? ASN A 143 ? VAL B 144 ASN B 149 
AA1 7 SER A 149 ? PHE A 154 ? SER B 155 PHE B 160 
AA2 1 MET A 52  ? LEU A 54  ? MET B 58  LEU B 60  
AA2 2 LEU A 163 ? ASN A 168 ? LEU B 169 ASN B 174 
AA2 3 TRP A 76  ? ARG A 82  ? TRP B 82  ARG B 88  
AA2 4 PHE A 99  ? TRP A 105 ? PHE B 105 TRP B 111 
AA2 5 SER A 108 ? ALA A 111 ? SER B 114 ALA B 117 
AA2 6 THR A 117 ? THR A 118 ? THR B 123 THR B 124 
# 
loop_
_pdbx_struct_sheet_hbond.sheet_id 
_pdbx_struct_sheet_hbond.range_id_1 
_pdbx_struct_sheet_hbond.range_id_2 
_pdbx_struct_sheet_hbond.range_1_label_atom_id 
_pdbx_struct_sheet_hbond.range_1_label_comp_id 
_pdbx_struct_sheet_hbond.range_1_label_asym_id 
_pdbx_struct_sheet_hbond.range_1_label_seq_id 
_pdbx_struct_sheet_hbond.range_1_PDB_ins_code 
_pdbx_struct_sheet_hbond.range_1_auth_atom_id 
_pdbx_struct_sheet_hbond.range_1_auth_comp_id 
_pdbx_struct_sheet_hbond.range_1_auth_asym_id 
_pdbx_struct_sheet_hbond.range_1_auth_seq_id 
_pdbx_struct_sheet_hbond.range_2_label_atom_id 
_pdbx_struct_sheet_hbond.range_2_label_comp_id 
_pdbx_struct_sheet_hbond.range_2_label_asym_id 
_pdbx_struct_sheet_hbond.range_2_label_seq_id 
_pdbx_struct_sheet_hbond.range_2_PDB_ins_code 
_pdbx_struct_sheet_hbond.range_2_auth_atom_id 
_pdbx_struct_sheet_hbond.range_2_auth_comp_id 
_pdbx_struct_sheet_hbond.range_2_auth_asym_id 
_pdbx_struct_sheet_hbond.range_2_auth_seq_id 
AA1 1 2 N ILE A 23  ? N ILE B 29  O ARG A 32  ? O ARG B 38  
AA1 2 3 N VAL A 31  ? N VAL B 37  O LEU A 181 ? O LEU B 187 
AA1 3 4 O LYS A 182 ? O LYS B 188 N ASP A 69  ? N ASP B 75  
AA1 4 5 N TRP A 66  ? N TRP B 72  O ILE A 130 ? O ILE B 136 
AA1 5 6 N PHE A 131 ? N PHE B 137 O SER A 140 ? O SER B 146 
AA1 6 7 N PHE A 141 ? N PHE B 147 O ILE A 151 ? O ILE B 157 
AA2 1 2 N VAL A 53  ? N VAL B 59  O PHE A 167 ? O PHE B 173 
AA2 2 3 O ARG A 164 ? O ARG B 170 N CYS A 81  ? N CYS B 87  
AA2 3 4 N VAL A 80  ? N VAL B 86  O TRP A 100 ? O TRP B 106 
AA2 4 5 N TRP A 103 ? N TRP B 109 O GLU A 110 ? O GLU B 116 
AA2 5 6 N ALA A 111 ? N ALA B 117 O THR A 117 ? O THR B 123 
# 
_pdbx_entry_details.entry_id                   7HLG 
_pdbx_entry_details.compound_details           ? 
_pdbx_entry_details.source_details             ? 
_pdbx_entry_details.nonpolymer_details         ? 
_pdbx_entry_details.sequence_details           ? 
_pdbx_entry_details.has_ligand_of_interest     Y 
_pdbx_entry_details.has_protein_modification   N 
# 
_pdbx_validate_rmsd_angle.id                         1 
_pdbx_validate_rmsd_angle.PDB_model_num              1 
_pdbx_validate_rmsd_angle.auth_atom_id_1             NE 
_pdbx_validate_rmsd_angle.auth_asym_id_1             B 
_pdbx_validate_rmsd_angle.auth_comp_id_1             ARG 
_pdbx_validate_rmsd_angle.auth_seq_id_1              64 
_pdbx_validate_rmsd_angle.PDB_ins_code_1             ? 
_pdbx_validate_rmsd_angle.label_alt_id_1             ? 
_pdbx_validate_rmsd_angle.auth_atom_id_2             CZ 
_pdbx_validate_rmsd_angle.auth_asym_id_2             B 
_pdbx_validate_rmsd_angle.auth_comp_id_2             ARG 
_pdbx_validate_rmsd_angle.auth_seq_id_2              64 
_pdbx_validate_rmsd_angle.PDB_ins_code_2             ? 
_pdbx_validate_rmsd_angle.label_alt_id_2             ? 
_pdbx_validate_rmsd_angle.auth_atom_id_3             NH2 
_pdbx_validate_rmsd_angle.auth_asym_id_3             B 
_pdbx_validate_rmsd_angle.auth_comp_id_3             ARG 
_pdbx_validate_rmsd_angle.auth_seq_id_3              64 
_pdbx_validate_rmsd_angle.PDB_ins_code_3             ? 
_pdbx_validate_rmsd_angle.label_alt_id_3             ? 
_pdbx_validate_rmsd_angle.angle_value                123.41 
_pdbx_validate_rmsd_angle.angle_target_value         120.30 
_pdbx_validate_rmsd_angle.angle_deviation            3.11 
_pdbx_validate_rmsd_angle.angle_standard_deviation   0.50 
_pdbx_validate_rmsd_angle.linker_flag                N 
# 
loop_
_pdbx_validate_torsion.id 
_pdbx_validate_torsion.PDB_model_num 
_pdbx_validate_torsion.auth_comp_id 
_pdbx_validate_torsion.auth_asym_id 
_pdbx_validate_torsion.auth_seq_id 
_pdbx_validate_torsion.PDB_ins_code 
_pdbx_validate_torsion.label_alt_id 
_pdbx_validate_torsion.phi 
_pdbx_validate_torsion.psi 
1 1 HIS B 9   ? ? -143.90 40.22 
2 1 ASP B 152 ? ? -107.18 52.48 
3 1 VAL B 164 ? ? -100.20 79.98 
# 
_phasing.method   MR 
# 
loop_
_pdbx_unobs_or_zero_occ_residues.id 
_pdbx_unobs_or_zero_occ_residues.PDB_model_num 
_pdbx_unobs_or_zero_occ_residues.polymer_flag 
_pdbx_unobs_or_zero_occ_residues.occupancy_flag 
_pdbx_unobs_or_zero_occ_residues.auth_asym_id 
_pdbx_unobs_or_zero_occ_residues.auth_comp_id 
_pdbx_unobs_or_zero_occ_residues.auth_seq_id 
_pdbx_unobs_or_zero_occ_residues.PDB_ins_code 
_pdbx_unobs_or_zero_occ_residues.label_asym_id 
_pdbx_unobs_or_zero_occ_residues.label_comp_id 
_pdbx_unobs_or_zero_occ_residues.label_seq_id 
1 1 Y 1 B MET 7   ? A MET 1   
2 1 Y 1 B LYS 193 ? A LYS 187 
3 1 Y 1 B MET 194 ? A MET 188 
# 
loop_
_chem_comp_atom.comp_id 
_chem_comp_atom.atom_id 
_chem_comp_atom.type_symbol 
_chem_comp_atom.pdbx_aromatic_flag 
_chem_comp_atom.pdbx_stereo_config 
_chem_comp_atom.pdbx_ordinal 
A1BE8 N1   N N N 1   
A1BE8 C4   C N N 2   
A1BE8 C5   C N N 3   
A1BE8 C6   C Y N 4   
A1BE8 C7   C Y N 5   
A1BE8 C8   C Y N 6   
A1BE8 C10  C Y N 7   
A1BE8 C1   C N N 8   
A1BE8 C2   C N N 9   
A1BE8 C3   C N N 10  
A1BE8 C9   C Y N 11  
A1BE8 F1   F N N 12  
A1BE8 N2   N Y N 13  
A1BE8 O1   O N N 14  
A1BE8 H10  H N N 15  
A1BE8 H7   H N N 16  
A1BE8 H8   H N N 17  
A1BE8 H9   H N N 18  
A1BE8 H11  H N N 19  
A1BE8 H12  H N N 20  
A1BE8 H3   H N N 21  
A1BE8 H2   H N N 22  
A1BE8 H1   H N N 23  
A1BE8 H5   H N N 24  
A1BE8 H6   H N N 25  
A1BE8 H13  H N N 26  
A1BE8 H4   H N N 27  
ALA   N    N N N 28  
ALA   CA   C N S 29  
ALA   C    C N N 30  
ALA   O    O N N 31  
ALA   CB   C N N 32  
ALA   OXT  O N N 33  
ALA   H    H N N 34  
ALA   H2   H N N 35  
ALA   HA   H N N 36  
ALA   HB1  H N N 37  
ALA   HB2  H N N 38  
ALA   HB3  H N N 39  
ALA   HXT  H N N 40  
ARG   N    N N N 41  
ARG   CA   C N S 42  
ARG   C    C N N 43  
ARG   O    O N N 44  
ARG   CB   C N N 45  
ARG   CG   C N N 46  
ARG   CD   C N N 47  
ARG   NE   N N N 48  
ARG   CZ   C N N 49  
ARG   NH1  N N N 50  
ARG   NH2  N N N 51  
ARG   OXT  O N N 52  
ARG   H    H N N 53  
ARG   H2   H N N 54  
ARG   HA   H N N 55  
ARG   HB2  H N N 56  
ARG   HB3  H N N 57  
ARG   HG2  H N N 58  
ARG   HG3  H N N 59  
ARG   HD2  H N N 60  
ARG   HD3  H N N 61  
ARG   HE   H N N 62  
ARG   HH11 H N N 63  
ARG   HH12 H N N 64  
ARG   HH21 H N N 65  
ARG   HH22 H N N 66  
ARG   HXT  H N N 67  
ASN   N    N N N 68  
ASN   CA   C N S 69  
ASN   C    C N N 70  
ASN   O    O N N 71  
ASN   CB   C N N 72  
ASN   CG   C N N 73  
ASN   OD1  O N N 74  
ASN   ND2  N N N 75  
ASN   OXT  O N N 76  
ASN   H    H N N 77  
ASN   H2   H N N 78  
ASN   HA   H N N 79  
ASN   HB2  H N N 80  
ASN   HB3  H N N 81  
ASN   HD21 H N N 82  
ASN   HD22 H N N 83  
ASN   HXT  H N N 84  
ASP   N    N N N 85  
ASP   CA   C N S 86  
ASP   C    C N N 87  
ASP   O    O N N 88  
ASP   CB   C N N 89  
ASP   CG   C N N 90  
ASP   OD1  O N N 91  
ASP   OD2  O N N 92  
ASP   OXT  O N N 93  
ASP   H    H N N 94  
ASP   H2   H N N 95  
ASP   HA   H N N 96  
ASP   HB2  H N N 97  
ASP   HB3  H N N 98  
ASP   HD2  H N N 99  
ASP   HXT  H N N 100 
CYS   N    N N N 101 
CYS   CA   C N R 102 
CYS   C    C N N 103 
CYS   O    O N N 104 
CYS   CB   C N N 105 
CYS   SG   S N N 106 
CYS   OXT  O N N 107 
CYS   H    H N N 108 
CYS   H2   H N N 109 
CYS   HA   H N N 110 
CYS   HB2  H N N 111 
CYS   HB3  H N N 112 
CYS   HG   H N N 113 
CYS   HXT  H N N 114 
EDO   C1   C N N 115 
EDO   O1   O N N 116 
EDO   C2   C N N 117 
EDO   O2   O N N 118 
EDO   H11  H N N 119 
EDO   H12  H N N 120 
EDO   HO1  H N N 121 
EDO   H21  H N N 122 
EDO   H22  H N N 123 
EDO   HO2  H N N 124 
GLN   N    N N N 125 
GLN   CA   C N S 126 
GLN   C    C N N 127 
GLN   O    O N N 128 
GLN   CB   C N N 129 
GLN   CG   C N N 130 
GLN   CD   C N N 131 
GLN   OE1  O N N 132 
GLN   NE2  N N N 133 
GLN   OXT  O N N 134 
GLN   H    H N N 135 
GLN   H2   H N N 136 
GLN   HA   H N N 137 
GLN   HB2  H N N 138 
GLN   HB3  H N N 139 
GLN   HG2  H N N 140 
GLN   HG3  H N N 141 
GLN   HE21 H N N 142 
GLN   HE22 H N N 143 
GLN   HXT  H N N 144 
GLU   N    N N N 145 
GLU   CA   C N S 146 
GLU   C    C N N 147 
GLU   O    O N N 148 
GLU   CB   C N N 149 
GLU   CG   C N N 150 
GLU   CD   C N N 151 
GLU   OE1  O N N 152 
GLU   OE2  O N N 153 
GLU   OXT  O N N 154 
GLU   H    H N N 155 
GLU   H2   H N N 156 
GLU   HA   H N N 157 
GLU   HB2  H N N 158 
GLU   HB3  H N N 159 
GLU   HG2  H N N 160 
GLU   HG3  H N N 161 
GLU   HE2  H N N 162 
GLU   HXT  H N N 163 
GLY   N    N N N 164 
GLY   CA   C N N 165 
GLY   C    C N N 166 
GLY   O    O N N 167 
GLY   OXT  O N N 168 
GLY   H    H N N 169 
GLY   H2   H N N 170 
GLY   HA2  H N N 171 
GLY   HA3  H N N 172 
GLY   HXT  H N N 173 
HIS   N    N N N 174 
HIS   CA   C N S 175 
HIS   C    C N N 176 
HIS   O    O N N 177 
HIS   CB   C N N 178 
HIS   CG   C Y N 179 
HIS   ND1  N Y N 180 
HIS   CD2  C Y N 181 
HIS   CE1  C Y N 182 
HIS   NE2  N Y N 183 
HIS   OXT  O N N 184 
HIS   H    H N N 185 
HIS   H2   H N N 186 
HIS   HA   H N N 187 
HIS   HB2  H N N 188 
HIS   HB3  H N N 189 
HIS   HD1  H N N 190 
HIS   HD2  H N N 191 
HIS   HE1  H N N 192 
HIS   HE2  H N N 193 
HIS   HXT  H N N 194 
HOH   O    O N N 195 
HOH   H1   H N N 196 
HOH   H2   H N N 197 
ILE   N    N N N 198 
ILE   CA   C N S 199 
ILE   C    C N N 200 
ILE   O    O N N 201 
ILE   CB   C N S 202 
ILE   CG1  C N N 203 
ILE   CG2  C N N 204 
ILE   CD1  C N N 205 
ILE   OXT  O N N 206 
ILE   H    H N N 207 
ILE   H2   H N N 208 
ILE   HA   H N N 209 
ILE   HB   H N N 210 
ILE   HG12 H N N 211 
ILE   HG13 H N N 212 
ILE   HG21 H N N 213 
ILE   HG22 H N N 214 
ILE   HG23 H N N 215 
ILE   HD11 H N N 216 
ILE   HD12 H N N 217 
ILE   HD13 H N N 218 
ILE   HXT  H N N 219 
LEU   N    N N N 220 
LEU   CA   C N S 221 
LEU   C    C N N 222 
LEU   O    O N N 223 
LEU   CB   C N N 224 
LEU   CG   C N N 225 
LEU   CD1  C N N 226 
LEU   CD2  C N N 227 
LEU   OXT  O N N 228 
LEU   H    H N N 229 
LEU   H2   H N N 230 
LEU   HA   H N N 231 
LEU   HB2  H N N 232 
LEU   HB3  H N N 233 
LEU   HG   H N N 234 
LEU   HD11 H N N 235 
LEU   HD12 H N N 236 
LEU   HD13 H N N 237 
LEU   HD21 H N N 238 
LEU   HD22 H N N 239 
LEU   HD23 H N N 240 
LEU   HXT  H N N 241 
LYS   N    N N N 242 
LYS   CA   C N S 243 
LYS   C    C N N 244 
LYS   O    O N N 245 
LYS   CB   C N N 246 
LYS   CG   C N N 247 
LYS   CD   C N N 248 
LYS   CE   C N N 249 
LYS   NZ   N N N 250 
LYS   OXT  O N N 251 
LYS   H    H N N 252 
LYS   H2   H N N 253 
LYS   HA   H N N 254 
LYS   HB2  H N N 255 
LYS   HB3  H N N 256 
LYS   HG2  H N N 257 
LYS   HG3  H N N 258 
LYS   HD2  H N N 259 
LYS   HD3  H N N 260 
LYS   HE2  H N N 261 
LYS   HE3  H N N 262 
LYS   HZ1  H N N 263 
LYS   HZ2  H N N 264 
LYS   HZ3  H N N 265 
LYS   HXT  H N N 266 
MET   N    N N N 267 
MET   CA   C N S 268 
MET   C    C N N 269 
MET   O    O N N 270 
MET   CB   C N N 271 
MET   CG   C N N 272 
MET   SD   S N N 273 
MET   CE   C N N 274 
MET   OXT  O N N 275 
MET   H    H N N 276 
MET   H2   H N N 277 
MET   HA   H N N 278 
MET   HB2  H N N 279 
MET   HB3  H N N 280 
MET   HG2  H N N 281 
MET   HG3  H N N 282 
MET   HE1  H N N 283 
MET   HE2  H N N 284 
MET   HE3  H N N 285 
MET   HXT  H N N 286 
PHE   N    N N N 287 
PHE   CA   C N S 288 
PHE   C    C N N 289 
PHE   O    O N N 290 
PHE   CB   C N N 291 
PHE   CG   C Y N 292 
PHE   CD1  C Y N 293 
PHE   CD2  C Y N 294 
PHE   CE1  C Y N 295 
PHE   CE2  C Y N 296 
PHE   CZ   C Y N 297 
PHE   OXT  O N N 298 
PHE   H    H N N 299 
PHE   H2   H N N 300 
PHE   HA   H N N 301 
PHE   HB2  H N N 302 
PHE   HB3  H N N 303 
PHE   HD1  H N N 304 
PHE   HD2  H N N 305 
PHE   HE1  H N N 306 
PHE   HE2  H N N 307 
PHE   HZ   H N N 308 
PHE   HXT  H N N 309 
PRO   N    N N N 310 
PRO   CA   C N S 311 
PRO   C    C N N 312 
PRO   O    O N N 313 
PRO   CB   C N N 314 
PRO   CG   C N N 315 
PRO   CD   C N N 316 
PRO   OXT  O N N 317 
PRO   H    H N N 318 
PRO   HA   H N N 319 
PRO   HB2  H N N 320 
PRO   HB3  H N N 321 
PRO   HG2  H N N 322 
PRO   HG3  H N N 323 
PRO   HD2  H N N 324 
PRO   HD3  H N N 325 
PRO   HXT  H N N 326 
SER   N    N N N 327 
SER   CA   C N S 328 
SER   C    C N N 329 
SER   O    O N N 330 
SER   CB   C N N 331 
SER   OG   O N N 332 
SER   OXT  O N N 333 
SER   H    H N N 334 
SER   H2   H N N 335 
SER   HA   H N N 336 
SER   HB2  H N N 337 
SER   HB3  H N N 338 
SER   HG   H N N 339 
SER   HXT  H N N 340 
SO4   S    S N N 341 
SO4   O1   O N N 342 
SO4   O2   O N N 343 
SO4   O3   O N N 344 
SO4   O4   O N N 345 
THR   N    N N N 346 
THR   CA   C N S 347 
THR   C    C N N 348 
THR   O    O N N 349 
THR   CB   C N R 350 
THR   OG1  O N N 351 
THR   CG2  C N N 352 
THR   OXT  O N N 353 
THR   H    H N N 354 
THR   H2   H N N 355 
THR   HA   H N N 356 
THR   HB   H N N 357 
THR   HG1  H N N 358 
THR   HG21 H N N 359 
THR   HG22 H N N 360 
THR   HG23 H N N 361 
THR   HXT  H N N 362 
TRP   N    N N N 363 
TRP   CA   C N S 364 
TRP   C    C N N 365 
TRP   O    O N N 366 
TRP   CB   C N N 367 
TRP   CG   C Y N 368 
TRP   CD1  C Y N 369 
TRP   CD2  C Y N 370 
TRP   NE1  N Y N 371 
TRP   CE2  C Y N 372 
TRP   CE3  C Y N 373 
TRP   CZ2  C Y N 374 
TRP   CZ3  C Y N 375 
TRP   CH2  C Y N 376 
TRP   OXT  O N N 377 
TRP   H    H N N 378 
TRP   H2   H N N 379 
TRP   HA   H N N 380 
TRP   HB2  H N N 381 
TRP   HB3  H N N 382 
TRP   HD1  H N N 383 
TRP   HE1  H N N 384 
TRP   HE3  H N N 385 
TRP   HZ2  H N N 386 
TRP   HZ3  H N N 387 
TRP   HH2  H N N 388 
TRP   HXT  H N N 389 
TYR   N    N N N 390 
TYR   CA   C N S 391 
TYR   C    C N N 392 
TYR   O    O N N 393 
TYR   CB   C N N 394 
TYR   CG   C Y N 395 
TYR   CD1  C Y N 396 
TYR   CD2  C Y N 397 
TYR   CE1  C Y N 398 
TYR   CE2  C Y N 399 
TYR   CZ   C Y N 400 
TYR   OH   O N N 401 
TYR   OXT  O N N 402 
TYR   H    H N N 403 
TYR   H2   H N N 404 
TYR   HA   H N N 405 
TYR   HB2  H N N 406 
TYR   HB3  H N N 407 
TYR   HD1  H N N 408 
TYR   HD2  H N N 409 
TYR   HE1  H N N 410 
TYR   HE2  H N N 411 
TYR   HH   H N N 412 
TYR   HXT  H N N 413 
VAL   N    N N N 414 
VAL   CA   C N S 415 
VAL   C    C N N 416 
VAL   O    O N N 417 
VAL   CB   C N N 418 
VAL   CG1  C N N 419 
VAL   CG2  C N N 420 
VAL   OXT  O N N 421 
VAL   H    H N N 422 
VAL   H2   H N N 423 
VAL   HA   H N N 424 
VAL   HB   H N N 425 
VAL   HG11 H N N 426 
VAL   HG12 H N N 427 
VAL   HG13 H N N 428 
VAL   HG21 H N N 429 
VAL   HG22 H N N 430 
VAL   HG23 H N N 431 
VAL   HXT  H N N 432 
# 
loop_
_chem_comp_bond.comp_id 
_chem_comp_bond.atom_id_1 
_chem_comp_bond.atom_id_2 
_chem_comp_bond.value_order 
_chem_comp_bond.pdbx_aromatic_flag 
_chem_comp_bond.pdbx_stereo_config 
_chem_comp_bond.pdbx_ordinal 
A1BE8 C1  C2   sing N N 1   
A1BE8 C2  O1   sing N N 2   
A1BE8 C2  C3   sing N N 3   
A1BE8 C3  C4   sing N N 4   
A1BE8 C4  C5   sing N N 5   
A1BE8 C4  N1   sing N N 6   
A1BE8 N1  C6   sing N N 7   
A1BE8 C6  N2   doub Y N 8   
A1BE8 N2  C7   sing Y N 9   
A1BE8 C7  C8   doub Y N 10  
A1BE8 C8  C9   sing Y N 11  
A1BE8 C9  C10  doub Y N 12  
A1BE8 C10 F1   sing N N 13  
A1BE8 C2  C5   sing N N 14  
A1BE8 C6  C10  sing Y N 15  
A1BE8 N1  H10  sing N N 16  
A1BE8 C4  H7   sing N N 17  
A1BE8 C5  H8   sing N N 18  
A1BE8 C5  H9   sing N N 19  
A1BE8 C7  H11  sing N N 20  
A1BE8 C8  H12  sing N N 21  
A1BE8 C1  H3   sing N N 22  
A1BE8 C1  H2   sing N N 23  
A1BE8 C1  H1   sing N N 24  
A1BE8 C3  H5   sing N N 25  
A1BE8 C3  H6   sing N N 26  
A1BE8 C9  H13  sing N N 27  
A1BE8 O1  H4   sing N N 28  
ALA   N   CA   sing N N 29  
ALA   N   H    sing N N 30  
ALA   N   H2   sing N N 31  
ALA   CA  C    sing N N 32  
ALA   CA  CB   sing N N 33  
ALA   CA  HA   sing N N 34  
ALA   C   O    doub N N 35  
ALA   C   OXT  sing N N 36  
ALA   CB  HB1  sing N N 37  
ALA   CB  HB2  sing N N 38  
ALA   CB  HB3  sing N N 39  
ALA   OXT HXT  sing N N 40  
ARG   N   CA   sing N N 41  
ARG   N   H    sing N N 42  
ARG   N   H2   sing N N 43  
ARG   CA  C    sing N N 44  
ARG   CA  CB   sing N N 45  
ARG   CA  HA   sing N N 46  
ARG   C   O    doub N N 47  
ARG   C   OXT  sing N N 48  
ARG   CB  CG   sing N N 49  
ARG   CB  HB2  sing N N 50  
ARG   CB  HB3  sing N N 51  
ARG   CG  CD   sing N N 52  
ARG   CG  HG2  sing N N 53  
ARG   CG  HG3  sing N N 54  
ARG   CD  NE   sing N N 55  
ARG   CD  HD2  sing N N 56  
ARG   CD  HD3  sing N N 57  
ARG   NE  CZ   sing N N 58  
ARG   NE  HE   sing N N 59  
ARG   CZ  NH1  sing N N 60  
ARG   CZ  NH2  doub N N 61  
ARG   NH1 HH11 sing N N 62  
ARG   NH1 HH12 sing N N 63  
ARG   NH2 HH21 sing N N 64  
ARG   NH2 HH22 sing N N 65  
ARG   OXT HXT  sing N N 66  
ASN   N   CA   sing N N 67  
ASN   N   H    sing N N 68  
ASN   N   H2   sing N N 69  
ASN   CA  C    sing N N 70  
ASN   CA  CB   sing N N 71  
ASN   CA  HA   sing N N 72  
ASN   C   O    doub N N 73  
ASN   C   OXT  sing N N 74  
ASN   CB  CG   sing N N 75  
ASN   CB  HB2  sing N N 76  
ASN   CB  HB3  sing N N 77  
ASN   CG  OD1  doub N N 78  
ASN   CG  ND2  sing N N 79  
ASN   ND2 HD21 sing N N 80  
ASN   ND2 HD22 sing N N 81  
ASN   OXT HXT  sing N N 82  
ASP   N   CA   sing N N 83  
ASP   N   H    sing N N 84  
ASP   N   H2   sing N N 85  
ASP   CA  C    sing N N 86  
ASP   CA  CB   sing N N 87  
ASP   CA  HA   sing N N 88  
ASP   C   O    doub N N 89  
ASP   C   OXT  sing N N 90  
ASP   CB  CG   sing N N 91  
ASP   CB  HB2  sing N N 92  
ASP   CB  HB3  sing N N 93  
ASP   CG  OD1  doub N N 94  
ASP   CG  OD2  sing N N 95  
ASP   OD2 HD2  sing N N 96  
ASP   OXT HXT  sing N N 97  
CYS   N   CA   sing N N 98  
CYS   N   H    sing N N 99  
CYS   N   H2   sing N N 100 
CYS   CA  C    sing N N 101 
CYS   CA  CB   sing N N 102 
CYS   CA  HA   sing N N 103 
CYS   C   O    doub N N 104 
CYS   C   OXT  sing N N 105 
CYS   CB  SG   sing N N 106 
CYS   CB  HB2  sing N N 107 
CYS   CB  HB3  sing N N 108 
CYS   SG  HG   sing N N 109 
CYS   OXT HXT  sing N N 110 
EDO   C1  O1   sing N N 111 
EDO   C1  C2   sing N N 112 
EDO   C1  H11  sing N N 113 
EDO   C1  H12  sing N N 114 
EDO   O1  HO1  sing N N 115 
EDO   C2  O2   sing N N 116 
EDO   C2  H21  sing N N 117 
EDO   C2  H22  sing N N 118 
EDO   O2  HO2  sing N N 119 
GLN   N   CA   sing N N 120 
GLN   N   H    sing N N 121 
GLN   N   H2   sing N N 122 
GLN   CA  C    sing N N 123 
GLN   CA  CB   sing N N 124 
GLN   CA  HA   sing N N 125 
GLN   C   O    doub N N 126 
GLN   C   OXT  sing N N 127 
GLN   CB  CG   sing N N 128 
GLN   CB  HB2  sing N N 129 
GLN   CB  HB3  sing N N 130 
GLN   CG  CD   sing N N 131 
GLN   CG  HG2  sing N N 132 
GLN   CG  HG3  sing N N 133 
GLN   CD  OE1  doub N N 134 
GLN   CD  NE2  sing N N 135 
GLN   NE2 HE21 sing N N 136 
GLN   NE2 HE22 sing N N 137 
GLN   OXT HXT  sing N N 138 
GLU   N   CA   sing N N 139 
GLU   N   H    sing N N 140 
GLU   N   H2   sing N N 141 
GLU   CA  C    sing N N 142 
GLU   CA  CB   sing N N 143 
GLU   CA  HA   sing N N 144 
GLU   C   O    doub N N 145 
GLU   C   OXT  sing N N 146 
GLU   CB  CG   sing N N 147 
GLU   CB  HB2  sing N N 148 
GLU   CB  HB3  sing N N 149 
GLU   CG  CD   sing N N 150 
GLU   CG  HG2  sing N N 151 
GLU   CG  HG3  sing N N 152 
GLU   CD  OE1  doub N N 153 
GLU   CD  OE2  sing N N 154 
GLU   OE2 HE2  sing N N 155 
GLU   OXT HXT  sing N N 156 
GLY   N   CA   sing N N 157 
GLY   N   H    sing N N 158 
GLY   N   H2   sing N N 159 
GLY   CA  C    sing N N 160 
GLY   CA  HA2  sing N N 161 
GLY   CA  HA3  sing N N 162 
GLY   C   O    doub N N 163 
GLY   C   OXT  sing N N 164 
GLY   OXT HXT  sing N N 165 
HIS   N   CA   sing N N 166 
HIS   N   H    sing N N 167 
HIS   N   H2   sing N N 168 
HIS   CA  C    sing N N 169 
HIS   CA  CB   sing N N 170 
HIS   CA  HA   sing N N 171 
HIS   C   O    doub N N 172 
HIS   C   OXT  sing N N 173 
HIS   CB  CG   sing N N 174 
HIS   CB  HB2  sing N N 175 
HIS   CB  HB3  sing N N 176 
HIS   CG  ND1  sing Y N 177 
HIS   CG  CD2  doub Y N 178 
HIS   ND1 CE1  doub Y N 179 
HIS   ND1 HD1  sing N N 180 
HIS   CD2 NE2  sing Y N 181 
HIS   CD2 HD2  sing N N 182 
HIS   CE1 NE2  sing Y N 183 
HIS   CE1 HE1  sing N N 184 
HIS   NE2 HE2  sing N N 185 
HIS   OXT HXT  sing N N 186 
HOH   O   H1   sing N N 187 
HOH   O   H2   sing N N 188 
ILE   N   CA   sing N N 189 
ILE   N   H    sing N N 190 
ILE   N   H2   sing N N 191 
ILE   CA  C    sing N N 192 
ILE   CA  CB   sing N N 193 
ILE   CA  HA   sing N N 194 
ILE   C   O    doub N N 195 
ILE   C   OXT  sing N N 196 
ILE   CB  CG1  sing N N 197 
ILE   CB  CG2  sing N N 198 
ILE   CB  HB   sing N N 199 
ILE   CG1 CD1  sing N N 200 
ILE   CG1 HG12 sing N N 201 
ILE   CG1 HG13 sing N N 202 
ILE   CG2 HG21 sing N N 203 
ILE   CG2 HG22 sing N N 204 
ILE   CG2 HG23 sing N N 205 
ILE   CD1 HD11 sing N N 206 
ILE   CD1 HD12 sing N N 207 
ILE   CD1 HD13 sing N N 208 
ILE   OXT HXT  sing N N 209 
LEU   N   CA   sing N N 210 
LEU   N   H    sing N N 211 
LEU   N   H2   sing N N 212 
LEU   CA  C    sing N N 213 
LEU   CA  CB   sing N N 214 
LEU   CA  HA   sing N N 215 
LEU   C   O    doub N N 216 
LEU   C   OXT  sing N N 217 
LEU   CB  CG   sing N N 218 
LEU   CB  HB2  sing N N 219 
LEU   CB  HB3  sing N N 220 
LEU   CG  CD1  sing N N 221 
LEU   CG  CD2  sing N N 222 
LEU   CG  HG   sing N N 223 
LEU   CD1 HD11 sing N N 224 
LEU   CD1 HD12 sing N N 225 
LEU   CD1 HD13 sing N N 226 
LEU   CD2 HD21 sing N N 227 
LEU   CD2 HD22 sing N N 228 
LEU   CD2 HD23 sing N N 229 
LEU   OXT HXT  sing N N 230 
LYS   N   CA   sing N N 231 
LYS   N   H    sing N N 232 
LYS   N   H2   sing N N 233 
LYS   CA  C    sing N N 234 
LYS   CA  CB   sing N N 235 
LYS   CA  HA   sing N N 236 
LYS   C   O    doub N N 237 
LYS   C   OXT  sing N N 238 
LYS   CB  CG   sing N N 239 
LYS   CB  HB2  sing N N 240 
LYS   CB  HB3  sing N N 241 
LYS   CG  CD   sing N N 242 
LYS   CG  HG2  sing N N 243 
LYS   CG  HG3  sing N N 244 
LYS   CD  CE   sing N N 245 
LYS   CD  HD2  sing N N 246 
LYS   CD  HD3  sing N N 247 
LYS   CE  NZ   sing N N 248 
LYS   CE  HE2  sing N N 249 
LYS   CE  HE3  sing N N 250 
LYS   NZ  HZ1  sing N N 251 
LYS   NZ  HZ2  sing N N 252 
LYS   NZ  HZ3  sing N N 253 
LYS   OXT HXT  sing N N 254 
MET   N   CA   sing N N 255 
MET   N   H    sing N N 256 
MET   N   H2   sing N N 257 
MET   CA  C    sing N N 258 
MET   CA  CB   sing N N 259 
MET   CA  HA   sing N N 260 
MET   C   O    doub N N 261 
MET   C   OXT  sing N N 262 
MET   CB  CG   sing N N 263 
MET   CB  HB2  sing N N 264 
MET   CB  HB3  sing N N 265 
MET   CG  SD   sing N N 266 
MET   CG  HG2  sing N N 267 
MET   CG  HG3  sing N N 268 
MET   SD  CE   sing N N 269 
MET   CE  HE1  sing N N 270 
MET   CE  HE2  sing N N 271 
MET   CE  HE3  sing N N 272 
MET   OXT HXT  sing N N 273 
PHE   N   CA   sing N N 274 
PHE   N   H    sing N N 275 
PHE   N   H2   sing N N 276 
PHE   CA  C    sing N N 277 
PHE   CA  CB   sing N N 278 
PHE   CA  HA   sing N N 279 
PHE   C   O    doub N N 280 
PHE   C   OXT  sing N N 281 
PHE   CB  CG   sing N N 282 
PHE   CB  HB2  sing N N 283 
PHE   CB  HB3  sing N N 284 
PHE   CG  CD1  doub Y N 285 
PHE   CG  CD2  sing Y N 286 
PHE   CD1 CE1  sing Y N 287 
PHE   CD1 HD1  sing N N 288 
PHE   CD2 CE2  doub Y N 289 
PHE   CD2 HD2  sing N N 290 
PHE   CE1 CZ   doub Y N 291 
PHE   CE1 HE1  sing N N 292 
PHE   CE2 CZ   sing Y N 293 
PHE   CE2 HE2  sing N N 294 
PHE   CZ  HZ   sing N N 295 
PHE   OXT HXT  sing N N 296 
PRO   N   CA   sing N N 297 
PRO   N   CD   sing N N 298 
PRO   N   H    sing N N 299 
PRO   CA  C    sing N N 300 
PRO   CA  CB   sing N N 301 
PRO   CA  HA   sing N N 302 
PRO   C   O    doub N N 303 
PRO   C   OXT  sing N N 304 
PRO   CB  CG   sing N N 305 
PRO   CB  HB2  sing N N 306 
PRO   CB  HB3  sing N N 307 
PRO   CG  CD   sing N N 308 
PRO   CG  HG2  sing N N 309 
PRO   CG  HG3  sing N N 310 
PRO   CD  HD2  sing N N 311 
PRO   CD  HD3  sing N N 312 
PRO   OXT HXT  sing N N 313 
SER   N   CA   sing N N 314 
SER   N   H    sing N N 315 
SER   N   H2   sing N N 316 
SER   CA  C    sing N N 317 
SER   CA  CB   sing N N 318 
SER   CA  HA   sing N N 319 
SER   C   O    doub N N 320 
SER   C   OXT  sing N N 321 
SER   CB  OG   sing N N 322 
SER   CB  HB2  sing N N 323 
SER   CB  HB3  sing N N 324 
SER   OG  HG   sing N N 325 
SER   OXT HXT  sing N N 326 
SO4   S   O1   doub N N 327 
SO4   S   O2   doub N N 328 
SO4   S   O3   sing N N 329 
SO4   S   O4   sing N N 330 
THR   N   CA   sing N N 331 
THR   N   H    sing N N 332 
THR   N   H2   sing N N 333 
THR   CA  C    sing N N 334 
THR   CA  CB   sing N N 335 
THR   CA  HA   sing N N 336 
THR   C   O    doub N N 337 
THR   C   OXT  sing N N 338 
THR   CB  OG1  sing N N 339 
THR   CB  CG2  sing N N 340 
THR   CB  HB   sing N N 341 
THR   OG1 HG1  sing N N 342 
THR   CG2 HG21 sing N N 343 
THR   CG2 HG22 sing N N 344 
THR   CG2 HG23 sing N N 345 
THR   OXT HXT  sing N N 346 
TRP   N   CA   sing N N 347 
TRP   N   H    sing N N 348 
TRP   N   H2   sing N N 349 
TRP   CA  C    sing N N 350 
TRP   CA  CB   sing N N 351 
TRP   CA  HA   sing N N 352 
TRP   C   O    doub N N 353 
TRP   C   OXT  sing N N 354 
TRP   CB  CG   sing N N 355 
TRP   CB  HB2  sing N N 356 
TRP   CB  HB3  sing N N 357 
TRP   CG  CD1  doub Y N 358 
TRP   CG  CD2  sing Y N 359 
TRP   CD1 NE1  sing Y N 360 
TRP   CD1 HD1  sing N N 361 
TRP   CD2 CE2  doub Y N 362 
TRP   CD2 CE3  sing Y N 363 
TRP   NE1 CE2  sing Y N 364 
TRP   NE1 HE1  sing N N 365 
TRP   CE2 CZ2  sing Y N 366 
TRP   CE3 CZ3  doub Y N 367 
TRP   CE3 HE3  sing N N 368 
TRP   CZ2 CH2  doub Y N 369 
TRP   CZ2 HZ2  sing N N 370 
TRP   CZ3 CH2  sing Y N 371 
TRP   CZ3 HZ3  sing N N 372 
TRP   CH2 HH2  sing N N 373 
TRP   OXT HXT  sing N N 374 
TYR   N   CA   sing N N 375 
TYR   N   H    sing N N 376 
TYR   N   H2   sing N N 377 
TYR   CA  C    sing N N 378 
TYR   CA  CB   sing N N 379 
TYR   CA  HA   sing N N 380 
TYR   C   O    doub N N 381 
TYR   C   OXT  sing N N 382 
TYR   CB  CG   sing N N 383 
TYR   CB  HB2  sing N N 384 
TYR   CB  HB3  sing N N 385 
TYR   CG  CD1  doub Y N 386 
TYR   CG  CD2  sing Y N 387 
TYR   CD1 CE1  sing Y N 388 
TYR   CD1 HD1  sing N N 389 
TYR   CD2 CE2  doub Y N 390 
TYR   CD2 HD2  sing N N 391 
TYR   CE1 CZ   doub Y N 392 
TYR   CE1 HE1  sing N N 393 
TYR   CE2 CZ   sing Y N 394 
TYR   CE2 HE2  sing N N 395 
TYR   CZ  OH   sing N N 396 
TYR   OH  HH   sing N N 397 
TYR   OXT HXT  sing N N 398 
VAL   N   CA   sing N N 399 
VAL   N   H    sing N N 400 
VAL   N   H2   sing N N 401 
VAL   CA  C    sing N N 402 
VAL   CA  CB   sing N N 403 
VAL   CA  HA   sing N N 404 
VAL   C   O    doub N N 405 
VAL   C   OXT  sing N N 406 
VAL   CB  CG1  sing N N 407 
VAL   CB  CG2  sing N N 408 
VAL   CB  HB   sing N N 409 
VAL   CG1 HG11 sing N N 410 
VAL   CG1 HG12 sing N N 411 
VAL   CG1 HG13 sing N N 412 
VAL   CG2 HG21 sing N N 413 
VAL   CG2 HG22 sing N N 414 
VAL   CG2 HG23 sing N N 415 
VAL   OXT HXT  sing N N 416 
# 
_pdbx_audit_support.ordinal                1 
_pdbx_audit_support.funding_organization   'European Union (EU)' 
_pdbx_audit_support.grant_number           875510 
_pdbx_audit_support.country                'European Union' 
# 
_pdbx_deposit_group.group_id            G_1002320 
_pdbx_deposit_group.group_description   
;PRYSPRY domain of murine TRIM21 screened against the DSI-poised Fragment Library by X-ray Crystallography at the XChem facility of Diamon Light Source
;
_pdbx_deposit_group.group_title         'PanDDA analysis group deposition' 
_pdbx_deposit_group.group_type          'changed state' 
# 
_pdbx_initial_refinement_model.id               1 
_pdbx_initial_refinement_model.entity_id_list   ? 
_pdbx_initial_refinement_model.type             'experimental model' 
_pdbx_initial_refinement_model.source_name      PDB 
_pdbx_initial_refinement_model.accession_code   2VOK 
_pdbx_initial_refinement_model.details          ? 
# 
_atom_sites.entry_id                    7HLG 
_atom_sites.fract_transf_matrix[1][1]   0.00167510 
_atom_sites.fract_transf_matrix[1][2]   0.01007286 
_atom_sites.fract_transf_matrix[1][3]   0.00201446 
_atom_sites.fract_transf_matrix[2][1]   0.00984775 
_atom_sites.fract_transf_matrix[2][2]   -0.00099395 
_atom_sites.fract_transf_matrix[2][3]   -0.00321874 
_atom_sites.fract_transf_matrix[3][1]   -0.00616162 
_atom_sites.fract_transf_matrix[3][2]   0.00511038 
_atom_sites.fract_transf_matrix[3][3]   -0.02042963 
_atom_sites.fract_transf_vector[1]      -0.298976 
_atom_sites.fract_transf_vector[2]      -0.117283 
_atom_sites.fract_transf_vector[3]      -0.503996 
# 
loop_
_atom_type.symbol 
C 
F 
N 
O 
S 
# 
loop_
_atom_site.group_PDB 
_atom_site.id 
_atom_site.type_symbol 
_atom_site.label_atom_id 
_atom_site.label_alt_id 
_atom_site.label_comp_id 
_atom_site.label_asym_id 
_atom_site.label_entity_id 
_atom_site.label_seq_id 
_atom_site.pdbx_PDB_ins_code 
_atom_site.Cartn_x 
_atom_site.Cartn_y 
_atom_site.Cartn_z 
_atom_site.occupancy 
_atom_site.B_iso_or_equiv 
_atom_site.pdbx_formal_charge 
_atom_site.auth_seq_id 
_atom_site.auth_comp_id 
_atom_site.auth_asym_id 
_atom_site.auth_atom_id 
_atom_site.pdbx_PDB_model_num 
ATOM   1    N N   . HIS   A 1 2   ? -3.403  17.814  -8.513  1.00 116.98 ? 8   HIS   B N   1 
ATOM   2    C CA  . HIS   A 1 2   ? -3.298  18.052  -7.039  1.00 109.10 ? 8   HIS   B CA  1 
ATOM   3    C C   . HIS   A 1 2   ? -2.171  19.055  -6.759  1.00 116.96 ? 8   HIS   B C   1 
ATOM   4    O O   . HIS   A 1 2   ? -1.506  19.484  -7.727  1.00 117.82 ? 8   HIS   B O   1 
ATOM   5    C CB  . HIS   A 1 2   ? -3.087  16.725  -6.297  1.00 96.86  ? 8   HIS   B CB  1 
ATOM   6    C CG  . HIS   A 1 2   ? -1.746  16.106  -6.521  1.00 89.75  ? 8   HIS   B CG  1 
ATOM   7    N ND1 . HIS   A 1 2   ? -0.903  15.781  -5.477  1.00 88.80  ? 8   HIS   B ND1 1 
ATOM   8    C CD2 . HIS   A 1 2   ? -1.091  15.771  -7.655  1.00 87.42  ? 8   HIS   B CD2 1 
ATOM   9    C CE1 . HIS   A 1 2   ? 0.213   15.270  -5.958  1.00 87.93  ? 8   HIS   B CE1 1 
ATOM   10   N NE2 . HIS   A 1 2   ? 0.123   15.253  -7.292  1.00 85.27  ? 8   HIS   B NE2 1 
ATOM   11   N N   . HIS   A 1 3   ? -1.973  19.406  -5.483  1.00 122.57 ? 9   HIS   B N   1 
ATOM   12   C CA  . HIS   A 1 3   ? -0.877  20.284  -4.983  1.00 121.24 ? 9   HIS   B CA  1 
ATOM   13   C C   . HIS   A 1 3   ? -0.403  19.786  -3.604  1.00 112.77 ? 9   HIS   B C   1 
ATOM   14   O O   . HIS   A 1 3   ? -0.101  20.641  -2.743  1.00 105.88 ? 9   HIS   B O   1 
ATOM   15   C CB  . HIS   A 1 3   ? -1.346  21.754  -4.979  1.00 124.50 ? 9   HIS   B CB  1 
ATOM   16   C CG  . HIS   A 1 3   ? -1.761  22.281  -6.317  1.00 128.34 ? 9   HIS   B CG  1 
ATOM   17   N ND1 . HIS   A 1 3   ? -0.851  22.551  -7.327  1.00 127.25 ? 9   HIS   B ND1 1 
ATOM   18   C CD2 . HIS   A 1 3   ? -2.977  22.603  -6.815  1.00 129.15 ? 9   HIS   B CD2 1 
ATOM   19   C CE1 . HIS   A 1 3   ? -1.489  23.010  -8.387  1.00 122.96 ? 9   HIS   B CE1 1 
ATOM   20   N NE2 . HIS   A 1 3   ? -2.795  23.052  -8.099  1.00 126.58 ? 9   HIS   B NE2 1 
ATOM   21   N N   . HIS   A 1 4   ? -0.304  18.456  -3.424  1.00 104.33 ? 10  HIS   B N   1 
ATOM   22   C CA  . HIS   A 1 4   ? -0.229  17.753  -2.107  1.00 94.85  ? 10  HIS   B CA  1 
ATOM   23   C C   . HIS   A 1 4   ? 1.216   17.404  -1.726  1.00 91.95  ? 10  HIS   B C   1 
ATOM   24   O O   . HIS   A 1 4   ? 1.424   16.996  -0.557  1.00 81.11  ? 10  HIS   B O   1 
ATOM   25   C CB  . HIS   A 1 4   ? -1.125  16.505  -2.119  1.00 82.59  ? 10  HIS   B CB  1 
ATOM   26   C CG  . HIS   A 1 4   ? -2.574  16.833  -2.257  1.00 81.38  ? 10  HIS   B CG  1 
ATOM   27   N ND1 . HIS   A 1 4   ? -3.155  17.920  -1.621  1.00 83.44  ? 10  HIS   B ND1 1 
ATOM   28   C CD2 . HIS   A 1 4   ? -3.567  16.229  -2.938  1.00 79.69  ? 10  HIS   B CD2 1 
ATOM   29   C CE1 . HIS   A 1 4   ? -4.437  17.977  -1.920  1.00 80.13  ? 10  HIS   B CE1 1 
ATOM   30   N NE2 . HIS   A 1 4   ? -4.716  16.948  -2.720  1.00 83.33  ? 10  HIS   B NE2 1 
ATOM   31   N N   . HIS   A 1 5   ? 2.161   17.610  -2.654  1.00 96.06  ? 11  HIS   B N   1 
ATOM   32   C CA  . HIS   A 1 5   ? 3.614   17.294  -2.536  1.00 100.05 ? 11  HIS   B CA  1 
ATOM   33   C C   . HIS   A 1 5   ? 4.246   17.930  -1.282  1.00 102.43 ? 11  HIS   B C   1 
ATOM   34   O O   . HIS   A 1 5   ? 5.227   17.342  -0.772  1.00 99.70  ? 11  HIS   B O   1 
ATOM   35   C CB  . HIS   A 1 5   ? 4.368   17.744  -3.799  1.00 101.67 ? 11  HIS   B CB  1 
ATOM   36   C CG  . HIS   A 1 5   ? 3.747   17.296  -5.078  1.00 105.88 ? 11  HIS   B CG  1 
ATOM   37   N ND1 . HIS   A 1 5   ? 3.057   18.161  -5.906  1.00 111.97 ? 11  HIS   B ND1 1 
ATOM   38   C CD2 . HIS   A 1 5   ? 3.700   16.085  -5.672  1.00 108.11 ? 11  HIS   B CD2 1 
ATOM   39   C CE1 . HIS   A 1 5   ? 2.614   17.501  -6.957  1.00 112.69 ? 11  HIS   B CE1 1 
ATOM   40   N NE2 . HIS   A 1 5   ? 2.996   16.225  -6.838  1.00 110.67 ? 11  HIS   B NE2 1 
ATOM   41   N N   . HIS   A 1 6   ? 3.727   19.076  -0.810  1.00 96.08  ? 12  HIS   B N   1 
ATOM   42   C CA  . HIS   A 1 6   ? 4.295   19.880  0.312   1.00 86.70  ? 12  HIS   B CA  1 
ATOM   43   C C   . HIS   A 1 6   ? 3.851   19.344  1.687   1.00 76.91  ? 12  HIS   B C   1 
ATOM   44   O O   . HIS   A 1 6   ? 4.249   19.975  2.692   1.00 77.46  ? 12  HIS   B O   1 
ATOM   45   C CB  . HIS   A 1 6   ? 3.966   21.375  0.132   1.00 92.11  ? 12  HIS   B CB  1 
ATOM   46   C CG  . HIS   A 1 6   ? 2.579   21.757  0.531   1.00 92.62  ? 12  HIS   B CG  1 
ATOM   47   N ND1 . HIS   A 1 6   ? 2.297   22.366  1.741   1.00 92.58  ? 12  HIS   B ND1 1 
ATOM   48   C CD2 . HIS   A 1 6   ? 1.400   21.623  -0.111  1.00 91.23  ? 12  HIS   B CD2 1 
ATOM   49   C CE1 . HIS   A 1 6   ? 1.000   22.586  1.826   1.00 90.55  ? 12  HIS   B CE1 1 
ATOM   50   N NE2 . HIS   A 1 6   ? 0.427   22.137  0.705   1.00 91.79  ? 12  HIS   B NE2 1 
ATOM   51   N N   . HIS   A 1 7   ? 3.075   18.244  1.743   1.00 62.42  ? 13  HIS   B N   1 
ATOM   52   C CA  . HIS   A 1 7   ? 2.817   17.428  2.970   1.00 52.24  ? 13  HIS   B CA  1 
ATOM   53   C C   . HIS   A 1 7   ? 3.581   16.100  2.879   1.00 45.91  ? 13  HIS   B C   1 
ATOM   54   O O   . HIS   A 1 7   ? 3.124   15.104  3.486   1.00 31.01  ? 13  HIS   B O   1 
ATOM   55   C CB  . HIS   A 1 7   ? 1.311   17.187  3.173   1.00 52.63  ? 13  HIS   B CB  1 
ATOM   56   C CG  . HIS   A 1 7   ? 0.514   18.442  3.317   1.00 54.99  ? 13  HIS   B CG  1 
ATOM   57   N ND1 . HIS   A 1 7   ? 0.555   19.220  4.467   1.00 51.99  ? 13  HIS   B ND1 1 
ATOM   58   C CD2 . HIS   A 1 7   ? -0.331  19.064  2.465   1.00 58.95  ? 13  HIS   B CD2 1 
ATOM   59   C CE1 . HIS   A 1 7   ? -0.239  20.262  4.323   1.00 55.58  ? 13  HIS   B CE1 1 
ATOM   60   N NE2 . HIS   A 1 7   ? -0.789  20.198  3.099   1.00 60.00  ? 13  HIS   B NE2 1 
ATOM   61   N N   . MET   A 1 8   ? 4.691   16.085  2.133   1.00 43.38  ? 14  MET   B N   1 
ATOM   62   C CA  . MET   A 1 8   ? 5.493   14.865  1.835   1.00 47.94  ? 14  MET   B CA  1 
ATOM   63   C C   . MET   A 1 8   ? 6.105   14.359  3.157   1.00 44.59  ? 14  MET   B C   1 
ATOM   64   O O   . MET   A 1 8   ? 6.540   15.186  3.990   1.00 42.28  ? 14  MET   B O   1 
ATOM   65   C CB  . MET   A 1 8   ? 6.555   15.162  0.758   1.00 56.26  ? 14  MET   B CB  1 
ATOM   66   C CG  . MET   A 1 8   ? 7.495   13.986  0.348   1.00 65.66  ? 14  MET   B CG  1 
ATOM   67   S SD  . MET   A 1 8   ? 6.792   12.542  -0.578  1.00 76.03  ? 14  MET   B SD  1 
ATOM   68   C CE  . MET   A 1 8   ? 7.538   12.643  -2.208  1.00 63.87  ? 14  MET   B CE  1 
ATOM   69   N N   . VAL   A 1 9   ? 6.048   13.042  3.381   1.00 36.58  ? 15  VAL   B N   1 
ATOM   70   C CA  . VAL   A 1 9   ? 6.596   12.356  4.590   1.00 35.08  ? 15  VAL   B CA  1 
ATOM   71   C C   . VAL   A 1 9   ? 7.562   11.261  4.110   1.00 37.33  ? 15  VAL   B C   1 
ATOM   72   O O   . VAL   A 1 9   ? 7.333   10.710  2.979   1.00 35.70  ? 15  VAL   B O   1 
ATOM   73   C CB  . VAL   A 1 9   ? 5.466   11.829  5.502   1.00 37.53  ? 15  VAL   B CB  1 
ATOM   74   C CG1 . VAL   A 1 9   ? 4.749   12.981  6.200   1.00 39.67  ? 15  VAL   B CG1 1 
ATOM   75   C CG2 . VAL   A 1 9   ? 4.453   10.970  4.763   1.00 37.30  ? 15  VAL   B CG2 1 
ATOM   76   N N   . HIS   A 1 10  ? 8.647   11.029  4.865   1.00 32.67  ? 16  HIS   B N   1 
ATOM   77   C CA  . HIS   A 1 10  ? 9.683   10.024  4.534   1.00 30.90  ? 16  HIS   B CA  1 
ATOM   78   C C   . HIS   A 1 10  ? 9.212   8.686   5.105   1.00 28.87  ? 16  HIS   B C   1 
ATOM   79   O O   . HIS   A 1 10  ? 9.258   8.511   6.321   1.00 30.27  ? 16  HIS   B O   1 
ATOM   80   C CB  . HIS   A 1 10  ? 11.061  10.441  5.060   1.00 31.73  ? 16  HIS   B CB  1 
ATOM   81   C CG  . HIS   A 1 10  ? 12.185  9.536   4.658   1.00 33.08  ? 16  HIS   B CG  1 
ATOM   82   N ND1 . HIS   A 1 10  ? 12.766  9.576   3.395   1.00 35.89  ? 16  HIS   B ND1 1 
ATOM   83   C CD2 . HIS   A 1 10  ? 12.857  8.575   5.348   1.00 38.66  ? 16  HIS   B CD2 1 
ATOM   84   C CE1 . HIS   A 1 10  ? 13.735  8.672   3.312   1.00 36.55  ? 16  HIS   B CE1 1 
ATOM   85   N NE2 . HIS   A 1 10  ? 13.823  8.040   4.517   1.00 39.33  ? 16  HIS   B NE2 1 
ATOM   86   N N   . ILE   A 1 11  ? 8.653   7.832   4.254   1.00 23.69  ? 17  ILE   B N   1 
ATOM   87   C CA  . ILE   A 1 11  ? 8.120   6.517   4.675   1.00 22.16  ? 17  ILE   B CA  1 
ATOM   88   C C   . ILE   A 1 11  ? 9.262   5.499   4.554   1.00 21.24  ? 17  ILE   B C   1 
ATOM   89   O O   . ILE   A 1 11  ? 10.009  5.561   3.597   1.00 22.74  ? 17  ILE   B O   1 
ATOM   90   C CB  . ILE   A 1 11  ? 6.908   6.132   3.807   1.00 22.19  ? 17  ILE   B CB  1 
ATOM   91   C CG1 . ILE   A 1 11  ? 5.817   7.199   3.878   1.00 24.09  ? 17  ILE   B CG1 1 
ATOM   92   C CG2 . ILE   A 1 11  ? 6.392   4.762   4.185   1.00 23.82  ? 17  ILE   B CG2 1 
ATOM   93   C CD1 . ILE   A 1 11  ? 5.367   7.550   5.267   1.00 24.85  ? 17  ILE   B CD1 1 
ATOM   94   N N   . THR   A 1 12  ? 9.338   4.611   5.526   1.00 20.63  ? 18  THR   B N   1 
ATOM   95   C CA  . THR   A 1 12  ? 10.226  3.428   5.513   1.00 21.64  ? 18  THR   B CA  1 
ATOM   96   C C   . THR   A 1 12  ? 9.419   2.194   5.911   1.00 21.08  ? 18  THR   B C   1 
ATOM   97   O O   . THR   A 1 12  ? 8.371   2.316   6.579   1.00 21.03  ? 18  THR   B O   1 
ATOM   98   C CB  . THR   A 1 12  ? 11.452  3.636   6.420   1.00 22.05  ? 18  THR   B CB  1 
ATOM   99   O OG1 . THR   A 1 12  ? 11.021  3.820   7.770   1.00 20.46  ? 18  THR   B OG1 1 
ATOM   100  C CG2 . THR   A 1 12  ? 12.339  4.771   5.935   1.00 24.56  ? 18  THR   B CG2 1 
ATOM   101  N N   . LEU   A 1 13  ? 9.905   1.029   5.504   1.00 17.72  ? 19  LEU   B N   1 
ATOM   102  C CA  . LEU   A 1 13  ? 9.172   -0.236  5.696   1.00 19.13  ? 19  LEU   B CA  1 
ATOM   103  C C   . LEU   A 1 13  ? 9.580   -0.885  7.016   1.00 19.85  ? 19  LEU   B C   1 
ATOM   104  O O   . LEU   A 1 13  ? 10.766  -0.807  7.427   1.00 19.22  ? 19  LEU   B O   1 
ATOM   105  C CB  . LEU   A 1 13  ? 9.450   -1.136  4.495   1.00 19.30  ? 19  LEU   B CB  1 
ATOM   106  C CG  . LEU   A 1 13  ? 9.027   -0.508  3.174   1.00 20.22  ? 19  LEU   B CG  1 
ATOM   107  C CD1 . LEU   A 1 13  ? 9.560   -1.260  1.971   1.00 22.06  ? 19  LEU   B CD1 1 
ATOM   108  C CD2 . LEU   A 1 13  ? 7.497   -0.376  3.105   1.00 22.09  ? 19  LEU   B CD2 1 
ATOM   109  N N   . ASP   A 1 14  ? 8.622   -1.506  7.664   1.00 17.53  ? 20  ASP   B N   1 
ATOM   110  C CA  . ASP   A 1 14  ? 8.818   -2.145  8.976   1.00 20.16  ? 20  ASP   B CA  1 
ATOM   111  C C   . ASP   A 1 14  ? 8.999   -3.654  8.734   1.00 19.80  ? 20  ASP   B C   1 
ATOM   112  O O   . ASP   A 1 14  ? 8.001   -4.358  8.535   1.00 17.18  ? 20  ASP   B O   1 
ATOM   113  C CB  . ASP   A 1 14  ? 7.654   -1.837  9.906   1.00 20.60  ? 20  ASP   B CB  1 
ATOM   114  C CG  . ASP   A 1 14  ? 7.782   -2.358  11.324  1.00 26.20  ? 20  ASP   B CG  1 
ATOM   115  O OD1 . ASP   A 1 14  ? 8.632   -3.259  11.560  1.00 24.19  ? 20  ASP   B OD1 1 
ATOM   116  O OD2 . ASP   A 1 14  ? 6.982   -1.877  12.191  1.00 25.89  ? 20  ASP   B OD2 1 
ATOM   117  N N   A ARG   A 1 15  ? 10.261  -4.106  8.749   0.25 20.42  ? 21  ARG   B N   1 
ATOM   118  N N   B ARG   A 1 15  ? 10.250  -4.122  8.767   0.25 21.72  ? 21  ARG   B N   1 
ATOM   119  C CA  A ARG   A 1 15  ? 10.698  -5.525  8.587   0.25 21.88  ? 21  ARG   B CA  1 
ATOM   120  C CA  B ARG   A 1 15  ? 10.637  -5.539  8.516   0.25 24.01  ? 21  ARG   B CA  1 
ATOM   121  C C   A ARG   A 1 15  ? 9.868   -6.472  9.450   0.25 20.68  ? 21  ARG   B C   1 
ATOM   122  C C   B ARG   A 1 15  ? 9.907   -6.496  9.465   0.25 21.81  ? 21  ARG   B C   1 
ATOM   123  O O   A ARG   A 1 15  ? 9.583   -7.596  8.995   0.25 20.04  ? 21  ARG   B O   1 
ATOM   124  O O   B ARG   A 1 15  ? 9.707   -7.661  9.073   0.25 20.75  ? 21  ARG   B O   1 
ATOM   125  C CB  A ARG   A 1 15  ? 12.151  -5.707  9.047   0.25 23.15  ? 21  ARG   B CB  1 
ATOM   126  C CB  B ARG   A 1 15  ? 12.150  -5.716  8.690   0.25 27.65  ? 21  ARG   B CB  1 
ATOM   127  C CG  A ARG   A 1 15  ? 13.154  -4.884  8.258   0.25 24.36  ? 21  ARG   B CG  1 
ATOM   128  C CG  B ARG   A 1 15  ? 12.984  -5.045  7.611   0.25 30.99  ? 21  ARG   B CG  1 
ATOM   129  C CD  A ARG   A 1 15  ? 14.603  -5.167  8.627   0.25 24.44  ? 21  ARG   B CD  1 
ATOM   130  C CD  B ARG   A 1 15  ? 13.416  -3.629  7.963   0.25 35.52  ? 21  ARG   B CD  1 
ATOM   131  N NE  A ARG   A 1 15  ? 15.466  -4.553  7.627   0.25 23.84  ? 21  ARG   B NE  1 
ATOM   132  N NE  B ARG   A 1 15  ? 14.620  -3.576  8.792   0.25 38.18  ? 21  ARG   B NE  1 
ATOM   133  C CZ  A ARG   A 1 15  ? 15.627  -5.041  6.408   0.25 23.03  ? 21  ARG   B CZ  1 
ATOM   134  C CZ  B ARG   A 1 15  ? 14.645  -3.226  10.074  0.25 40.88  ? 21  ARG   B CZ  1 
ATOM   135  N NH1 A ARG   A 1 15  ? 14.991  -6.143  6.067   0.25 22.93  ? 21  ARG   B NH1 1 
ATOM   136  N NH1 B ARG   A 1 15  ? 13.530  -2.885  10.699  0.25 44.68  ? 21  ARG   B NH1 1 
ATOM   137  N NH2 A ARG   A 1 15  ? 16.398  -4.428  5.532   0.25 23.28  ? 21  ARG   B NH2 1 
ATOM   138  N NH2 B ARG   A 1 15  ? 15.793  -3.206  10.725  0.25 42.54  ? 21  ARG   B NH2 1 
ATOM   139  N N   . ASN   A 1 16  ? 9.546   -6.053  10.675  1.00 21.08  ? 22  ASN   B N   1 
ATOM   140  C CA  . ASN   A 1 16  ? 8.878   -6.937  11.659  1.00 21.56  ? 22  ASN   B CA  1 
ATOM   141  C C   . ASN   A 1 16  ? 7.442   -7.288  11.233  1.00 18.16  ? 22  ASN   B C   1 
ATOM   142  O O   . ASN   A 1 16  ? 6.919   -8.317  11.704  1.00 18.27  ? 22  ASN   B O   1 
ATOM   143  C CB  . ASN   A 1 16  ? 8.979   -6.361  13.067  1.00 25.52  ? 22  ASN   B CB  1 
ATOM   144  C CG  . ASN   A 1 16  ? 10.406  -6.464  13.581  1.00 33.64  ? 22  ASN   B CG  1 
ATOM   145  O OD1 . ASN   A 1 16  ? 11.259  -7.126  12.967  1.00 44.34  ? 22  ASN   B OD1 1 
ATOM   146  N ND2 . ASN   A 1 16  ? 10.681  -5.812  14.700  1.00 39.85  ? 22  ASN   B ND2 1 
ATOM   147  N N   . THR   A 1 17  ? 6.802   -6.480  10.383  1.00 15.99  ? 23  THR   B N   1 
ATOM   148  C CA  . THR   A 1 17  ? 5.408   -6.695  9.932   1.00 16.69  ? 23  THR   B CA  1 
ATOM   149  C C   . THR   A 1 17  ? 5.386   -7.459  8.610   1.00 15.63  ? 23  THR   B C   1 
ATOM   150  O O   . THR   A 1 17  ? 4.292   -7.899  8.204   1.00 16.40  ? 23  THR   B O   1 
ATOM   151  C CB  . THR   A 1 17  ? 4.658   -5.376  9.715   1.00 16.97  ? 23  THR   B CB  1 
ATOM   152  O OG1 . THR   A 1 17  ? 5.240   -4.697  8.588   1.00 15.66  ? 23  THR   B OG1 1 
ATOM   153  C CG2 . THR   A 1 17  ? 4.659   -4.495  10.943  1.00 18.14  ? 23  THR   B CG2 1 
ATOM   154  N N   . ALA   A 1 18  ? 6.548   -7.636  7.975   1.00 15.61  ? 24  ALA   B N   1 
ATOM   155  C CA  . ALA   A 1 18  ? 6.608   -8.232  6.615   1.00 15.33  ? 24  ALA   B CA  1 
ATOM   156  C C   . ALA   A 1 18  ? 6.281   -9.724  6.663   1.00 17.57  ? 24  ALA   B C   1 
ATOM   157  O O   . ALA   A 1 18  ? 6.805   -10.459 7.510   1.00 15.46  ? 24  ALA   B O   1 
ATOM   158  C CB  . ALA   A 1 18  ? 7.956   -8.032  6.012   1.00 17.45  ? 24  ALA   B CB  1 
ATOM   159  N N   . ASN   A 1 19  ? 5.513   -10.176 5.679   1.00 16.01  ? 25  ASN   B N   1 
ATOM   160  C CA  . ASN   A 1 19  ? 5.468   -11.601 5.308   1.00 16.58  ? 25  ASN   B CA  1 
ATOM   161  C C   . ASN   A 1 19  ? 6.899   -12.129 5.184   1.00 15.23  ? 25  ASN   B C   1 
ATOM   162  O O   . ASN   A 1 19  ? 7.805   -11.439 4.688   1.00 15.01  ? 25  ASN   B O   1 
ATOM   163  C CB  . ASN   A 1 19  ? 4.644   -11.779 4.039   1.00 15.91  ? 25  ASN   B CB  1 
ATOM   164  C CG  . ASN   A 1 19  ? 4.642   -13.210 3.597   1.00 19.26  ? 25  ASN   B CG  1 
ATOM   165  O OD1 . ASN   A 1 19  ? 5.500   -13.624 2.864   1.00 18.97  ? 25  ASN   B OD1 1 
ATOM   166  N ND2 . ASN   A 1 19  ? 3.666   -13.953 4.053   1.00 20.07  ? 25  ASN   B ND2 1 
ATOM   167  N N   . SER   A 1 20  ? 7.122   -13.358 5.614   1.00 15.95  ? 26  SER   B N   1 
ATOM   168  C CA  . SER   A 1 20  ? 8.467   -13.947 5.795   1.00 17.73  ? 26  SER   B CA  1 
ATOM   169  C C   . SER   A 1 20  ? 9.125   -14.280 4.445   1.00 17.51  ? 26  SER   B C   1 
ATOM   170  O O   . SER   A 1 20  ? 10.331  -14.545 4.479   1.00 19.19  ? 26  SER   B O   1 
ATOM   171  C CB  . SER   A 1 20  ? 8.363   -15.145 6.712   1.00 20.37  ? 26  SER   B CB  1 
ATOM   172  O OG  . SER   A 1 20  ? 7.608   -16.109 6.032   1.00 26.17  ? 26  SER   B OG  1 
ATOM   173  N N   . TRP   A 1 21  ? 8.432   -14.142 3.303   1.00 16.00  ? 27  TRP   B N   1 
ATOM   174  C CA  . TRP   A 1 21  ? 9.032   -14.305 1.965   1.00 16.43  ? 27  TRP   B CA  1 
ATOM   175  C C   . TRP   A 1 21  ? 9.524   -12.976 1.390   1.00 16.28  ? 27  TRP   B C   1 
ATOM   176  O O   . TRP   A 1 21  ? 10.141  -12.978 0.282   1.00 16.82  ? 27  TRP   B O   1 
ATOM   177  C CB  . TRP   A 1 21  ? 8.003   -14.924 1.043   1.00 19.29  ? 27  TRP   B CB  1 
ATOM   178  C CG  . TRP   A 1 21  ? 7.791   -16.380 1.300   1.00 22.46  ? 27  TRP   B CG  1 
ATOM   179  C CD1 . TRP   A 1 21  ? 7.432   -16.980 2.479   1.00 25.33  ? 27  TRP   B CD1 1 
ATOM   180  C CD2 . TRP   A 1 21  ? 7.868   -17.419 0.313   1.00 22.89  ? 27  TRP   B CD2 1 
ATOM   181  N NE1 . TRP   A 1 21  ? 7.338   -18.341 2.297   1.00 27.97  ? 27  TRP   B NE1 1 
ATOM   182  C CE2 . TRP   A 1 21  ? 7.555   -18.630 0.971   1.00 24.78  ? 27  TRP   B CE2 1 
ATOM   183  C CE3 . TRP   A 1 21  ? 8.179   -17.437 -1.053  1.00 23.03  ? 27  TRP   B CE3 1 
ATOM   184  C CZ2 . TRP   A 1 21  ? 7.568   -19.850 0.300   1.00 27.65  ? 27  TRP   B CZ2 1 
ATOM   185  C CZ3 . TRP   A 1 21  ? 8.194   -18.646 -1.712  1.00 25.40  ? 27  TRP   B CZ3 1 
ATOM   186  C CH2 . TRP   A 1 21  ? 7.873   -19.830 -1.039  1.00 25.95  ? 27  TRP   B CH2 1 
ATOM   187  N N   . LEU   A 1 22  ? 9.251   -11.841 2.062   1.00 16.45  ? 28  LEU   B N   1 
ATOM   188  C CA  . LEU   A 1 22  ? 9.651   -10.534 1.491   1.00 14.21  ? 28  LEU   B CA  1 
ATOM   189  C C   . LEU   A 1 22  ? 11.120  -10.243 1.812   1.00 15.67  ? 28  LEU   B C   1 
ATOM   190  O O   . LEU   A 1 22  ? 11.592  -10.576 2.909   1.00 17.68  ? 28  LEU   B O   1 
ATOM   191  C CB  . LEU   A 1 22  ? 8.760   -9.420  2.049   1.00 13.96  ? 28  LEU   B CB  1 
ATOM   192  C CG  . LEU   A 1 22  ? 7.266   -9.563  1.721   1.00 15.37  ? 28  LEU   B CG  1 
ATOM   193  C CD1 . LEU   A 1 22  ? 6.455   -8.391  2.223   1.00 14.23  ? 28  LEU   B CD1 1 
ATOM   194  C CD2 . LEU   A 1 22  ? 7.057   -9.720  0.251   1.00 16.61  ? 28  LEU   B CD2 1 
ATOM   195  N N   . ILE   A 1 23  ? 11.734  -9.476  0.936   1.00 15.60  ? 29  ILE   B N   1 
ATOM   196  C CA  . ILE   A 1 23  ? 13.118  -8.944  1.058   1.00 16.21  ? 29  ILE   B CA  1 
ATOM   197  C C   . ILE   A 1 23  ? 12.996  -7.426  1.009   1.00 16.69  ? 29  ILE   B C   1 
ATOM   198  O O   . ILE   A 1 23  ? 12.566  -6.864  -0.067  1.00 16.05  ? 29  ILE   B O   1 
ATOM   199  C CB  . ILE   A 1 23  ? 14.031  -9.464  -0.069  1.00 18.37  ? 29  ILE   B CB  1 
ATOM   200  C CG1 . ILE   A 1 23  ? 14.047  -11.001 -0.128  1.00 19.94  ? 29  ILE   B CG1 1 
ATOM   201  C CG2 . ILE   A 1 23  ? 15.422  -8.833  0.093   1.00 20.84  ? 29  ILE   B CG2 1 
ATOM   202  C CD1 . ILE   A 1 23  ? 14.793  -11.585 -1.296  1.00 21.35  ? 29  ILE   B CD1 1 
ATOM   203  N N   . ILE   A 1 24  ? 13.388  -6.802  2.102   1.00 18.14  ? 30  ILE   B N   1 
ATOM   204  C CA  . ILE   A 1 24  ? 13.366  -5.331  2.241   1.00 19.68  ? 30  ILE   B CA  1 
ATOM   205  C C   . ILE   A 1 24  ? 14.813  -4.853  2.104   1.00 19.88  ? 30  ILE   B C   1 
ATOM   206  O O   . ILE   A 1 24  ? 15.749  -5.433  2.756   1.00 20.21  ? 30  ILE   B O   1 
ATOM   207  C CB  . ILE   A 1 24  ? 12.696  -4.890  3.548   1.00 19.68  ? 30  ILE   B CB  1 
ATOM   208  C CG1 . ILE   A 1 24  ? 11.196  -5.220  3.504   1.00 22.11  ? 30  ILE   B CG1 1 
ATOM   209  C CG2 . ILE   A 1 24  ? 12.916  -3.409  3.818   1.00 19.69  ? 30  ILE   B CG2 1 
ATOM   210  C CD1 . ILE   A 1 24  ? 10.593  -5.322  4.804   1.00 24.67  ? 30  ILE   B CD1 1 
ATOM   211  N N   . SER   A 1 25  ? 15.003  -3.826  1.301   1.00 21.13  ? 31  SER   B N   1 
ATOM   212  C CA  . SER   A 1 25  ? 16.351  -3.257  1.058   1.00 20.99  ? 31  SER   B CA  1 
ATOM   213  C C   . SER   A 1 25  ? 16.931  -2.701  2.364   1.00 21.26  ? 31  SER   B C   1 
ATOM   214  O O   . SER   A 1 25  ? 16.199  -2.401  3.321   1.00 19.68  ? 31  SER   B O   1 
ATOM   215  C CB  . SER   A 1 25  ? 16.284  -2.216  -0.018  1.00 22.51  ? 31  SER   B CB  1 
ATOM   216  O OG  . SER   A 1 25  ? 15.427  -1.156  0.390   1.00 20.54  ? 31  SER   B OG  1 
ATOM   217  N N   . LYS   A 1 26  ? 18.260  -2.539  2.393   1.00 23.82  ? 32  LYS   B N   1 
ATOM   218  C CA  . LYS   A 1 26  ? 19.010  -1.971  3.527   1.00 25.81  ? 32  LYS   B CA  1 
ATOM   219  C C   . LYS   A 1 26  ? 18.425  -0.623  3.954   1.00 23.18  ? 32  LYS   B C   1 
ATOM   220  O O   . LYS   A 1 26  ? 18.329  -0.392  5.152   1.00 24.18  ? 32  LYS   B O   1 
ATOM   221  C CB  . LYS   A 1 26  ? 20.470  -1.814  3.096   1.00 30.20  ? 32  LYS   B CB  1 
ATOM   222  C CG  . LYS   A 1 26  ? 21.308  -1.033  4.085   1.00 36.46  ? 32  LYS   B CG  1 
ATOM   223  C CD  . LYS   A 1 26  ? 22.781  -1.271  3.891   1.00 37.65  ? 32  LYS   B CD  1 
ATOM   224  C CE  . LYS   A 1 26  ? 23.263  -0.835  2.536   1.00 40.82  ? 32  LYS   B CE  1 
ATOM   225  N NZ  . LYS   A 1 26  ? 24.646  -1.312  2.351   1.00 48.51  ? 32  LYS   B NZ  1 
ATOM   226  N N   . ASP   A 1 27  ? 18.076  0.230   2.997   1.00 24.03  ? 33  ASP   B N   1 
ATOM   227  C CA  . ASP   A 1 27  ? 17.545  1.590   3.285   1.00 23.94  ? 33  ASP   B CA  1 
ATOM   228  C C   . ASP   A 1 27  ? 16.059  1.544   3.677   1.00 23.11  ? 33  ASP   B C   1 
ATOM   229  O O   . ASP   A 1 27  ? 15.521  2.613   3.992   1.00 21.02  ? 33  ASP   B O   1 
ATOM   230  C CB  . ASP   A 1 27  ? 17.835  2.535   2.119   1.00 25.38  ? 33  ASP   B CB  1 
ATOM   231  C CG  . ASP   A 1 27  ? 17.039  2.313   0.846   1.00 26.58  ? 33  ASP   B CG  1 
ATOM   232  O OD1 . ASP   A 1 27  ? 16.223  1.334   0.779   1.00 25.90  ? 33  ASP   B OD1 1 
ATOM   233  O OD2 . ASP   A 1 27  ? 17.254  3.103   -0.100  1.00 28.55  ? 33  ASP   B OD2 1 
ATOM   234  N N   . ARG   A 1 28  ? 15.424  0.372   3.674   1.00 21.16  ? 34  ARG   B N   1 
ATOM   235  C CA  . ARG   A 1 28  ? 13.993  0.174   4.058   1.00 21.80  ? 34  ARG   B CA  1 
ATOM   236  C C   . ARG   A 1 28  ? 13.070  0.995   3.127   1.00 19.01  ? 34  ARG   B C   1 
ATOM   237  O O   . ARG   A 1 28  ? 11.947  1.308   3.517   1.00 19.60  ? 34  ARG   B O   1 
ATOM   238  C CB  . ARG   A 1 28  ? 13.814  0.438   5.563   1.00 26.18  ? 34  ARG   B CB  1 
ATOM   239  C CG  . ARG   A 1 28  ? 14.671  -0.500  6.419   1.00 30.77  ? 34  ARG   B CG  1 
ATOM   240  C CD  . ARG   A 1 28  ? 14.484  -0.416  7.916   1.00 40.60  ? 34  ARG   B CD  1 
ATOM   241  N NE  . ARG   A 1 28  ? 14.594  0.935   8.437   1.00 49.24  ? 34  ARG   B NE  1 
ATOM   242  C CZ  . ARG   A 1 28  ? 13.588  1.666   8.952   1.00 66.31  ? 34  ARG   B CZ  1 
ATOM   243  N NH1 . ARG   A 1 28  ? 12.347  1.192   9.028   1.00 61.80  ? 34  ARG   B NH1 1 
ATOM   244  N NH2 . ARG   A 1 28  ? 13.837  2.892   9.395   1.00 70.00  ? 34  ARG   B NH2 1 
ATOM   245  N N   . ARG   A 1 29  ? 13.482  1.257   1.900   1.00 16.91  ? 35  ARG   B N   1 
ATOM   246  C CA  . ARG   A 1 29  ? 12.639  1.964   0.895   1.00 18.19  ? 35  ARG   B CA  1 
ATOM   247  C C   . ARG   A 1 29  ? 12.183  1.071   -0.246  1.00 17.29  ? 35  ARG   B C   1 
ATOM   248  O O   . ARG   A 1 29  ? 11.393  1.569   -1.057  1.00 18.41  ? 35  ARG   B O   1 
ATOM   249  C CB  . ARG   A 1 29  ? 13.401  3.163   0.332   1.00 20.48  ? 35  ARG   B CB  1 
ATOM   250  C CG  . ARG   A 1 29  ? 13.769  4.140   1.437   1.00 23.36  ? 35  ARG   B CG  1 
ATOM   251  C CD  . ARG   A 1 29  ? 12.687  5.127   1.750   1.00 26.74  ? 35  ARG   B CD  1 
ATOM   252  N NE  . ARG   A 1 29  ? 12.635  6.147   0.703   1.00 28.55  ? 35  ARG   B NE  1 
ATOM   253  C CZ  . ARG   A 1 29  ? 11.744  7.136   0.675   1.00 30.26  ? 35  ARG   B CZ  1 
ATOM   254  N NH1 . ARG   A 1 29  ? 10.838  7.237   1.625   1.00 29.84  ? 35  ARG   B NH1 1 
ATOM   255  N NH2 . ARG   A 1 29  ? 11.777  8.025   -0.303  1.00 29.63  ? 35  ARG   B NH2 1 
ATOM   256  N N   . GLN   A 1 30  ? 12.668  -0.175  -0.355  1.00 16.48  ? 36  GLN   B N   1 
ATOM   257  C CA  . GLN   A 1 30  ? 12.254  -1.102  -1.429  1.00 17.09  ? 36  GLN   B CA  1 
ATOM   258  C C   . GLN   A 1 30  ? 11.890  -2.466  -0.845  1.00 16.50  ? 36  GLN   B C   1 
ATOM   259  O O   . GLN   A 1 30  ? 12.451  -2.874  0.187   1.00 16.00  ? 36  GLN   B O   1 
ATOM   260  C CB  . GLN   A 1 30  ? 13.349  -1.365  -2.458  1.00 19.90  ? 36  GLN   B CB  1 
ATOM   261  C CG  . GLN   A 1 30  ? 13.914  -0.100  -3.053  1.00 26.16  ? 36  GLN   B CG  1 
ATOM   262  C CD  . GLN   A 1 30  ? 14.736  -0.365  -4.288  1.00 27.98  ? 36  GLN   B CD  1 
ATOM   263  O OE1 . GLN   A 1 30  ? 14.641  -1.405  -4.937  1.00 31.64  ? 36  GLN   B OE1 1 
ATOM   264  N NE2 . GLN   A 1 30  ? 15.522  0.625   -4.639  1.00 33.87  ? 36  GLN   B NE2 1 
ATOM   265  N N   . VAL   A 1 31  ? 10.898  -3.115  -1.455  1.00 15.78  ? 37  VAL   B N   1 
ATOM   266  C CA  . VAL   A 1 31  ? 10.503  -4.474  -1.011  1.00 15.33  ? 37  VAL   B CA  1 
ATOM   267  C C   . VAL   A 1 31  ? 10.168  -5.295  -2.254  1.00 15.30  ? 37  VAL   B C   1 
ATOM   268  O O   . VAL   A 1 31  ? 9.511   -4.803  -3.165  1.00 15.66  ? 37  VAL   B O   1 
ATOM   269  C CB  . VAL   A 1 31  ? 9.381   -4.441  0.048   1.00 15.23  ? 37  VAL   B CB  1 
ATOM   270  C CG1 . VAL   A 1 31  ? 8.156   -3.662  -0.427  1.00 15.20  ? 37  VAL   B CG1 1 
ATOM   271  C CG2 . VAL   A 1 31  ? 8.972   -5.846  0.486   1.00 16.47  ? 37  VAL   B CG2 1 
ATOM   272  N N   . ARG   A 1 32  ? 10.570  -6.561  -2.262  1.00 14.20  ? 38  ARG   B N   1 
ATOM   273  C CA  . ARG   A 1 32  ? 10.153  -7.482  -3.343  1.00 16.68  ? 38  ARG   B CA  1 
ATOM   274  C C   . ARG   A 1 32  ? 9.882   -8.861  -2.731  1.00 16.62  ? 38  ARG   B C   1 
ATOM   275  O O   . ARG   A 1 32  ? 10.314  -9.150  -1.580  1.00 15.03  ? 38  ARG   B O   1 
ATOM   276  C CB  . ARG   A 1 32  ? 11.223  -7.571  -4.434  1.00 17.08  ? 38  ARG   B CB  1 
ATOM   277  C CG  . ARG   A 1 32  ? 12.505  -8.281  -4.038  1.00 19.41  ? 38  ARG   B CG  1 
ATOM   278  C CD  . ARG   A 1 32  ? 13.578  -8.067  -5.100  1.00 20.68  ? 38  ARG   B CD  1 
ATOM   279  N NE  . ARG   A 1 32  ? 14.841  -8.644  -4.664  1.00 24.38  ? 38  ARG   B NE  1 
ATOM   280  C CZ  . ARG   A 1 32  ? 15.168  -9.920  -4.684  1.00 26.62  ? 38  ARG   B CZ  1 
ATOM   281  N NH1 . ARG   A 1 32  ? 14.311  -10.839 -5.094  1.00 29.79  ? 38  ARG   B NH1 1 
ATOM   282  N NH2 . ARG   A 1 32  ? 16.360  -10.290 -4.220  1.00 34.23  ? 38  ARG   B NH2 1 
ATOM   283  N N   A MET   A 1 33  ? 9.196   -9.694  -3.516  0.25 17.18  ? 39  MET   B N   1 
ATOM   284  N N   B MET   A 1 33  ? 9.182   -9.719  -3.472  0.25 18.54  ? 39  MET   B N   1 
ATOM   285  C CA  A MET   A 1 33  ? 8.892   -11.116 -3.201  0.25 18.65  ? 39  MET   B CA  1 
ATOM   286  C CA  B MET   A 1 33  ? 8.889   -11.092 -2.981  0.25 20.96  ? 39  MET   B CA  1 
ATOM   287  C C   A MET   A 1 33  ? 10.157  -11.946 -3.432  0.25 19.41  ? 39  MET   B C   1 
ATOM   288  C C   B MET   A 1 33  ? 10.008  -12.036 -3.412  0.25 20.79  ? 39  MET   B C   1 
ATOM   289  O O   A MET   A 1 33  ? 10.706  -11.856 -4.539  0.25 20.09  ? 39  MET   B O   1 
ATOM   290  O O   B MET   A 1 33  ? 10.222  -12.177 -4.636  0.25 21.40  ? 39  MET   B O   1 
ATOM   291  C CB  A MET   A 1 33  ? 7.765   -11.626 -4.104  0.25 19.02  ? 39  MET   B CB  1 
ATOM   292  C CB  B MET   A 1 33  ? 7.559   -11.654 -3.477  0.25 23.06  ? 39  MET   B CB  1 
ATOM   293  C CG  A MET   A 1 33  ? 7.337   -13.059 -3.815  0.25 20.67  ? 39  MET   B CG  1 
ATOM   294  C CG  B MET   A 1 33  ? 7.289   -13.033 -2.869  0.25 25.97  ? 39  MET   B CG  1 
ATOM   295  S SD  A MET   A 1 33  ? 6.711   -13.242 -2.115  0.25 20.80  ? 39  MET   B SD  1 
ATOM   296  S SD  B MET   A 1 33  ? 5.582   -13.580 -3.073  0.25 29.28  ? 39  MET   B SD  1 
ATOM   297  C CE  A MET   A 1 33  ? 5.929   -14.848 -2.216  0.25 21.70  ? 39  MET   B CE  1 
ATOM   298  C CE  B MET   A 1 33  ? 5.574   -14.985 -1.960  0.25 29.55  ? 39  MET   B CE  1 
ATOM   299  N N   . GLY   A 1 34  ? 10.631  -12.685 -2.427  1.00 20.53  ? 40  GLY   B N   1 
ATOM   300  C CA  . GLY   A 1 34  ? 11.737  -13.650 -2.628  1.00 22.07  ? 40  GLY   B CA  1 
ATOM   301  C C   . GLY   A 1 34  ? 11.247  -14.958 -3.226  1.00 22.32  ? 40  GLY   B C   1 
ATOM   302  O O   . GLY   A 1 34  ? 10.013  -15.171 -3.293  1.00 20.83  ? 40  GLY   B O   1 
ATOM   303  N N   . ASP   A 1 35  ? 12.156  -15.828 -3.685  1.00 25.30  ? 41  ASP   B N   1 
ATOM   304  C CA  . ASP   A 1 35  ? 11.696  -17.103 -4.312  1.00 32.09  ? 41  ASP   B CA  1 
ATOM   305  C C   . ASP   A 1 35  ? 11.578  -18.170 -3.203  1.00 31.98  ? 41  ASP   B C   1 
ATOM   306  O O   . ASP   A 1 35  ? 11.125  -19.294 -3.536  1.00 31.81  ? 41  ASP   B O   1 
ATOM   307  C CB  . ASP   A 1 35  ? 12.531  -17.495 -5.548  1.00 39.60  ? 41  ASP   B CB  1 
ATOM   308  C CG  . ASP   A 1 35  ? 12.300  -16.627 -6.804  1.00 48.44  ? 41  ASP   B CG  1 
ATOM   309  O OD1 . ASP   A 1 35  ? 11.256  -15.951 -6.876  1.00 52.71  ? 41  ASP   B OD1 1 
ATOM   310  O OD2 . ASP   A 1 35  ? 13.173  -16.631 -7.731  1.00 45.27  ? 41  ASP   B OD2 1 
ATOM   311  N N   . THR   A 1 36  ? 11.804  -17.800 -1.929  1.00 27.71  ? 42  THR   B N   1 
ATOM   312  C CA  . THR   A 1 36  ? 11.713  -18.712 -0.750  1.00 27.05  ? 42  THR   B CA  1 
ATOM   313  C C   . THR   A 1 36  ? 11.456  -17.944 0.558   1.00 24.86  ? 42  THR   B C   1 
ATOM   314  O O   . THR   A 1 36  ? 11.667  -16.682 0.608   1.00 21.10  ? 42  THR   B O   1 
ATOM   315  C CB  . THR   A 1 36  ? 13.014  -19.522 -0.649  1.00 26.14  ? 42  THR   B CB  1 
ATOM   316  O OG1 . THR   A 1 36  ? 12.812  -20.491 0.378   1.00 31.25  ? 42  THR   B OG1 1 
ATOM   317  C CG2 . THR   A 1 36  ? 14.204  -18.656 -0.301  1.00 28.89  ? 42  THR   B CG2 1 
ATOM   318  N N   . HIS   A 1 37  ? 11.117  -18.655 1.633   1.00 26.31  ? 43  HIS   B N   1 
ATOM   319  C CA  . HIS   A 1 37  ? 11.047  -18.138 3.036   1.00 29.00  ? 43  HIS   B CA  1 
ATOM   320  C C   . HIS   A 1 37  ? 12.411  -17.533 3.428   1.00 31.09  ? 43  HIS   B C   1 
ATOM   321  O O   . HIS   A 1 37  ? 13.437  -18.234 3.219   1.00 30.56  ? 43  HIS   B O   1 
ATOM   322  C CB  . HIS   A 1 37  ? 10.516  -19.272 3.961   1.00 32.15  ? 43  HIS   B CB  1 
ATOM   323  C CG  . HIS   A 1 37  ? 10.357  -18.907 5.409   1.00 31.20  ? 43  HIS   B CG  1 
ATOM   324  N ND1 . HIS   A 1 37  ? 11.422  -18.483 6.189   1.00 35.98  ? 43  HIS   B ND1 1 
ATOM   325  C CD2 . HIS   A 1 37  ? 9.275   -18.920 6.220   1.00 31.11  ? 43  HIS   B CD2 1 
ATOM   326  C CE1 . HIS   A 1 37  ? 10.991  -18.244 7.418   1.00 33.27  ? 43  HIS   B CE1 1 
ATOM   327  N NE2 . HIS   A 1 37  ? 9.676   -18.497 7.445   1.00 29.90  ? 43  HIS   B NE2 1 
ATOM   328  N N   . GLN   A 1 38  ? 12.478  -16.303 4.006   1.00 24.21  ? 44  GLN   B N   1 
ATOM   329  C CA  . GLN   A 1 38  ? 13.725  -15.468 4.090   1.00 25.26  ? 44  GLN   B CA  1 
ATOM   330  C C   . GLN   A 1 38  ? 14.605  -15.603 5.365   1.00 31.61  ? 44  GLN   B C   1 
ATOM   331  O O   . GLN   A 1 38  ? 15.470  -14.679 5.658   1.00 34.78  ? 44  GLN   B O   1 
ATOM   332  C CB  . GLN   A 1 38  ? 13.353  -14.010 3.879   1.00 22.86  ? 44  GLN   B CB  1 
ATOM   333  C CG  . GLN   A 1 38  ? 13.015  -13.736 2.432   1.00 21.08  ? 44  GLN   B CG  1 
ATOM   334  C CD  . GLN   A 1 38  ? 14.050  -14.228 1.456   1.00 21.35  ? 44  GLN   B CD  1 
ATOM   335  O OE1 . GLN   A 1 38  ? 13.748  -14.933 0.483   1.00 25.71  ? 44  GLN   B OE1 1 
ATOM   336  N NE2 . GLN   A 1 38  ? 15.288  -13.816 1.664   1.00 21.03  ? 44  GLN   B NE2 1 
ATOM   337  N N   . ASN   A 1 39  ? 14.478  -16.703 6.069   1.00 26.55  ? 45  ASN   B N   1 
ATOM   338  C CA  . ASN   A 1 39  ? 15.342  -17.080 7.230   1.00 23.53  ? 45  ASN   B CA  1 
ATOM   339  C C   . ASN   A 1 39  ? 15.178  -16.100 8.394   1.00 24.13  ? 45  ASN   B C   1 
ATOM   340  O O   . ASN   A 1 39  ? 16.187  -15.705 9.015   1.00 27.17  ? 45  ASN   B O   1 
ATOM   341  C CB  . ASN   A 1 39  ? 16.810  -17.308 6.836   1.00 21.68  ? 45  ASN   B CB  1 
ATOM   342  C CG  . ASN   A 1 39  ? 17.494  -18.218 7.848   1.00 22.18  ? 45  ASN   B CG  1 
ATOM   343  O OD1 . ASN   A 1 39  ? 16.835  -19.072 8.418   1.00 21.68  ? 45  ASN   B OD1 1 
ATOM   344  N ND2 . ASN   A 1 39  ? 18.786  -18.051 8.098   1.00 20.32  ? 45  ASN   B ND2 1 
ATOM   345  N N   . VAL   A 1 40  ? 13.916  -15.758 8.714   1.00 22.41  ? 46  VAL   B N   1 
ATOM   346  C CA  . VAL   A 1 40  ? 13.522  -14.891 9.858   1.00 22.30  ? 46  VAL   B CA  1 
ATOM   347  C C   . VAL   A 1 40  ? 12.566  -15.696 10.734  1.00 22.77  ? 46  VAL   B C   1 
ATOM   348  O O   . VAL   A 1 40  ? 11.894  -16.602 10.203  1.00 24.04  ? 46  VAL   B O   1 
ATOM   349  C CB  . VAL   A 1 40  ? 12.884  -13.586 9.370   1.00 24.65  ? 46  VAL   B CB  1 
ATOM   350  C CG1 . VAL   A 1 40  ? 13.864  -12.762 8.574   1.00 29.41  ? 46  VAL   B CG1 1 
ATOM   351  C CG2 . VAL   A 1 40  ? 11.624  -13.827 8.569   1.00 24.46  ? 46  VAL   B CG2 1 
ATOM   352  N N   . SER   A 1 41  ? 12.508  -15.372 12.024  1.00 24.05  ? 47  SER   B N   1 
ATOM   353  C CA  . SER   A 1 41  ? 11.527  -15.952 12.964  1.00 27.25  ? 47  SER   B CA  1 
ATOM   354  C C   . SER   A 1 41  ? 10.122  -15.432 12.633  1.00 25.91  ? 47  SER   B C   1 
ATOM   355  O O   . SER   A 1 41  ? 9.997   -14.296 12.170  1.00 24.73  ? 47  SER   B O   1 
ATOM   356  C CB  . SER   A 1 41  ? 11.900  -15.647 14.398  1.00 27.39  ? 47  SER   B CB  1 
ATOM   357  O OG  . SER   A 1 41  ? 12.068  -14.250 14.565  1.00 30.13  ? 47  SER   B OG  1 
ATOM   358  N N   . ASP   A 1 42  ? 9.107   -16.229 12.929  1.00 26.50  ? 48  ASP   B N   1 
ATOM   359  C CA  . ASP   A 1 42  ? 7.692   -15.789 12.940  1.00 26.61  ? 48  ASP   B CA  1 
ATOM   360  C C   . ASP   A 1 42  ? 7.484   -14.875 14.145  1.00 26.58  ? 48  ASP   B C   1 
ATOM   361  O O   . ASP   A 1 42  ? 8.272   -14.917 15.082  1.00 29.41  ? 48  ASP   B O   1 
ATOM   362  C CB  . ASP   A 1 42  ? 6.729   -16.977 12.924  1.00 30.26  ? 48  ASP   B CB  1 
ATOM   363  C CG  . ASP   A 1 42  ? 5.347   -16.642 12.365  1.00 36.09  ? 48  ASP   B CG  1 
ATOM   364  O OD1 . ASP   A 1 42  ? 5.163   -15.532 11.748  1.00 26.57  ? 48  ASP   B OD1 1 
ATOM   365  O OD2 . ASP   A 1 42  ? 4.452   -17.500 12.515  1.00 45.95  ? 48  ASP   B OD2 1 
ATOM   366  N N   . ASN   A 1 43  ? 6.460   -14.020 14.088  1.00 22.43  ? 49  ASN   B N   1 
ATOM   367  C CA  . ASN   A 1 43  ? 6.024   -13.129 15.193  1.00 22.64  ? 49  ASN   B CA  1 
ATOM   368  C C   . ASN   A 1 43  ? 4.561   -12.758 14.927  1.00 24.00  ? 49  ASN   B C   1 
ATOM   369  O O   . ASN   A 1 43  ? 4.023   -13.093 13.815  1.00 23.92  ? 49  ASN   B O   1 
ATOM   370  C CB  . ASN   A 1 43  ? 6.929   -11.928 15.382  1.00 22.89  ? 49  ASN   B CB  1 
ATOM   371  C CG  . ASN   A 1 43  ? 6.825   -10.911 14.261  1.00 24.13  ? 49  ASN   B CG  1 
ATOM   372  O OD1 . ASN   A 1 43  ? 5.726   -10.442 13.974  1.00 27.67  ? 49  ASN   B OD1 1 
ATOM   373  N ND2 . ASN   A 1 43  ? 7.935   -10.565 13.641  1.00 23.26  ? 49  ASN   B ND2 1 
ATOM   374  N N   . LYS   A 1 44  ? 3.909   -12.138 15.904  1.00 21.18  ? 50  LYS   B N   1 
ATOM   375  C CA  . LYS   A 1 44  ? 2.439   -11.924 15.807  1.00 25.11  ? 50  LYS   B CA  1 
ATOM   376  C C   . LYS   A 1 44  ? 2.123   -10.781 14.819  1.00 22.21  ? 50  LYS   B C   1 
ATOM   377  O O   . LYS   A 1 44  ? 0.927   -10.704 14.404  1.00 21.25  ? 50  LYS   B O   1 
ATOM   378  C CB  . LYS   A 1 44  ? 1.866   -11.607 17.200  1.00 30.04  ? 50  LYS   B CB  1 
ATOM   379  C CG  . LYS   A 1 44  ? 2.461   -10.379 17.849  1.00 37.33  ? 50  LYS   B CG  1 
ATOM   380  C CD  . LYS   A 1 44  ? 1.852   -10.039 19.192  1.00 47.25  ? 50  LYS   B CD  1 
ATOM   381  C CE  . LYS   A 1 44  ? 2.105   -8.592  19.563  1.00 52.44  ? 50  LYS   B CE  1 
ATOM   382  N NZ  . LYS   A 1 44  ? 1.240   -8.178  20.690  1.00 59.88  ? 50  LYS   B NZ  1 
ATOM   383  N N   . GLU   A 1 45  ? 3.104   -9.917  14.513  1.00 21.25  ? 51  GLU   B N   1 
ATOM   384  C CA  . GLU   A 1 45  ? 2.915   -8.766  13.594  1.00 23.03  ? 51  GLU   B CA  1 
ATOM   385  C C   . GLU   A 1 45  ? 2.877   -9.223  12.127  1.00 21.42  ? 51  GLU   B C   1 
ATOM   386  O O   . GLU   A 1 45  ? 2.286   -8.508  11.292  1.00 19.50  ? 51  GLU   B O   1 
ATOM   387  C CB  . GLU   A 1 45  ? 4.048   -7.759  13.745  1.00 25.03  ? 51  GLU   B CB  1 
ATOM   388  C CG  . GLU   A 1 45  ? 4.187   -7.156  15.129  1.00 33.56  ? 51  GLU   B CG  1 
ATOM   389  C CD  . GLU   A 1 45  ? 5.335   -6.154  15.134  1.00 42.65  ? 51  GLU   B CD  1 
ATOM   390  O OE1 . GLU   A 1 45  ? 6.503   -6.573  15.433  1.00 57.66  ? 51  GLU   B OE1 1 
ATOM   391  O OE2 . GLU   A 1 45  ? 5.101   -4.978  14.756  1.00 47.84  ? 51  GLU   B OE2 1 
ATOM   392  N N   . ARG   A 1 46  ? 3.543   -10.323 11.774  1.00 18.98  ? 52  ARG   B N   1 
ATOM   393  C CA  . ARG   A 1 46  ? 3.756   -10.640 10.339  1.00 18.34  ? 52  ARG   B CA  1 
ATOM   394  C C   . ARG   A 1 46  ? 2.454   -10.989 9.647   1.00 16.54  ? 52  ARG   B C   1 
ATOM   395  O O   . ARG   A 1 46  ? 1.715   -11.857 10.113  1.00 19.43  ? 52  ARG   B O   1 
ATOM   396  C CB  . ARG   A 1 46  ? 4.730   -11.812 10.131  1.00 17.98  ? 52  ARG   B CB  1 
ATOM   397  C CG  . ARG   A 1 46  ? 6.149   -11.537 10.549  1.00 18.26  ? 52  ARG   B CG  1 
ATOM   398  C CD  . ARG   A 1 46  ? 7.103   -12.571 9.934   1.00 17.50  ? 52  ARG   B CD  1 
ATOM   399  N NE  . ARG   A 1 46  ? 8.393   -12.365 10.542  1.00 17.96  ? 52  ARG   B NE  1 
ATOM   400  C CZ  . ARG   A 1 46  ? 9.220   -11.360 10.300  1.00 18.79  ? 52  ARG   B CZ  1 
ATOM   401  N NH1 . ARG   A 1 46  ? 8.952   -10.419 9.394   1.00 17.82  ? 52  ARG   B NH1 1 
ATOM   402  N NH2 . ARG   A 1 46  ? 10.349  -11.281 10.979  1.00 21.27  ? 52  ARG   B NH2 1 
ATOM   403  N N   . PHE   A 1 47  ? 2.211   -10.421 8.461   1.00 16.92  ? 53  PHE   B N   1 
ATOM   404  C CA  . PHE   A 1 47  ? 1.123   -10.894 7.587   1.00 15.77  ? 53  PHE   B CA  1 
ATOM   405  C C   . PHE   A 1 47  ? 1.452   -12.328 7.106   1.00 17.88  ? 53  PHE   B C   1 
ATOM   406  O O   . PHE   A 1 47  ? 2.445   -12.498 6.396   1.00 17.60  ? 53  PHE   B O   1 
ATOM   407  C CB  . PHE   A 1 47  ? 0.922   -9.974  6.382   1.00 16.09  ? 53  PHE   B CB  1 
ATOM   408  C CG  . PHE   A 1 47  ? 0.290   -8.662  6.748   1.00 13.86  ? 53  PHE   B CG  1 
ATOM   409  C CD1 . PHE   A 1 47  ? -1.069  -8.601  6.984   1.00 13.66  ? 53  PHE   B CD1 1 
ATOM   410  C CD2 . PHE   A 1 47  ? 1.053   -7.517  6.850   1.00 15.48  ? 53  PHE   B CD2 1 
ATOM   411  C CE1 . PHE   A 1 47  ? -1.674  -7.399  7.324   1.00 14.29  ? 53  PHE   B CE1 1 
ATOM   412  C CE2 . PHE   A 1 47  ? 0.448   -6.335  7.262   1.00 15.01  ? 53  PHE   B CE2 1 
ATOM   413  C CZ  . PHE   A 1 47  ? -0.918  -6.278  7.470   1.00 14.00  ? 53  PHE   B CZ  1 
ATOM   414  N N   . SER   A 1 48  ? 0.621   -13.313 7.436   1.00 17.91  ? 54  SER   B N   1 
ATOM   415  C CA  . SER   A 1 48  ? 0.908   -14.746 7.163   1.00 18.41  ? 54  SER   B CA  1 
ATOM   416  C C   . SER   A 1 48  ? 0.490   -15.157 5.738   1.00 19.85  ? 54  SER   B C   1 
ATOM   417  O O   . SER   A 1 48  ? 1.216   -15.952 5.120   1.00 22.98  ? 54  SER   B O   1 
ATOM   418  C CB  . SER   A 1 48  ? 0.250   -15.635 8.206   1.00 20.44  ? 54  SER   B CB  1 
ATOM   419  O OG  . SER   A 1 48  ? -1.162  -15.531 8.126   1.00 20.21  ? 54  SER   B OG  1 
ATOM   420  N N   . ASN   A 1 49  ? -0.632  -14.707 5.206   1.00 17.81  ? 55  ASN   B N   1 
ATOM   421  C CA  . ASN   A 1 49  ? -1.222  -15.365 4.013   1.00 19.32  ? 55  ASN   B CA  1 
ATOM   422  C C   . ASN   A 1 49  ? -0.823  -14.681 2.709   1.00 19.32  ? 55  ASN   B C   1 
ATOM   423  O O   . ASN   A 1 49  ? -1.067  -15.255 1.628   1.00 18.63  ? 55  ASN   B O   1 
ATOM   424  C CB  . ASN   A 1 49  ? -2.730  -15.453 4.086   1.00 19.65  ? 55  ASN   B CB  1 
ATOM   425  C CG  . ASN   A 1 49  ? -3.203  -16.508 5.065   1.00 26.07  ? 55  ASN   B CG  1 
ATOM   426  O OD1 . ASN   A 1 49  ? -2.684  -16.608 6.174   1.00 26.50  ? 55  ASN   B OD1 1 
ATOM   427  N ND2 . ASN   A 1 49  ? -4.226  -17.254 4.672   1.00 26.82  ? 55  ASN   B ND2 1 
ATOM   428  N N   . TYR   A 1 50  ? -0.342  -13.442 2.800   1.00 15.99  ? 56  TYR   B N   1 
ATOM   429  C CA  . TYR   A 1 50  ? -0.177  -12.595 1.602   1.00 15.96  ? 56  TYR   B CA  1 
ATOM   430  C C   . TYR   A 1 50  ? 1.138   -11.854 1.705   1.00 15.04  ? 56  TYR   B C   1 
ATOM   431  O O   . TYR   A 1 50  ? 1.609   -11.586 2.809   1.00 15.22  ? 56  TYR   B O   1 
ATOM   432  C CB  . TYR   A 1 50  ? -1.312  -11.571 1.505   1.00 16.41  ? 56  TYR   B CB  1 
ATOM   433  C CG  . TYR   A 1 50  ? -2.703  -12.135 1.710   1.00 18.32  ? 56  TYR   B CG  1 
ATOM   434  C CD1 . TYR   A 1 50  ? -3.324  -12.879 0.721   1.00 19.64  ? 56  TYR   B CD1 1 
ATOM   435  C CD2 . TYR   A 1 50  ? -3.386  -11.922 2.904   1.00 17.54  ? 56  TYR   B CD2 1 
ATOM   436  C CE1 . TYR   A 1 50  ? -4.594  -13.402 0.903   1.00 20.62  ? 56  TYR   B CE1 1 
ATOM   437  C CE2 . TYR   A 1 50  ? -4.647  -12.465 3.118   1.00 17.65  ? 56  TYR   B CE2 1 
ATOM   438  C CZ  . TYR   A 1 50  ? -5.254  -13.174 2.095   1.00 19.77  ? 56  TYR   B CZ  1 
ATOM   439  O OH  . TYR   A 1 50  ? -6.508  -13.670 2.272   1.00 21.43  ? 56  TYR   B OH  1 
ATOM   440  N N   . PRO   A 1 51  ? 1.703   -11.413 0.557   1.00 15.06  ? 57  PRO   B N   1 
ATOM   441  C CA  . PRO   A 1 51  ? 3.013   -10.732 0.547   1.00 15.00  ? 57  PRO   B CA  1 
ATOM   442  C C   . PRO   A 1 51  ? 2.921   -9.250  0.944   1.00 14.81  ? 57  PRO   B C   1 
ATOM   443  O O   . PRO   A 1 51  ? 3.333   -8.408  0.148   1.00 15.67  ? 57  PRO   B O   1 
ATOM   444  C CB  . PRO   A 1 51  ? 3.455   -10.855 -0.920  1.00 16.51  ? 57  PRO   B CB  1 
ATOM   445  C CG  . PRO   A 1 51  ? 2.515   -11.852 -1.543  1.00 16.94  ? 57  PRO   B CG  1 
ATOM   446  C CD  . PRO   A 1 51  ? 1.236   -11.746 -0.780  1.00 16.40  ? 57  PRO   B CD  1 
ATOM   447  N N   . MET   A 1 52  ? 2.472   -8.990  2.173   1.00 14.68  ? 58  MET   B N   1 
ATOM   448  C CA  . MET   A 1 52  ? 2.171   -7.628  2.704   1.00 13.61  ? 58  MET   B CA  1 
ATOM   449  C C   . MET   A 1 52  ? 3.208   -7.148  3.719   1.00 14.71  ? 58  MET   B C   1 
ATOM   450  O O   . MET   A 1 52  ? 3.860   -7.942  4.385   1.00 13.62  ? 58  MET   B O   1 
ATOM   451  C CB  . MET   A 1 52  ? 0.796   -7.606  3.371   1.00 14.27  ? 58  MET   B CB  1 
ATOM   452  C CG  . MET   A 1 52  ? -0.324  -7.824  2.390   1.00 13.29  ? 58  MET   B CG  1 
ATOM   453  S SD  . MET   A 1 52  ? -1.909  -8.266  3.212   1.00 16.02  ? 58  MET   B SD  1 
ATOM   454  C CE  . MET   A 1 52  ? -3.060  -8.481  1.847   1.00 15.91  ? 58  MET   B CE  1 
ATOM   455  N N   . VAL   A 1 53  ? 3.328   -5.828  3.867   1.00 13.67  ? 59  VAL   B N   1 
ATOM   456  C CA  . VAL   A 1 53  ? 4.251   -5.191  4.832   1.00 14.27  ? 59  VAL   B CA  1 
ATOM   457  C C   . VAL   A 1 53  ? 3.655   -3.803  5.129   1.00 14.61  ? 59  VAL   B C   1 
ATOM   458  O O   . VAL   A 1 53  ? 2.968   -3.229  4.239   1.00 12.87  ? 59  VAL   B O   1 
ATOM   459  C CB  . VAL   A 1 53  ? 5.691   -5.130  4.279   1.00 13.96  ? 59  VAL   B CB  1 
ATOM   460  C CG1 . VAL   A 1 53  ? 5.781   -4.328  2.993   1.00 14.85  ? 59  VAL   B CG1 1 
ATOM   461  C CG2 . VAL   A 1 53  ? 6.692   -4.597  5.314   1.00 15.65  ? 59  VAL   B CG2 1 
ATOM   462  N N   . LEU   A 1 54  ? 3.879   -3.307  6.330   1.00 15.04  ? 60  LEU   B N   1 
ATOM   463  C CA  . LEU   A 1 54  ? 3.469   -1.949  6.743   1.00 14.62  ? 60  LEU   B CA  1 
ATOM   464  C C   . LEU   A 1 54  ? 4.669   -1.004  6.704   1.00 16.37  ? 60  LEU   B C   1 
ATOM   465  O O   . LEU   A 1 54  ? 5.847   -1.412  6.913   1.00 15.36  ? 60  LEU   B O   1 
ATOM   466  C CB  . LEU   A 1 54  ? 2.878   -1.992  8.148   1.00 14.87  ? 60  LEU   B CB  1 
ATOM   467  C CG  . LEU   A 1 54  ? 1.663   -2.879  8.346   1.00 15.40  ? 60  LEU   B CG  1 
ATOM   468  C CD1 . LEU   A 1 54  ? 1.079   -2.731  9.743   1.00 17.26  ? 60  LEU   B CD1 1 
ATOM   469  C CD2 . LEU   A 1 54  ? 0.606   -2.639  7.277   1.00 16.28  ? 60  LEU   B CD2 1 
ATOM   470  N N   . GLY   A 1 55  ? 4.358   0.278   6.575   1.00 15.46  ? 61  GLY   B N   1 
ATOM   471  C CA  . GLY   A 1 55  ? 5.323   1.340   6.882   1.00 15.37  ? 61  GLY   B CA  1 
ATOM   472  C C   . GLY   A 1 55  ? 5.585   1.396   8.386   1.00 14.73  ? 61  GLY   B C   1 
ATOM   473  O O   . GLY   A 1 55  ? 4.706   1.001   9.171   1.00 16.75  ? 61  GLY   B O   1 
ATOM   474  N N   . ALA   A 1 56  ? 6.745   1.895   8.774   1.00 17.03  ? 62  ALA   B N   1 
ATOM   475  C CA  . ALA   A 1 56  ? 7.160   2.029   10.192  1.00 19.03  ? 62  ALA   B CA  1 
ATOM   476  C C   . ALA   A 1 56  ? 6.378   3.175   10.840  1.00 21.79  ? 62  ALA   B C   1 
ATOM   477  O O   . ALA   A 1 56  ? 6.107   3.079   12.058  1.00 24.82  ? 62  ALA   B O   1 
ATOM   478  C CB  . ALA   A 1 56  ? 8.656   2.267   10.256  1.00 20.09  ? 62  ALA   B CB  1 
ATOM   479  N N   . GLN   A 1 57  ? 5.980   4.175   10.044  1.00 20.87  ? 63  GLN   B N   1 
ATOM   480  C CA  . GLN   A 1 57  ? 5.339   5.414   10.532  1.00 21.88  ? 63  GLN   B CA  1 
ATOM   481  C C   . GLN   A 1 57  ? 3.902   5.104   10.944  1.00 23.79  ? 63  GLN   B C   1 
ATOM   482  O O   . GLN   A 1 57  ? 3.245   4.272   10.288  1.00 22.04  ? 63  GLN   B O   1 
ATOM   483  C CB  . GLN   A 1 57  ? 5.423   6.523   9.473   1.00 22.36  ? 63  GLN   B CB  1 
ATOM   484  C CG  . GLN   A 1 57  ? 6.830   7.057   9.247   1.00 25.15  ? 63  GLN   B CG  1 
ATOM   485  C CD  . GLN   A 1 57  ? 7.719   6.075   8.512   1.00 25.65  ? 63  GLN   B CD  1 
ATOM   486  O OE1 . GLN   A 1 57  ? 7.276   5.355   7.636   1.00 24.17  ? 63  GLN   B OE1 1 
ATOM   487  N NE2 . GLN   A 1 57  ? 8.983   6.004   8.877   1.00 27.81  ? 63  GLN   B NE2 1 
ATOM   488  N N   . ARG   A 1 58  ? 3.464   5.739   12.033  1.00 22.94  ? 64  ARG   B N   1 
ATOM   489  C CA  . ARG   A 1 58  ? 2.083   5.709   12.576  1.00 24.73  ? 64  ARG   B CA  1 
ATOM   490  C C   . ARG   A 1 58  ? 1.571   7.147   12.581  1.00 21.58  ? 64  ARG   B C   1 
ATOM   491  O O   . ARG   A 1 58  ? 2.356   8.044   12.980  1.00 26.09  ? 64  ARG   B O   1 
ATOM   492  C CB  . ARG   A 1 58  ? 2.012   5.259   14.045  1.00 31.47  ? 64  ARG   B CB  1 
ATOM   493  C CG  . ARG   A 1 58  ? 2.113   3.765   14.324  1.00 41.04  ? 64  ARG   B CG  1 
ATOM   494  C CD  . ARG   A 1 58  ? 3.451   3.190   13.882  1.00 49.04  ? 64  ARG   B CD  1 
ATOM   495  N NE  . ARG   A 1 58  ? 4.002   1.933   14.430  1.00 59.55  ? 64  ARG   B NE  1 
ATOM   496  C CZ  . ARG   A 1 58  ? 3.556   1.179   15.455  1.00 60.08  ? 64  ARG   B CZ  1 
ATOM   497  N NH1 . ARG   A 1 58  ? 4.233   0.084   15.767  1.00 59.20  ? 64  ARG   B NH1 1 
ATOM   498  N NH2 . ARG   A 1 58  ? 2.471   1.472   16.158  1.00 54.57  ? 64  ARG   B NH2 1 
ATOM   499  N N   . PHE   A 1 59  ? 0.372   7.359   12.088  1.00 21.73  ? 65  PHE   B N   1 
ATOM   500  C CA  . PHE   A 1 59  ? -0.261  8.702   11.870  1.00 22.01  ? 65  PHE   B CA  1 
ATOM   501  C C   . PHE   A 1 59  ? -1.639  8.693   12.537  1.00 19.62  ? 65  PHE   B C   1 
ATOM   502  O O   . PHE   A 1 59  ? -2.435  7.806   12.256  1.00 18.82  ? 65  PHE   B O   1 
ATOM   503  C CB  . PHE   A 1 59  ? -0.474  8.988   10.359  1.00 24.63  ? 65  PHE   B CB  1 
ATOM   504  C CG  . PHE   A 1 59  ? 0.782   8.962   9.533   1.00 26.67  ? 65  PHE   B CG  1 
ATOM   505  C CD1 . PHE   A 1 59  ? 1.847   9.805   9.844   1.00 30.64  ? 65  PHE   B CD1 1 
ATOM   506  C CD2 . PHE   A 1 59  ? 0.910   8.119   8.457   1.00 31.88  ? 65  PHE   B CD2 1 
ATOM   507  C CE1 . PHE   A 1 59  ? 3.010   9.827   9.087   1.00 33.26  ? 65  PHE   B CE1 1 
ATOM   508  C CE2 . PHE   A 1 59  ? 2.083   8.134   7.707   1.00 31.50  ? 65  PHE   B CE2 1 
ATOM   509  C CZ  . PHE   A 1 59  ? 3.121   8.989   8.015   1.00 29.81  ? 65  PHE   B CZ  1 
ATOM   510  N N   A SER   A 1 60  ? -1.939  9.684   13.384  0.25 18.46  ? 66  SER   B N   1 
ATOM   511  N N   B SER   A 1 60  ? -1.927  9.710   13.360  0.25 21.02  ? 66  SER   B N   1 
ATOM   512  C CA  A SER   A 1 60  ? -3.270  9.831   14.034  0.25 17.36  ? 66  SER   B CA  1 
ATOM   513  C CA  B SER   A 1 60  ? -3.224  9.892   14.070  0.25 21.56  ? 66  SER   B CA  1 
ATOM   514  C C   A SER   A 1 60  ? -3.820  11.248  13.803  0.25 17.70  ? 66  SER   B C   1 
ATOM   515  C C   B SER   A 1 60  ? -3.705  11.342  13.935  0.25 22.12  ? 66  SER   B C   1 
ATOM   516  O O   A SER   A 1 60  ? -4.929  11.547  14.291  0.25 16.67  ? 66  SER   B O   1 
ATOM   517  O O   B SER   A 1 60  ? -4.577  11.763  14.728  0.25 21.46  ? 66  SER   B O   1 
ATOM   518  C CB  A SER   A 1 60  ? -3.194  9.481   15.503  0.25 17.29  ? 66  SER   B CB  1 
ATOM   519  C CB  B SER   A 1 60  ? -3.088  9.522   15.515  0.25 22.70  ? 66  SER   B CB  1 
ATOM   520  O OG  A SER   A 1 60  ? -2.969  8.082   15.699  0.25 16.06  ? 66  SER   B OG  1 
ATOM   521  O OG  B SER   A 1 60  ? -2.128  10.356  16.147  0.25 24.07  ? 66  SER   B OG  1 
ATOM   522  N N   A SER   A 1 61  ? -3.086  12.077  13.060  0.25 17.31  ? 67  SER   B N   1 
ATOM   523  N N   B SER   A 1 61  ? -3.144  12.084  12.985  0.25 21.67  ? 67  SER   B N   1 
ATOM   524  C CA  A SER   A 1 61  ? -3.478  13.470  12.736  0.25 18.38  ? 67  SER   B CA  1 
ATOM   525  C CA  B SER   A 1 61  ? -3.447  13.517  12.783  0.25 22.73  ? 67  SER   B CA  1 
ATOM   526  C C   A SER   A 1 61  ? -2.761  13.946  11.470  0.25 19.48  ? 67  SER   B C   1 
ATOM   527  C C   B SER   A 1 61  ? -2.660  14.047  11.583  0.25 22.00  ? 67  SER   B C   1 
ATOM   528  O O   A SER   A 1 61  ? -1.856  13.250  11.000  0.25 19.41  ? 67  SER   B O   1 
ATOM   529  O O   B SER   A 1 61  ? -1.588  13.486  11.281  0.25 21.30  ? 67  SER   B O   1 
ATOM   530  C CB  A SER   A 1 61  ? -3.153  14.364  13.896  0.25 18.17  ? 67  SER   B CB  1 
ATOM   531  C CB  B SER   A 1 61  ? -3.130  14.280  14.045  0.25 23.72  ? 67  SER   B CB  1 
ATOM   532  O OG  A SER   A 1 61  ? -1.756  14.599  13.933  0.25 17.82  ? 67  SER   B OG  1 
ATOM   533  O OG  B SER   A 1 61  ? -3.424  15.654  13.889  0.25 27.22  ? 67  SER   B OG  1 
ATOM   534  N N   . GLY   A 1 62  ? -3.172  15.098  10.943  1.00 20.93  ? 68  GLY   B N   1 
ATOM   535  C CA  . GLY   A 1 62  ? -2.407  15.816  9.907   1.00 22.09  ? 68  GLY   B CA  1 
ATOM   536  C C   . GLY   A 1 62  ? -2.651  15.263  8.518   1.00 23.01  ? 68  GLY   B C   1 
ATOM   537  O O   . GLY   A 1 62  ? -3.568  14.430  8.327   1.00 21.90  ? 68  GLY   B O   1 
ATOM   538  N N   . LYS   A 1 63  ? -1.906  15.822  7.586   1.00 23.21  ? 69  LYS   B N   1 
ATOM   539  C CA  . LYS   A 1 63  ? -1.918  15.490  6.142   1.00 24.12  ? 69  LYS   B CA  1 
ATOM   540  C C   . LYS   A 1 63  ? -0.565  14.868  5.823   1.00 26.37  ? 69  LYS   B C   1 
ATOM   541  O O   . LYS   A 1 63  ? 0.471   15.435  6.265   1.00 26.56  ? 69  LYS   B O   1 
ATOM   542  C CB  . LYS   A 1 63  ? -2.213  16.755  5.337   1.00 26.69  ? 69  LYS   B CB  1 
ATOM   543  C CG  . LYS   A 1 63  ? -3.519  17.447  5.689   1.00 27.11  ? 69  LYS   B CG  1 
ATOM   544  C CD  . LYS   A 1 63  ? -3.702  18.761  4.922   1.00 34.09  ? 69  LYS   B CD  1 
ATOM   545  C CE  . LYS   A 1 63  ? -4.885  19.564  5.405   1.00 38.00  ? 69  LYS   B CE  1 
ATOM   546  N NZ  . LYS   A 1 63  ? -5.221  20.616  4.423   1.00 43.21  ? 69  LYS   B NZ  1 
ATOM   547  N N   . MET   A 1 64  ? -0.582  13.709  5.146   1.00 21.78  ? 70  MET   B N   1 
ATOM   548  C CA  . MET   A 1 64  ? 0.601   12.871  4.828   1.00 20.79  ? 70  MET   B CA  1 
ATOM   549  C C   . MET   A 1 64  ? 0.519   12.538  3.336   1.00 18.67  ? 70  MET   B C   1 
ATOM   550  O O   . MET   A 1 64  ? -0.582  12.269  2.862   1.00 17.77  ? 70  MET   B O   1 
ATOM   551  C CB  . MET   A 1 64  ? 0.574   11.554  5.604   1.00 23.76  ? 70  MET   B CB  1 
ATOM   552  C CG  . MET   A 1 64  ? 0.903   11.635  7.082   1.00 25.21  ? 70  MET   B CG  1 
ATOM   553  S SD  . MET   A 1 64  ? -0.305  12.595  8.112   1.00 30.14  ? 70  MET   B SD  1 
ATOM   554  C CE  . MET   A 1 64  ? -1.810  11.634  7.916   1.00 28.10  ? 70  MET   B CE  1 
ATOM   555  N N   . TYR   A 1 65  ? 1.644   12.552  2.658   1.00 18.75  ? 71  TYR   B N   1 
ATOM   556  C CA  . TYR   A 1 65  ? 1.725   12.228  1.212   1.00 18.59  ? 71  TYR   B CA  1 
ATOM   557  C C   . TYR   A 1 65  ? 3.005   11.432  0.956   1.00 18.55  ? 71  TYR   B C   1 
ATOM   558  O O   . TYR   A 1 65  ? 4.106   11.834  1.421   1.00 20.00  ? 71  TYR   B O   1 
ATOM   559  C CB  . TYR   A 1 65  ? 1.726   13.515  0.393   1.00 20.12  ? 71  TYR   B CB  1 
ATOM   560  C CG  . TYR   A 1 65  ? 1.806   13.307  -1.099  1.00 18.85  ? 71  TYR   B CG  1 
ATOM   561  C CD1 . TYR   A 1 65  ? 0.687   12.928  -1.805  1.00 19.60  ? 71  TYR   B CD1 1 
ATOM   562  C CD2 . TYR   A 1 65  ? 3.016   13.417  -1.777  1.00 18.77  ? 71  TYR   B CD2 1 
ATOM   563  C CE1 . TYR   A 1 65  ? 0.758   12.654  -3.163  1.00 19.87  ? 71  TYR   B CE1 1 
ATOM   564  C CE2 . TYR   A 1 65  ? 3.092   13.161  -3.136  1.00 20.13  ? 71  TYR   B CE2 1 
ATOM   565  C CZ  . TYR   A 1 65  ? 1.967   12.780  -3.827  1.00 20.08  ? 71  TYR   B CZ  1 
ATOM   566  O OH  . TYR   A 1 65  ? 2.046   12.522  -5.169  1.00 20.95  ? 71  TYR   B OH  1 
ATOM   567  N N   . TRP   A 1 66  ? 2.899   10.369  0.163   1.00 15.72  ? 72  TRP   B N   1 
ATOM   568  C CA  . TRP   A 1 66  ? 4.084   9.619   -0.293  1.00 15.82  ? 72  TRP   B CA  1 
ATOM   569  C C   . TRP   A 1 66  ? 3.829   9.068   -1.712  1.00 15.98  ? 72  TRP   B C   1 
ATOM   570  O O   . TRP   A 1 66  ? 2.630   9.024   -2.124  1.00 16.20  ? 72  TRP   B O   1 
ATOM   571  C CB  . TRP   A 1 66  ? 4.507   8.553   0.729   1.00 15.30  ? 72  TRP   B CB  1 
ATOM   572  C CG  . TRP   A 1 66  ? 3.528   7.443   0.986   1.00 15.23  ? 72  TRP   B CG  1 
ATOM   573  C CD1 . TRP   A 1 66  ? 3.509   6.187   0.433   1.00 15.33  ? 72  TRP   B CD1 1 
ATOM   574  C CD2 . TRP   A 1 66  ? 2.455   7.459   1.943   1.00 16.85  ? 72  TRP   B CD2 1 
ATOM   575  N NE1 . TRP   A 1 66  ? 2.477   5.438   0.964   1.00 14.94  ? 72  TRP   B NE1 1 
ATOM   576  C CE2 . TRP   A 1 66  ? 1.819   6.202   1.899   1.00 15.28  ? 72  TRP   B CE2 1 
ATOM   577  C CE3 . TRP   A 1 66  ? 1.982   8.429   2.835   1.00 20.07  ? 72  TRP   B CE3 1 
ATOM   578  C CZ2 . TRP   A 1 66  ? 0.715   5.904   2.694   1.00 16.31  ? 72  TRP   B CZ2 1 
ATOM   579  C CZ3 . TRP   A 1 66  ? 0.933   8.113   3.672   1.00 19.86  ? 72  TRP   B CZ3 1 
ATOM   580  C CH2 . TRP   A 1 66  ? 0.273   6.890   3.558   1.00 18.64  ? 72  TRP   B CH2 1 
ATOM   581  N N   . GLU   A 1 67  ? 4.899   8.626   -2.394  1.00 16.13  ? 73  GLU   B N   1 
ATOM   582  C CA  . GLU   A 1 67  ? 4.809   8.074   -3.779  1.00 15.77  ? 73  GLU   B CA  1 
ATOM   583  C C   . GLU   A 1 67  ? 5.505   6.725   -3.854  1.00 16.42  ? 73  GLU   B C   1 
ATOM   584  O O   . GLU   A 1 67  ? 6.521   6.525   -3.160  1.00 16.16  ? 73  GLU   B O   1 
ATOM   585  C CB  . GLU   A 1 67  ? 5.413   9.043   -4.784  1.00 17.29  ? 73  GLU   B CB  1 
ATOM   586  C CG  . GLU   A 1 67  ? 4.565   10.318  -4.943  1.00 18.64  ? 73  GLU   B CG  1 
ATOM   587  C CD  . GLU   A 1 67  ? 5.099   11.335  -5.934  1.00 22.83  ? 73  GLU   B CD  1 
ATOM   588  O OE1 . GLU   A 1 67  ? 6.166   11.057  -6.513  1.00 21.88  ? 73  GLU   B OE1 1 
ATOM   589  O OE2 . GLU   A 1 67  ? 4.474   12.432  -6.092  1.00 20.34  ? 73  GLU   B OE2 1 
ATOM   590  N N   . VAL   A 1 68  ? 4.875   5.818   -4.595  1.00 15.67  ? 74  VAL   B N   1 
ATOM   591  C CA  . VAL   A 1 68  ? 5.393   4.445   -4.796  1.00 15.48  ? 74  VAL   B CA  1 
ATOM   592  C C   . VAL   A 1 68  ? 5.565   4.165   -6.297  1.00 15.25  ? 74  VAL   B C   1 
ATOM   593  O O   . VAL   A 1 68  ? 4.612   4.417   -7.094  1.00 14.27  ? 74  VAL   B O   1 
ATOM   594  C CB  . VAL   A 1 68  ? 4.444   3.415   -4.153  1.00 15.68  ? 74  VAL   B CB  1 
ATOM   595  C CG1 . VAL   A 1 68  ? 5.055   2.031   -4.200  1.00 16.24  ? 74  VAL   B CG1 1 
ATOM   596  C CG2 . VAL   A 1 68  ? 4.060   3.770   -2.732  1.00 16.96  ? 74  VAL   B CG2 1 
ATOM   597  N N   . ASP   A 1 69  ? 6.697   3.552   -6.644  1.00 15.81  ? 75  ASP   B N   1 
ATOM   598  C CA  . ASP   A 1 69  ? 7.034   3.083   -8.008  1.00 16.33  ? 75  ASP   B CA  1 
ATOM   599  C C   . ASP   A 1 69  ? 6.515   1.657   -8.136  1.00 15.55  ? 75  ASP   B C   1 
ATOM   600  O O   . ASP   A 1 69  ? 6.827   0.815   -7.230  1.00 17.32  ? 75  ASP   B O   1 
ATOM   601  C CB  . ASP   A 1 69  ? 8.540   3.205   -8.248  1.00 20.23  ? 75  ASP   B CB  1 
ATOM   602  C CG  . ASP   A 1 69  ? 8.885   3.054   -9.713  1.00 24.65  ? 75  ASP   B CG  1 
ATOM   603  O OD1 . ASP   A 1 69  ? 8.535   2.017   -10.289 1.00 24.12  ? 75  ASP   B OD1 1 
ATOM   604  O OD2 . ASP   A 1 69  ? 9.368   4.032   -10.297 1.00 34.28  ? 75  ASP   B OD2 1 
ATOM   605  N N   . VAL   A 1 70  ? 5.658   1.427   -9.125  1.00 16.15  ? 76  VAL   B N   1 
ATOM   606  C CA  . VAL   A 1 70  ? 5.039   0.126   -9.445  1.00 17.31  ? 76  VAL   B CA  1 
ATOM   607  C C   . VAL   A 1 70  ? 5.521   -0.370  -10.823 1.00 18.42  ? 76  VAL   B C   1 
ATOM   608  O O   . VAL   A 1 70  ? 4.880   -1.257  -11.364 1.00 19.12  ? 76  VAL   B O   1 
ATOM   609  C CB  . VAL   A 1 70  ? 3.508   0.227   -9.358  1.00 16.76  ? 76  VAL   B CB  1 
ATOM   610  C CG1 . VAL   A 1 70  ? 3.100   0.609   -7.931  1.00 17.31  ? 76  VAL   B CG1 1 
ATOM   611  C CG2 . VAL   A 1 70  ? 2.876   1.154   -10.391 1.00 17.26  ? 76  VAL   B CG2 1 
ATOM   612  N N   . THR   A 1 71  ? 6.584   0.219   -11.382 1.00 18.11  ? 77  THR   B N   1 
ATOM   613  C CA  . THR   A 1 71  ? 7.106   -0.147  -12.708 1.00 19.86  ? 77  THR   B CA  1 
ATOM   614  C C   . THR   A 1 71  ? 7.205   -1.673  -12.853 1.00 21.09  ? 77  THR   B C   1 
ATOM   615  O O   . THR   A 1 71  ? 7.757   -2.316  -11.951 1.00 19.12  ? 77  THR   B O   1 
ATOM   616  C CB  . THR   A 1 71  ? 8.479   0.496   -12.920 1.00 20.54  ? 77  THR   B CB  1 
ATOM   617  O OG1 . THR   A 1 71  ? 8.277   1.915   -12.953 1.00 25.29  ? 77  THR   B OG1 1 
ATOM   618  C CG2 . THR   A 1 71  ? 9.087   0.014   -14.219 1.00 25.55  ? 77  THR   B CG2 1 
ATOM   619  N N   . GLN   A 1 72  ? 6.673   -2.200  -13.962 0.18 19.22  ? 78  GLN   B N   1 
ATOM   620  C CA  . GLN   A 1 72  ? 6.827   -3.603  -14.435 0.18 18.92  ? 78  GLN   B CA  1 
ATOM   621  C C   . GLN   A 1 72  ? 6.239   -4.595  -13.426 0.18 19.05  ? 78  GLN   B C   1 
ATOM   622  O O   . GLN   A 1 72  ? 6.739   -5.739  -13.361 0.18 18.71  ? 78  GLN   B O   1 
ATOM   623  C CB  . GLN   A 1 72  ? 8.298   -3.905  -14.726 0.18 18.58  ? 78  GLN   B CB  1 
ATOM   624  C CG  . GLN   A 1 72  ? 8.680   -3.620  -16.167 0.18 18.08  ? 78  GLN   B CG  1 
ATOM   625  C CD  . GLN   A 1 72  ? 7.850   -4.425  -17.138 0.18 17.25  ? 78  GLN   B CD  1 
ATOM   626  O OE1 . GLN   A 1 72  ? 7.994   -5.638  -17.247 0.18 17.10  ? 78  GLN   B OE1 1 
ATOM   627  N NE2 . GLN   A 1 72  ? 6.958   -3.752  -17.844 0.18 16.69  ? 78  GLN   B NE2 1 
ATOM   628  N N   . LYS   A 1 73  ? 5.228   -4.179  -12.664 1.00 18.70  ? 79  LYS   B N   1 
ATOM   629  C CA  . LYS   A 1 73  ? 4.476   -5.133  -11.825 1.00 17.93  ? 79  LYS   B CA  1 
ATOM   630  C C   . LYS   A 1 73  ? 3.137   -5.455  -12.506 1.00 17.44  ? 79  LYS   B C   1 
ATOM   631  O O   . LYS   A 1 73  ? 2.493   -4.558  -13.086 1.00 19.39  ? 79  LYS   B O   1 
ATOM   632  C CB  . LYS   A 1 73  ? 4.339   -4.570  -10.414 1.00 17.29  ? 79  LYS   B CB  1 
ATOM   633  C CG  . LYS   A 1 73  ? 5.643   -4.513  -9.629  1.00 17.96  ? 79  LYS   B CG  1 
ATOM   634  C CD  . LYS   A 1 73  ? 5.435   -4.304  -8.157  1.00 19.32  ? 79  LYS   B CD  1 
ATOM   635  C CE  . LYS   A 1 73  ? 4.829   -5.481  -7.410  1.00 16.90  ? 79  LYS   B CE  1 
ATOM   636  N NZ  . LYS   A 1 73  ? 5.570   -6.759  -7.633  1.00 17.99  ? 79  LYS   B NZ  1 
ATOM   637  N N   . GLU   A 1 74  ? 2.740   -6.711  -12.409 1.00 15.98  ? 80  GLU   B N   1 
ATOM   638  C CA  . GLU   A 1 74  ? 1.472   -7.291  -12.885 1.00 17.36  ? 80  GLU   B CA  1 
ATOM   639  C C   . GLU   A 1 74  ? 0.395   -7.199  -11.805 1.00 15.86  ? 80  GLU   B C   1 
ATOM   640  O O   . GLU   A 1 74  ? -0.807  -7.328  -12.126 1.00 15.07  ? 80  GLU   B O   1 
ATOM   641  C CB  . GLU   A 1 74  ? 1.682   -8.768  -13.238 1.00 19.83  ? 80  GLU   B CB  1 
ATOM   642  C CG  . GLU   A 1 74  ? 2.592   -8.985  -14.425 1.00 22.45  ? 80  GLU   B CG  1 
ATOM   643  C CD  . GLU   A 1 74  ? 2.744   -10.478 -14.755 1.00 23.88  ? 80  GLU   B CD  1 
ATOM   644  O OE1 . GLU   A 1 74  ? 3.208   -10.783 -15.873 1.00 26.62  ? 80  GLU   B OE1 1 
ATOM   645  O OE2 . GLU   A 1 74  ? 2.449   -11.325 -13.862 1.00 25.29  ? 80  GLU   B OE2 1 
ATOM   646  N N   . ALA   A 1 75  ? 0.811   -7.154  -10.538 1.00 16.20  ? 81  ALA   B N   1 
ATOM   647  C CA  . ALA   A 1 75  ? -0.143  -7.203  -9.421  1.00 15.18  ? 81  ALA   B CA  1 
ATOM   648  C C   . ALA   A 1 75  ? 0.457   -6.527  -8.193  1.00 15.69  ? 81  ALA   B C   1 
ATOM   649  O O   . ALA   A 1 75  ? 1.619   -6.752  -7.883  1.00 14.50  ? 81  ALA   B O   1 
ATOM   650  C CB  . ALA   A 1 75  ? -0.546  -8.632  -9.150  1.00 15.81  ? 81  ALA   B CB  1 
ATOM   651  N N   . TRP   A 1 76  ? -0.363  -5.744  -7.497  1.00 14.10  ? 82  TRP   B N   1 
ATOM   652  C CA  . TRP   A 1 76  ? 0.038   -5.046  -6.244  1.00 14.29  ? 82  TRP   B CA  1 
ATOM   653  C C   . TRP   A 1 76  ? -1.195  -4.479  -5.576  1.00 13.13  ? 82  TRP   B C   1 
ATOM   654  O O   . TRP   A 1 76  ? -2.213  -4.278  -6.278  1.00 13.96  ? 82  TRP   B O   1 
ATOM   655  C CB  . TRP   A 1 76  ? 1.070   -3.951  -6.540  1.00 14.33  ? 82  TRP   B CB  1 
ATOM   656  C CG  . TRP   A 1 76  ? 0.753   -2.988  -7.637  1.00 14.79  ? 82  TRP   B CG  1 
ATOM   657  C CD1 . TRP   A 1 76  ? 1.199   -3.062  -8.928  1.00 14.99  ? 82  TRP   B CD1 1 
ATOM   658  C CD2 . TRP   A 1 76  ? -0.149  -1.871  -7.627  1.00 13.90  ? 82  TRP   B CD2 1 
ATOM   659  N NE1 . TRP   A 1 76  ? 0.733   -2.026  -9.678  1.00 15.80  ? 82  TRP   B NE1 1 
ATOM   660  C CE2 . TRP   A 1 76  ? -0.144  -1.301  -8.922  1.00 15.22  ? 82  TRP   B CE2 1 
ATOM   661  C CE3 . TRP   A 1 76  ? -0.970  -1.308  -6.644  1.00 15.00  ? 82  TRP   B CE3 1 
ATOM   662  C CZ2 . TRP   A 1 76  ? -0.880  -0.175  -9.252  1.00 14.08  ? 82  TRP   B CZ2 1 
ATOM   663  C CZ3 . TRP   A 1 76  ? -1.732  -0.215  -6.979  1.00 14.04  ? 82  TRP   B CZ3 1 
ATOM   664  C CH2 . TRP   A 1 76  ? -1.678  0.352   -8.266  1.00 15.20  ? 82  TRP   B CH2 1 
ATOM   665  N N   . ASP   A 1 77  ? -1.072  -4.167  -4.281  1.00 13.78  ? 83  ASP   B N   1 
ATOM   666  C CA  . ASP   A 1 77  ? -2.075  -3.380  -3.534  1.00 14.25  ? 83  ASP   B CA  1 
ATOM   667  C C   . ASP   A 1 77  ? -1.299  -2.252  -2.845  1.00 13.57  ? 83  ASP   B C   1 
ATOM   668  O O   . ASP   A 1 77  ? -0.209  -2.530  -2.303  1.00 13.76  ? 83  ASP   B O   1 
ATOM   669  C CB  . ASP   A 1 77  ? -2.858  -4.178  -2.493  1.00 17.20  ? 83  ASP   B CB  1 
ATOM   670  C CG  . ASP   A 1 77  ? -3.400  -5.551  -2.847  1.00 19.65  ? 83  ASP   B CG  1 
ATOM   671  O OD1 . ASP   A 1 77  ? -3.794  -5.738  -3.968  1.00 21.67  ? 83  ASP   B OD1 1 
ATOM   672  O OD2 . ASP   A 1 77  ? -3.389  -6.441  -1.951  1.00 22.41  ? 83  ASP   B OD2 1 
ATOM   673  N N   . LEU   A 1 78  ? -1.883  -1.061  -2.789  1.00 14.17  ? 84  LEU   B N   1 
ATOM   674  C CA  . LEU   A 1 78  ? -1.287  0.108   -2.098  1.00 14.19  ? 84  LEU   B CA  1 
ATOM   675  C C   . LEU   A 1 78  ? -2.359  0.870   -1.334  1.00 12.65  ? 84  LEU   B C   1 
ATOM   676  O O   . LEU   A 1 78  ? -3.471  0.973   -1.818  1.00 12.65  ? 84  LEU   B O   1 
ATOM   677  C CB  . LEU   A 1 78  ? -0.632  1.050   -3.100  1.00 14.72  ? 84  LEU   B CB  1 
ATOM   678  C CG  . LEU   A 1 78  ? 0.673   0.566   -3.703  1.00 15.70  ? 84  LEU   B CG  1 
ATOM   679  C CD1 . LEU   A 1 78  ? 1.059   1.541   -4.807  1.00 16.99  ? 84  LEU   B CD1 1 
ATOM   680  C CD2 . LEU   A 1 78  ? 1.748   0.420   -2.632  1.00 16.34  ? 84  LEU   B CD2 1 
ATOM   681  N N   . GLY   A 1 79  ? -1.990  1.415   -0.196  1.00 11.87  ? 85  GLY   B N   1 
ATOM   682  C CA  . GLY   A 1 79  ? -2.800  2.445   0.461   1.00 13.10  ? 85  GLY   B CA  1 
ATOM   683  C C   . GLY   A 1 79  ? -2.396  2.613   1.902   1.00 12.19  ? 85  GLY   B C   1 
ATOM   684  O O   . GLY   A 1 79  ? -1.193  2.749   2.178   1.00 12.08  ? 85  GLY   B O   1 
ATOM   685  N N   A VAL   A 1 80  ? -3.390  2.672   2.792   0.25 12.80  ? 86  VAL   B N   1 
ATOM   686  N N   B VAL   A 1 80  ? -3.374  2.612   2.806   0.25 12.79  ? 86  VAL   B N   1 
ATOM   687  C CA  A VAL   A 1 80  ? -3.199  2.782   4.266   0.25 12.62  ? 86  VAL   B CA  1 
ATOM   688  C CA  B VAL   A 1 80  ? -3.166  2.831   4.263   0.25 12.59  ? 86  VAL   B CA  1 
ATOM   689  C C   A VAL   A 1 80  ? -4.101  1.768   4.961   0.25 12.77  ? 86  VAL   B C   1 
ATOM   690  C C   B VAL   A 1 80  ? -4.132  1.893   4.996   0.25 12.83  ? 86  VAL   B C   1 
ATOM   691  O O   A VAL   A 1 80  ? -5.075  1.273   4.354   0.25 13.12  ? 86  VAL   B O   1 
ATOM   692  O O   B VAL   A 1 80  ? -5.167  1.523   4.409   0.25 13.53  ? 86  VAL   B O   1 
ATOM   693  C CB  A VAL   A 1 80  ? -3.499  4.198   4.793   0.25 13.51  ? 86  VAL   B CB  1 
ATOM   694  C CB  B VAL   A 1 80  ? -3.373  4.324   4.613   0.25 13.38  ? 86  VAL   B CB  1 
ATOM   695  C CG1 A VAL   A 1 80  ? -2.384  5.160   4.444   0.25 13.35  ? 86  VAL   B CG1 1 
ATOM   696  C CG1 B VAL   A 1 80  ? -4.843  4.683   4.675   0.25 13.38  ? 86  VAL   B CG1 1 
ATOM   697  C CG2 A VAL   A 1 80  ? -4.834  4.714   4.298   0.25 13.53  ? 86  VAL   B CG2 1 
ATOM   698  C CG2 B VAL   A 1 80  ? -2.668  4.743   5.896   0.25 13.18  ? 86  VAL   B CG2 1 
ATOM   699  N N   . CYS   A 1 81  ? -3.785  1.482   6.216   1.00 12.68  ? 87  CYS   B N   1 
ATOM   700  C CA  . CYS   A 1 81  ? -4.637  0.589   7.015   1.00 13.91  ? 87  CYS   B CA  1 
ATOM   701  C C   . CYS   A 1 81  ? -4.532  0.986   8.488   1.00 13.98  ? 87  CYS   B C   1 
ATOM   702  O O   . CYS   A 1 81  ? -3.567  1.674   8.879   1.00 12.77  ? 87  CYS   B O   1 
ATOM   703  C CB  . CYS   A 1 81  ? -4.307  -0.872  6.767   1.00 14.20  ? 87  CYS   B CB  1 
ATOM   704  S SG  . CYS   A 1 81  ? -2.675  -1.337  7.394   1.00 16.25  ? 87  CYS   B SG  1 
ATOM   705  N N   A ARG   A 1 82  ? -5.506  0.536   9.280   0.25 12.95  ? 88  ARG   B N   1 
ATOM   706  N N   B ARG   A 1 82  ? -5.511  0.558   9.283   0.25 15.10  ? 88  ARG   B N   1 
ATOM   707  C CA  A ARG   A 1 82  ? -5.465  0.638   10.763  0.25 13.15  ? 88  ARG   B CA  1 
ATOM   708  C CA  B ARG   A 1 82  ? -5.506  0.698   10.764  0.25 16.86  ? 88  ARG   B CA  1 
ATOM   709  C C   A ARG   A 1 82  ? -4.249  -0.122  11.287  0.25 14.13  ? 88  ARG   B C   1 
ATOM   710  C C   B ARG   A 1 82  ? -4.349  -0.133  11.339  0.25 16.30  ? 88  ARG   B C   1 
ATOM   711  O O   A ARG   A 1 82  ? -3.895  -1.187  10.739  0.25 14.08  ? 88  ARG   B O   1 
ATOM   712  O O   B ARG   A 1 82  ? -4.151  -1.275  10.868  0.25 16.00  ? 88  ARG   B O   1 
ATOM   713  C CB  A ARG   A 1 82  ? -6.745  0.080   11.398  0.25 12.40  ? 88  ARG   B CB  1 
ATOM   714  C CB  B ARG   A 1 82  ? -6.868  0.244   11.306  0.25 19.10  ? 88  ARG   B CB  1 
ATOM   715  C CG  A ARG   A 1 82  ? -7.985  0.880   11.042  0.25 11.17  ? 88  ARG   B CG  1 
ATOM   716  C CG  B ARG   A 1 82  ? -7.213  0.789   12.682  0.25 21.15  ? 88  ARG   B CG  1 
ATOM   717  C CD  A ARG   A 1 82  ? -9.217  0.331   11.727  0.25 11.19  ? 88  ARG   B CD  1 
ATOM   718  C CD  B ARG   A 1 82  ? -8.590  0.353   13.129  0.25 21.92  ? 88  ARG   B CD  1 
ATOM   719  N NE  A ARG   A 1 82  ? -10.432 0.960   11.233  0.25 10.23  ? 88  ARG   B NE  1 
ATOM   720  N NE  B ARG   A 1 82  ? -9.662  0.877   12.301  0.25 24.58  ? 88  ARG   B NE  1 
ATOM   721  C CZ  A ARG   A 1 82  ? -11.588 0.326   11.065  0.25 10.29  ? 88  ARG   B CZ  1 
ATOM   722  C CZ  B ARG   A 1 82  ? -10.636 0.133   11.791  0.25 25.29  ? 88  ARG   B CZ  1 
ATOM   723  N NH1 A ARG   A 1 82  ? -11.666 -0.977  11.270  0.25 10.20  ? 88  ARG   B NH1 1 
ATOM   724  N NH1 B ARG   A 1 82  ? -10.658 -1.166  12.034  0.25 26.89  ? 88  ARG   B NH1 1 
ATOM   725  N NH2 A ARG   A 1 82  ? -12.638 0.981   10.601  0.25 10.25  ? 88  ARG   B NH2 1 
ATOM   726  N NH2 B ARG   A 1 82  ? -11.596 0.686   11.074  0.25 25.37  ? 88  ARG   B NH2 1 
ATOM   727  N N   . ASP   A 1 83  ? -3.630  0.394   12.346  1.00 15.96  ? 89  ASP   B N   1 
ATOM   728  C CA  . ASP   A 1 83  ? -2.556  -0.363  13.051  1.00 18.72  ? 89  ASP   B CA  1 
ATOM   729  C C   . ASP   A 1 83  ? -3.130  -1.675  13.591  1.00 19.98  ? 89  ASP   B C   1 
ATOM   730  O O   . ASP   A 1 83  ? -2.354  -2.656  13.726  1.00 22.46  ? 89  ASP   B O   1 
ATOM   731  C CB  . ASP   A 1 83  ? -1.927  0.495   14.144  1.00 25.63  ? 89  ASP   B CB  1 
ATOM   732  C CG  . ASP   A 1 83  ? -2.840  0.836   15.284  1.00 33.70  ? 89  ASP   B CG  1 
ATOM   733  O OD1 . ASP   A 1 83  ? -4.088  0.626   15.151  1.00 44.71  ? 89  ASP   B OD1 1 
ATOM   734  O OD2 . ASP   A 1 83  ? -2.277  1.260   16.348  1.00 51.38  ? 89  ASP   B OD2 1 
ATOM   735  N N   . SER   A 1 84  ? -4.435  -1.754  13.822  1.00 18.65  ? 90  SER   B N   1 
ATOM   736  C CA  . SER   A 1 84  ? -5.097  -2.913  14.454  1.00 20.35  ? 90  SER   B CA  1 
ATOM   737  C C   . SER   A 1 84  ? -5.599  -3.958  13.454  1.00 18.01  ? 90  SER   B C   1 
ATOM   738  O O   . SER   A 1 84  ? -6.292  -4.848  13.882  1.00 19.08  ? 90  SER   B O   1 
ATOM   739  C CB  . SER   A 1 84  ? -6.209  -2.436  15.405  1.00 22.75  ? 90  SER   B CB  1 
ATOM   740  O OG  . SER   A 1 84  ? -7.181  -1.675  14.717  1.00 23.91  ? 90  SER   B OG  1 
ATOM   741  N N   . VAL   A 1 85  ? -5.264  -3.881  12.154  1.00 16.53  ? 91  VAL   B N   1 
ATOM   742  C CA  . VAL   A 1 85  ? -5.756  -4.866  11.166  1.00 16.46  ? 91  VAL   B CA  1 
ATOM   743  C C   . VAL   A 1 85  ? -5.264  -6.261  11.541  1.00 16.66  ? 91  VAL   B C   1 
ATOM   744  O O   . VAL   A 1 85  ? -4.146  -6.410  12.103  1.00 17.02  ? 91  VAL   B O   1 
ATOM   745  C CB  . VAL   A 1 85  ? -5.421  -4.549  9.694   1.00 16.24  ? 91  VAL   B CB  1 
ATOM   746  C CG1 . VAL   A 1 85  ? -6.148  -3.291  9.257   1.00 16.79  ? 91  VAL   B CG1 1 
ATOM   747  C CG2 . VAL   A 1 85  ? -3.931  -4.490  9.405   1.00 16.75  ? 91  VAL   B CG2 1 
ATOM   748  N N   . GLN   A 1 86  ? -6.138  -7.201  11.235  1.00 18.73  ? 92  GLN   B N   1 
ATOM   749  C CA  . GLN   A 1 86  ? -5.860  -8.661  11.257  1.00 21.19  ? 92  GLN   B CA  1 
ATOM   750  C C   . GLN   A 1 86  ? -4.563  -8.916  10.484  1.00 19.71  ? 92  GLN   B C   1 
ATOM   751  O O   . GLN   A 1 86  ? -4.425  -8.425  9.327   1.00 18.73  ? 92  GLN   B O   1 
ATOM   752  C CB  . GLN   A 1 86  ? -7.080  -9.393  10.687  1.00 23.37  ? 92  GLN   B CB  1 
ATOM   753  C CG  . GLN   A 1 86  ? -6.928  -10.894 10.561  1.00 26.19  ? 92  GLN   B CG  1 
ATOM   754  C CD  . GLN   A 1 86  ? -8.143  -11.489 9.877   1.00 30.99  ? 92  GLN   B CD  1 
ATOM   755  O OE1 . GLN   A 1 86  ? -9.213  -10.857 9.751   1.00 27.85  ? 92  GLN   B OE1 1 
ATOM   756  N NE2 . GLN   A 1 86  ? -7.970  -12.708 9.375   1.00 34.09  ? 92  GLN   B NE2 1 
ATOM   757  N N   . ARG   A 1 87  ? -3.679  -9.746  11.050  1.00 17.77  ? 93  ARG   B N   1 
ATOM   758  C CA  . ARG   A 1 87  ? -2.423  -10.161 10.374  1.00 18.26  ? 93  ARG   B CA  1 
ATOM   759  C C   . ARG   A 1 87  ? -2.501  -11.607 9.880   1.00 18.86  ? 93  ARG   B C   1 
ATOM   760  O O   . ARG   A 1 87  ? -1.819  -11.897 8.893   1.00 16.06  ? 93  ARG   B O   1 
ATOM   761  C CB  . ARG   A 1 87  ? -1.216  -9.996  11.294  1.00 17.75  ? 93  ARG   B CB  1 
ATOM   762  C CG  . ARG   A 1 87  ? -1.118  -8.633  11.949  1.00 18.06  ? 93  ARG   B CG  1 
ATOM   763  C CD  . ARG   A 1 87  ? -1.049  -7.475  10.957  1.00 19.20  ? 93  ARG   B CD  1 
ATOM   764  N NE  . ARG   A 1 87  ? -1.142  -6.181  11.655  1.00 19.78  ? 93  ARG   B NE  1 
ATOM   765  C CZ  . ARG   A 1 87  ? -0.138  -5.473  12.134  1.00 18.85  ? 93  ARG   B CZ  1 
ATOM   766  N NH1 . ARG   A 1 87  ? 1.107   -5.893  12.022  1.00 19.57  ? 93  ARG   B NH1 1 
ATOM   767  N NH2 . ARG   A 1 87  ? -0.386  -4.344  12.775  1.00 18.39  ? 93  ARG   B NH2 1 
ATOM   768  N N   . LYS   A 1 88  ? -3.292  -12.479 10.510  1.00 19.45  ? 94  LYS   B N   1 
ATOM   769  C CA  . LYS   A 1 88  ? -3.186  -13.940 10.280  1.00 19.84  ? 94  LYS   B CA  1 
ATOM   770  C C   . LYS   A 1 88  ? -4.451  -14.446 9.612   1.00 23.34  ? 94  LYS   B C   1 
ATOM   771  O O   . LYS   A 1 88  ? -5.519  -13.899 9.905   1.00 23.51  ? 94  LYS   B O   1 
ATOM   772  C CB  . LYS   A 1 88  ? -2.940  -14.655 11.607  1.00 20.95  ? 94  LYS   B CB  1 
ATOM   773  C CG  . LYS   A 1 88  ? -1.818  -14.077 12.450  1.00 20.68  ? 94  LYS   B CG  1 
ATOM   774  C CD  . LYS   A 1 88  ? -0.462  -14.097 11.752  1.00 21.47  ? 94  LYS   B CD  1 
ATOM   775  C CE  . LYS   A 1 88  ? 0.678   -13.862 12.700  1.00 21.00  ? 94  LYS   B CE  1 
ATOM   776  N NZ  . LYS   A 1 88  ? 1.992   -13.832 12.013  1.00 21.66  ? 94  LYS   B NZ  1 
ATOM   777  N N   . GLY   A 1 89  ? -4.285  -15.399 8.706   1.00 21.38  ? 95  GLY   B N   1 
ATOM   778  C CA  . GLY   A 1 89  ? -5.379  -16.029 7.961   1.00 23.85  ? 95  GLY   B CA  1 
ATOM   779  C C   . GLY   A 1 89  ? -5.902  -15.164 6.847   1.00 24.06  ? 95  GLY   B C   1 
ATOM   780  O O   . GLY   A 1 89  ? -5.174  -14.233 6.384   1.00 21.87  ? 95  GLY   B O   1 
ATOM   781  N N   . GLN   A 1 90  ? -7.090  -15.493 6.382   1.00 24.00  ? 96  GLN   B N   1 
ATOM   782  C CA  . GLN   A 1 90  ? -7.673  -14.939 5.152   1.00 25.25  ? 96  GLN   B CA  1 
ATOM   783  C C   . GLN   A 1 90  ? -8.558  -13.759 5.516   1.00 21.94  ? 96  GLN   B C   1 
ATOM   784  O O   . GLN   A 1 90  ? -9.181  -13.772 6.604   1.00 22.82  ? 96  GLN   B O   1 
ATOM   785  C CB  . GLN   A 1 90  ? -8.439  -16.012 4.392   1.00 30.83  ? 96  GLN   B CB  1 
ATOM   786  C CG  . GLN   A 1 90  ? -7.532  -17.001 3.696   1.00 36.57  ? 96  GLN   B CG  1 
ATOM   787  C CD  . GLN   A 1 90  ? -8.340  -18.155 3.177   1.00 46.37  ? 96  GLN   B CD  1 
ATOM   788  O OE1 . GLN   A 1 90  ? -8.695  -18.199 2.001   1.00 56.70  ? 96  GLN   B OE1 1 
ATOM   789  N NE2 . GLN   A 1 90  ? -8.667  -19.071 4.072   1.00 51.14  ? 96  GLN   B NE2 1 
ATOM   790  N N   . PHE   A 1 91  ? -8.515  -12.720 4.707   1.00 18.96  ? 97  PHE   B N   1 
ATOM   791  C CA  . PHE   A 1 91  ? -9.357  -11.512 4.877   1.00 21.10  ? 97  PHE   B CA  1 
ATOM   792  C C   . PHE   A 1 91  ? -9.445  -10.763 3.563   1.00 20.78  ? 97  PHE   B C   1 
ATOM   793  O O   . PHE   A 1 91  ? -8.584  -10.952 2.655   1.00 22.49  ? 97  PHE   B O   1 
ATOM   794  C CB  . PHE   A 1 91  ? -8.820  -10.608 5.982   1.00 21.81  ? 97  PHE   B CB  1 
ATOM   795  C CG  . PHE   A 1 91  ? -7.397  -10.148 5.803   1.00 20.31  ? 97  PHE   B CG  1 
ATOM   796  C CD1 . PHE   A 1 91  ? -7.107  -9.026  5.050   1.00 22.36  ? 97  PHE   B CD1 1 
ATOM   797  C CD2 . PHE   A 1 91  ? -6.355  -10.831 6.406   1.00 20.80  ? 97  PHE   B CD2 1 
ATOM   798  C CE1 . PHE   A 1 91  ? -5.799  -8.595  4.881   1.00 21.13  ? 97  PHE   B CE1 1 
ATOM   799  C CE2 . PHE   A 1 91  ? -5.050  -10.397 6.266   1.00 21.26  ? 97  PHE   B CE2 1 
ATOM   800  C CZ  . PHE   A 1 91  ? -4.770  -9.282  5.507   1.00 21.81  ? 97  PHE   B CZ  1 
ATOM   801  N N   A SER   A 1 92  ? -10.496 -9.954  3.415   0.25 21.36  ? 98  SER   B N   1 
ATOM   802  N N   B SER   A 1 92  ? -10.488 -9.936  3.445   0.25 20.74  ? 98  SER   B N   1 
ATOM   803  C CA  A SER   A 1 92  ? -10.692 -9.050  2.251   0.25 21.83  ? 98  SER   B CA  1 
ATOM   804  C CA  B SER   A 1 92  ? -10.735 -9.032  2.292   0.25 20.86  ? 98  SER   B CA  1 
ATOM   805  C C   A SER   A 1 92  ? -10.162 -7.654  2.598   0.25 20.54  ? 98  SER   B C   1 
ATOM   806  C C   B SER   A 1 92  ? -10.186 -7.634  2.605   0.25 19.99  ? 98  SER   B C   1 
ATOM   807  O O   A SER   A 1 92  ? -10.187 -7.284  3.794   0.25 19.89  ? 98  SER   B O   1 
ATOM   808  O O   B SER   A 1 92  ? -10.217 -7.240  3.793   0.25 19.41  ? 98  SER   B O   1 
ATOM   809  C CB  A SER   A 1 92  ? -12.138 -8.993  1.849   0.25 23.97  ? 98  SER   B CB  1 
ATOM   810  C CB  B SER   A 1 92  ? -12.207 -8.990  1.970   0.25 22.07  ? 98  SER   B CB  1 
ATOM   811  O OG  A SER   A 1 92  ? -12.951 -8.774  2.987   0.25 25.44  ? 98  SER   B OG  1 
ATOM   812  O OG  B SER   A 1 92  ? -12.664 -10.281 1.592   0.25 22.11  ? 98  SER   B OG  1 
ATOM   813  N N   . LEU   A 1 93  ? -9.691  -6.929  1.582   1.00 19.28  ? 99  LEU   B N   1 
ATOM   814  C CA  . LEU   A 1 93  ? -9.249  -5.520  1.708   1.00 20.74  ? 99  LEU   B CA  1 
ATOM   815  C C   . LEU   A 1 93  ? -10.488 -4.651  1.558   1.00 21.16  ? 99  LEU   B C   1 
ATOM   816  O O   . LEU   A 1 93  ? -10.991 -4.509  0.452   1.00 23.45  ? 99  LEU   B O   1 
ATOM   817  C CB  . LEU   A 1 93  ? -8.221  -5.176  0.625   1.00 20.96  ? 99  LEU   B CB  1 
ATOM   818  C CG  . LEU   A 1 93  ? -6.873  -5.877  0.698   1.00 22.72  ? 99  LEU   B CG  1 
ATOM   819  C CD1 . LEU   A 1 93  ? -5.965  -5.413  -0.443  1.00 25.89  ? 99  LEU   B CD1 1 
ATOM   820  C CD2 . LEU   A 1 93  ? -6.194  -5.628  2.032   1.00 23.87  ? 99  LEU   B CD2 1 
ATOM   821  N N   . SER   A 1 94  ? -11.011 -4.110  2.653   1.00 18.73  ? 100 SER   B N   1 
ATOM   822  C CA  . SER   A 1 94  ? -12.216 -3.274  2.650   1.00 19.16  ? 100 SER   B CA  1 
ATOM   823  C C   . SER   A 1 94  ? -12.097 -2.279  3.793   1.00 17.09  ? 100 SER   B C   1 
ATOM   824  O O   . SER   A 1 94  ? -11.437 -2.575  4.796   1.00 15.73  ? 100 SER   B O   1 
ATOM   825  C CB  . SER   A 1 94  ? -13.467 -4.116  2.806   1.00 19.75  ? 100 SER   B CB  1 
ATOM   826  O OG  . SER   A 1 94  ? -13.499 -4.689  4.107   1.00 23.53  ? 100 SER   B OG  1 
ATOM   827  N N   . PRO   A 1 95  ? -12.784 -1.127  3.716   1.00 17.00  ? 101 PRO   B N   1 
ATOM   828  C CA  . PRO   A 1 95  ? -12.820 -0.197  4.840   1.00 16.29  ? 101 PRO   B CA  1 
ATOM   829  C C   . PRO   A 1 95  ? -13.386 -0.855  6.102   1.00 17.67  ? 101 PRO   B C   1 
ATOM   830  O O   . PRO   A 1 95  ? -12.899 -0.519  7.161   1.00 16.61  ? 101 PRO   B O   1 
ATOM   831  C CB  . PRO   A 1 95  ? -13.684 0.950   4.307   1.00 18.51  ? 101 PRO   B CB  1 
ATOM   832  C CG  . PRO   A 1 95  ? -13.377 0.917   2.819   1.00 17.29  ? 101 PRO   B CG  1 
ATOM   833  C CD  . PRO   A 1 95  ? -13.414 -0.559  2.518   1.00 17.30  ? 101 PRO   B CD  1 
ATOM   834  N N   . GLU   A 1 96  ? -14.336 -1.788  5.966   1.00 18.42  ? 102 GLU   B N   1 
ATOM   835  C CA  . GLU   A 1 96  ? -14.903 -2.488  7.155   1.00 24.77  ? 102 GLU   B CA  1 
ATOM   836  C C   . GLU   A 1 96  ? -13.802 -3.234  7.897   1.00 22.82  ? 102 GLU   B C   1 
ATOM   837  O O   . GLU   A 1 96  ? -13.830 -3.260  9.165   1.00 22.93  ? 102 GLU   B O   1 
ATOM   838  C CB  . GLU   A 1 96  ? -16.030 -3.449  6.776   1.00 30.17  ? 102 GLU   B CB  1 
ATOM   839  C CG  . GLU   A 1 96  ? -17.089 -2.771  5.922   1.00 38.83  ? 102 GLU   B CG  1 
ATOM   840  C CD  . GLU   A 1 96  ? -16.926 -3.017  4.430   1.00 45.17  ? 102 GLU   B CD  1 
ATOM   841  O OE1 . GLU   A 1 96  ? -16.385 -2.094  3.716   1.00 28.33  ? 102 GLU   B OE1 1 
ATOM   842  O OE2 . GLU   A 1 96  ? -17.339 -4.141  3.985   1.00 51.57  ? 102 GLU   B OE2 1 
ATOM   843  N N   . ASN   A 1 97  ? -12.815 -3.783  7.169   1.00 20.72  ? 103 ASN   B N   1 
ATOM   844  C CA  . ASN   A 1 97  ? -11.685 -4.520  7.783   1.00 18.44  ? 103 ASN   B CA  1 
ATOM   845  C C   . ASN   A 1 97  ? -10.507 -3.586  8.093   1.00 17.35  ? 103 ASN   B C   1 
ATOM   846  O O   . ASN   A 1 97  ? -9.494  -4.101  8.628   1.00 18.56  ? 103 ASN   B O   1 
ATOM   847  C CB  . ASN   A 1 97  ? -11.210 -5.711  6.933   1.00 18.96  ? 103 ASN   B CB  1 
ATOM   848  C CG  . ASN   A 1 97  ? -12.198 -6.854  6.888   1.00 23.62  ? 103 ASN   B CG  1 
ATOM   849  O OD1 . ASN   A 1 97  ? -13.069 -6.966  7.763   1.00 24.75  ? 103 ASN   B OD1 1 
ATOM   850  N ND2 . ASN   A 1 97  ? -12.083 -7.697  5.871   1.00 24.22  ? 103 ASN   B ND2 1 
ATOM   851  N N   . GLY   A 1 98  ? -10.621 -2.268  7.883   1.00 14.41  ? 104 GLY   B N   1 
ATOM   852  C CA  . GLY   A 1 98  ? -9.562  -1.323  8.251   1.00 14.55  ? 104 GLY   B CA  1 
ATOM   853  C C   . GLY   A 1 98  ? -8.544  -1.051  7.168   1.00 13.89  ? 104 GLY   B C   1 
ATOM   854  O O   . GLY   A 1 98  ? -7.487  -0.599  7.496   1.00 13.25  ? 104 GLY   B O   1 
ATOM   855  N N   . PHE   A 1 99  ? -8.905  -1.210  5.890   1.00 14.44  ? 105 PHE   B N   1 
ATOM   856  C CA  . PHE   A 1 99  ? -8.010  -0.947  4.737   1.00 13.27  ? 105 PHE   B CA  1 
ATOM   857  C C   . PHE   A 1 99  ? -8.637  0.058   3.765   1.00 13.36  ? 105 PHE   B C   1 
ATOM   858  O O   . PHE   A 1 99  ? -9.817  -0.112  3.395   1.00 14.53  ? 105 PHE   B O   1 
ATOM   859  C CB  . PHE   A 1 99  ? -7.730  -2.232  3.952   1.00 13.80  ? 105 PHE   B CB  1 
ATOM   860  C CG  . PHE   A 1 99  ? -7.043  -3.316  4.743   1.00 13.61  ? 105 PHE   B CG  1 
ATOM   861  C CD1 . PHE   A 1 99  ? -7.781  -4.251  5.453   1.00 14.36  ? 105 PHE   B CD1 1 
ATOM   862  C CD2 . PHE   A 1 99  ? -5.658  -3.424  4.761   1.00 14.87  ? 105 PHE   B CD2 1 
ATOM   863  C CE1 . PHE   A 1 99  ? -7.142  -5.237  6.192   1.00 14.97  ? 105 PHE   B CE1 1 
ATOM   864  C CE2 . PHE   A 1 99  ? -5.020  -4.422  5.483   1.00 15.07  ? 105 PHE   B CE2 1 
ATOM   865  C CZ  . PHE   A 1 99  ? -5.771  -5.327  6.200   1.00 14.47  ? 105 PHE   B CZ  1 
ATOM   866  N N   . TRP   A 1 100 ? -7.839  1.009   3.271   1.00 12.24  ? 106 TRP   B N   1 
ATOM   867  C CA  . TRP   A 1 100 ? -8.215  2.005   2.237   1.00 12.08  ? 106 TRP   B CA  1 
ATOM   868  C C   . TRP   A 1 100 ? -7.172  1.897   1.138   1.00 11.77  ? 106 TRP   B C   1 
ATOM   869  O O   . TRP   A 1 100 ? -6.033  2.437   1.308   1.00 11.73  ? 106 TRP   B O   1 
ATOM   870  C CB  . TRP   A 1 100 ? -8.337  3.419   2.842   1.00 13.66  ? 106 TRP   B CB  1 
ATOM   871  C CG  . TRP   A 1 100 ? -9.408  3.473   3.893   1.00 13.97  ? 106 TRP   B CG  1 
ATOM   872  C CD1 . TRP   A 1 100 ? -10.726 3.807   3.719   1.00 15.47  ? 106 TRP   B CD1 1 
ATOM   873  C CD2 . TRP   A 1 100 ? -9.268  3.175   5.303   1.00 13.99  ? 106 TRP   B CD2 1 
ATOM   874  N NE1 . TRP   A 1 100 ? -11.412 3.704   4.917   1.00 15.41  ? 106 TRP   B NE1 1 
ATOM   875  C CE2 . TRP   A 1 100 ? -10.544 3.295   5.900   1.00 14.69  ? 106 TRP   B CE2 1 
ATOM   876  C CE3 . TRP   A 1 100 ? -8.190  2.765   6.069   1.00 14.02  ? 106 TRP   B CE3 1 
ATOM   877  C CZ2 . TRP   A 1 100 ? -10.755 3.051   7.268   1.00 16.19  ? 106 TRP   B CZ2 1 
ATOM   878  C CZ3 . TRP   A 1 100 ? -8.398  2.524   7.410   1.00 15.79  ? 106 TRP   B CZ3 1 
ATOM   879  C CH2 . TRP   A 1 100 ? -9.658  2.654   7.996   1.00 14.85  ? 106 TRP   B CH2 1 
ATOM   880  N N   . THR   A 1 101 ? -7.501  1.115   0.096   1.00 12.37  ? 107 THR   B N   1 
ATOM   881  C CA  . THR   A 1 101 ? -6.471  0.622   -0.850  1.00 12.83  ? 107 THR   B CA  1 
ATOM   882  C C   . THR   A 1 101 ? -6.989  0.675   -2.290  1.00 12.57  ? 107 THR   B C   1 
ATOM   883  O O   . THR   A 1 101 ? -8.222  0.633   -2.477  1.00 12.58  ? 107 THR   B O   1 
ATOM   884  C CB  . THR   A 1 101 ? -6.035  -0.821  -0.545  1.00 12.24  ? 107 THR   B CB  1 
ATOM   885  O OG1 . THR   A 1 101 ? -7.174  -1.681  -0.706  1.00 13.93  ? 107 THR   B OG1 1 
ATOM   886  C CG2 . THR   A 1 101 ? -5.394  -0.896  0.826   1.00 13.14  ? 107 THR   B CG2 1 
ATOM   887  N N   . ILE   A 1 102 ? -6.043  0.697   -3.237  1.00 12.33  ? 108 ILE   B N   1 
ATOM   888  C CA  . ILE   A 1 102 ? -6.356  0.347   -4.651  1.00 12.61  ? 108 ILE   B CA  1 
ATOM   889  C C   . ILE   A 1 102 ? -5.383  -0.767  -5.044  1.00 13.78  ? 108 ILE   B C   1 
ATOM   890  O O   . ILE   A 1 102 ? -4.381  -1.018  -4.329  1.00 12.71  ? 108 ILE   B O   1 
ATOM   891  C CB  . ILE   A 1 102 ? -6.255  1.567   -5.580  1.00 13.37  ? 108 ILE   B CB  1 
ATOM   892  C CG1 . ILE   A 1 102 ? -4.800  2.028   -5.738  1.00 13.89  ? 108 ILE   B CG1 1 
ATOM   893  C CG2 . ILE   A 1 102 ? -7.200  2.671   -5.116  1.00 13.99  ? 108 ILE   B CG2 1 
ATOM   894  C CD1 . ILE   A 1 102 ? -4.607  3.129   -6.750  1.00 13.35  ? 108 ILE   B CD1 1 
ATOM   895  N N   . TRP   A 1 103 ? -5.700  -1.418  -6.140  1.00 14.31  ? 109 TRP   B N   1 
ATOM   896  C CA  . TRP   A 1 103 ? -4.865  -2.513  -6.684  1.00 13.40  ? 109 TRP   B CA  1 
ATOM   897  C C   . TRP   A 1 103 ? -4.943  -2.669  -8.183  1.00 14.18  ? 109 TRP   B C   1 
ATOM   898  O O   . TRP   A 1 103 ? -5.868  -2.175  -8.824  1.00 13.60  ? 109 TRP   B O   1 
ATOM   899  C CB  . TRP   A 1 103 ? -5.233  -3.783  -5.967  1.00 15.21  ? 109 TRP   B CB  1 
ATOM   900  C CG  . TRP   A 1 103 ? -6.585  -4.338  -6.268  1.00 17.45  ? 109 TRP   B CG  1 
ATOM   901  C CD1 . TRP   A 1 103 ? -7.023  -4.927  -7.430  1.00 19.31  ? 109 TRP   B CD1 1 
ATOM   902  C CD2 . TRP   A 1 103 ? -7.609  -4.531  -5.303  1.00 19.98  ? 109 TRP   B CD2 1 
ATOM   903  N NE1 . TRP   A 1 103 ? -8.278  -5.435  -7.259  1.00 22.29  ? 109 TRP   B NE1 1 
ATOM   904  C CE2 . TRP   A 1 103 ? -8.650  -5.226  -5.953  1.00 19.35  ? 109 TRP   B CE2 1 
ATOM   905  C CE3 . TRP   A 1 103 ? -7.728  -4.194  -3.951  1.00 20.36  ? 109 TRP   B CE3 1 
ATOM   906  C CZ2 . TRP   A 1 103 ? -9.824  -5.544  -5.290  1.00 24.25  ? 109 TRP   B CZ2 1 
ATOM   907  C CZ3 . TRP   A 1 103 ? -8.874  -4.543  -3.296  1.00 23.18  ? 109 TRP   B CZ3 1 
ATOM   908  C CH2 . TRP   A 1 103 ? -9.902  -5.205  -3.956  1.00 23.66  ? 109 TRP   B CH2 1 
ATOM   909  N N   . LEU   A 1 104 ? -3.924  -3.386  -8.700  1.00 14.32  ? 110 LEU   B N   1 
ATOM   910  C CA  . LEU   A 1 104 ? -3.864  -3.928  -10.054 1.00 14.76  ? 110 LEU   B CA  1 
ATOM   911  C C   . LEU   A 1 104 ? -3.924  -5.451  -9.942  1.00 16.28  ? 110 LEU   B C   1 
ATOM   912  O O   . LEU   A 1 104 ? -3.184  -6.043  -9.126  1.00 14.57  ? 110 LEU   B O   1 
ATOM   913  C CB  . LEU   A 1 104 ? -2.581  -3.465  -10.749 1.00 15.43  ? 110 LEU   B CB  1 
ATOM   914  C CG  . LEU   A 1 104 ? -2.245  -4.122  -12.094 1.00 15.40  ? 110 LEU   B CG  1 
ATOM   915  C CD1 . LEU   A 1 104 ? -3.308  -3.861  -13.166 1.00 16.36  ? 110 LEU   B CD1 1 
ATOM   916  C CD2 . LEU   A 1 104 ? -0.855  -3.728  -12.563 1.00 16.67  ? 110 LEU   B CD2 1 
ATOM   917  N N   . TRP   A 1 105 ? -4.815  -6.042  -10.734 1.00 15.40  ? 111 TRP   B N   1 
ATOM   918  C CA  . TRP   A 1 105 ? -4.967  -7.498  -10.835 1.00 18.36  ? 111 TRP   B CA  1 
ATOM   919  C C   . TRP   A 1 105 ? -5.450  -7.828  -12.241 1.00 18.79  ? 111 TRP   B C   1 
ATOM   920  O O   . TRP   A 1 105 ? -6.492  -7.294  -12.606 1.00 17.66  ? 111 TRP   B O   1 
ATOM   921  C CB  . TRP   A 1 105 ? -5.979  -7.927  -9.775  1.00 21.62  ? 111 TRP   B CB  1 
ATOM   922  C CG  . TRP   A 1 105 ? -6.426  -9.331  -9.902  1.00 28.54  ? 111 TRP   B CG  1 
ATOM   923  C CD1 . TRP   A 1 105 ? -7.616  -9.839  -10.345 1.00 28.85  ? 111 TRP   B CD1 1 
ATOM   924  C CD2 . TRP   A 1 105 ? -5.615  -10.434 -9.534  1.00 29.24  ? 111 TRP   B CD2 1 
ATOM   925  N NE1 . TRP   A 1 105 ? -7.597  -11.202 -10.252 1.00 30.63  ? 111 TRP   B NE1 1 
ATOM   926  C CE2 . TRP   A 1 105 ? -6.378  -11.588 -9.761  1.00 28.81  ? 111 TRP   B CE2 1 
ATOM   927  C CE3 . TRP   A 1 105 ? -4.317  -10.528 -9.063  1.00 27.75  ? 111 TRP   B CE3 1 
ATOM   928  C CZ2 . TRP   A 1 105 ? -5.872  -12.849 -9.517  1.00 34.36  ? 111 TRP   B CZ2 1 
ATOM   929  C CZ3 . TRP   A 1 105 ? -3.818  -11.776 -8.816  1.00 35.25  ? 111 TRP   B CZ3 1 
ATOM   930  C CH2 . TRP   A 1 105 ? -4.578  -12.918 -9.062  1.00 37.77  ? 111 TRP   B CH2 1 
ATOM   931  N N   . GLN   A 1 106 ? -4.713  -8.658  -12.993 1.00 18.17  ? 112 GLN   B N   1 
ATOM   932  C CA  . GLN   A 1 106 ? -5.149  -9.145  -14.327 1.00 19.35  ? 112 GLN   B CA  1 
ATOM   933  C C   . GLN   A 1 106 ? -5.594  -7.995  -15.199 1.00 21.93  ? 112 GLN   B C   1 
ATOM   934  O O   . GLN   A 1 106 ? -6.733  -8.031  -15.761 1.00 22.52  ? 112 GLN   B O   1 
ATOM   935  C CB  . GLN   A 1 106 ? -6.245  -10.196 -14.140 1.00 22.23  ? 112 GLN   B CB  1 
ATOM   936  C CG  . GLN   A 1 106 ? -5.776  -11.398 -13.314 1.00 21.65  ? 112 GLN   B CG  1 
ATOM   937  C CD  . GLN   A 1 106 ? -6.626  -12.646 -13.426 1.00 26.15  ? 112 GLN   B CD  1 
ATOM   938  O OE1 . GLN   A 1 106 ? -6.194  -13.748 -13.057 1.00 29.55  ? 112 GLN   B OE1 1 
ATOM   939  N NE2 . GLN   A 1 106 ? -7.849  -12.485 -13.875 1.00 22.49  ? 112 GLN   B NE2 1 
ATOM   940  N N   . ASP   A 1 107 ? -4.721  -7.017  -15.366 1.00 22.04  ? 113 ASP   B N   1 
ATOM   941  C CA  . ASP   A 1 107 ? -4.952  -5.918  -16.326 1.00 28.99  ? 113 ASP   B CA  1 
ATOM   942  C C   . ASP   A 1 107 ? -6.123  -5.019  -15.919 1.00 26.94  ? 113 ASP   B C   1 
ATOM   943  O O   . ASP   A 1 107 ? -6.473  -4.171  -16.757 1.00 31.92  ? 113 ASP   B O   1 
ATOM   944  C CB  . ASP   A 1 107 ? -5.316  -6.447  -17.717 1.00 33.83  ? 113 ASP   B CB  1 
ATOM   945  C CG  . ASP   A 1 107 ? -4.121  -6.647  -18.615 1.00 44.00  ? 113 ASP   B CG  1 
ATOM   946  O OD1 . ASP   A 1 107 ? -3.140  -5.882  -18.438 1.00 55.19  ? 113 ASP   B OD1 1 
ATOM   947  O OD2 . ASP   A 1 107 ? -4.206  -7.531  -19.522 1.00 51.16  ? 113 ASP   B OD2 1 
ATOM   948  N N   . SER   A 1 108 ? -6.687  -5.146  -14.724 1.00 22.36  ? 114 SER   B N   1 
ATOM   949  C CA  . SER   A 1 108 ? -7.702  -4.167  -14.261 1.00 23.05  ? 114 SER   B CA  1 
ATOM   950  C C   . SER   A 1 108 ? -7.287  -3.484  -12.946 1.00 20.35  ? 114 SER   B C   1 
ATOM   951  O O   . SER   A 1 108 ? -6.712  -4.122  -12.043 1.00 17.59  ? 114 SER   B O   1 
ATOM   952  C CB  . SER   A 1 108 ? -9.073  -4.761  -14.278 1.00 30.07  ? 114 SER   B CB  1 
ATOM   953  O OG  . SER   A 1 108 ? -9.220  -5.697  -13.259 1.00 37.46  ? 114 SER   B OG  1 
ATOM   954  N N   . TYR   A 1 109 ? -7.572  -2.195  -12.842 1.00 16.64  ? 115 TYR   B N   1 
ATOM   955  C CA  . TYR   A 1 109 ? -7.330  -1.416  -11.602 1.00 16.74  ? 115 TYR   B CA  1 
ATOM   956  C C   . TYR   A 1 109 ? -8.659  -1.303  -10.869 1.00 16.02  ? 115 TYR   B C   1 
ATOM   957  O O   . TYR   A 1 109 ? -9.691  -1.041  -11.504 1.00 16.47  ? 115 TYR   B O   1 
ATOM   958  C CB  . TYR   A 1 109 ? -6.750  -0.048  -11.924 1.00 17.18  ? 115 TYR   B CB  1 
ATOM   959  C CG  . TYR   A 1 109 ? -5.414  -0.098  -12.633 1.00 18.86  ? 115 TYR   B CG  1 
ATOM   960  C CD1 . TYR   A 1 109 ? -5.334  -0.048  -14.010 1.00 19.89  ? 115 TYR   B CD1 1 
ATOM   961  C CD2 . TYR   A 1 109 ? -4.227  -0.104  -11.925 1.00 17.22  ? 115 TYR   B CD2 1 
ATOM   962  C CE1 . TYR   A 1 109 ? -4.106  -0.054  -14.669 1.00 20.40  ? 115 TYR   B CE1 1 
ATOM   963  C CE2 . TYR   A 1 109 ? -2.995  -0.102  -12.561 1.00 17.12  ? 115 TYR   B CE2 1 
ATOM   964  C CZ  . TYR   A 1 109 ? -2.925  -0.088  -13.940 1.00 17.84  ? 115 TYR   B CZ  1 
ATOM   965  O OH  . TYR   A 1 109 ? -1.697  -0.095  -14.571 1.00 20.12  ? 115 TYR   B OH  1 
ATOM   966  N N   A GLU   A 1 110 ? -8.653  -1.517  -9.552  0.25 15.88  ? 116 GLU   B N   1 
ATOM   967  N N   B GLU   A 1 110 ? -8.642  -1.541  -9.552  0.25 15.90  ? 116 GLU   B N   1 
ATOM   968  C CA  A GLU   A 1 110 ? -9.890  -1.477  -8.732  0.25 16.64  ? 116 GLU   B CA  1 
ATOM   969  C CA  B GLU   A 1 110 ? -9.851  -1.551  -8.685  0.25 16.62  ? 116 GLU   B CA  1 
ATOM   970  C C   A GLU   A 1 110 ? -9.588  -0.864  -7.361  0.25 15.25  ? 116 GLU   B C   1 
ATOM   971  C C   B GLU   A 1 110 ? -9.557  -0.809  -7.375  0.25 15.27  ? 116 GLU   B C   1 
ATOM   972  O O   A GLU   A 1 110 ? -8.450  -0.985  -6.880  0.25 14.82  ? 116 GLU   B O   1 
ATOM   973  O O   B GLU   A 1 110 ? -8.391  -0.798  -6.942  0.25 14.64  ? 116 GLU   B O   1 
ATOM   974  C CB  A GLU   A 1 110 ? -10.509 -2.869  -8.610  0.25 17.52  ? 116 GLU   B CB  1 
ATOM   975  C CB  B GLU   A 1 110 ? -10.304 -2.973  -8.358  0.25 17.66  ? 116 GLU   B CB  1 
ATOM   976  C CG  A GLU   A 1 110 ? -10.726 -3.544  -9.955  0.25 18.82  ? 116 GLU   B CG  1 
ATOM   977  C CG  B GLU   A 1 110 ? -10.478 -3.868  -9.572  0.25 18.92  ? 116 GLU   B CG  1 
ATOM   978  C CD  A GLU   A 1 110 ? -11.274 -4.953  -9.877  0.25 20.32  ? 116 GLU   B CD  1 
ATOM   979  C CD  B GLU   A 1 110 ? -11.802 -3.676  -10.285 0.25 20.01  ? 116 GLU   B CD  1 
ATOM   980  O OE1 A GLU   A 1 110 ? -10.773 -5.728  -9.039  0.25 21.87  ? 116 GLU   B OE1 1 
ATOM   981  O OE1 B GLU   A 1 110 ? -12.795 -3.339  -9.610  0.25 21.34  ? 116 GLU   B OE1 1 
ATOM   982  O OE2 A GLU   A 1 110 ? -12.209 -5.267  -10.643 0.25 20.38  ? 116 GLU   B OE2 1 
ATOM   983  O OE2 B GLU   A 1 110 ? -11.834 -3.877  -11.509 0.25 23.16  ? 116 GLU   B OE2 1 
ATOM   984  N N   . ALA   A 1 111 ? -10.573 -0.166  -6.790  1.00 15.59  ? 117 ALA   B N   1 
ATOM   985  C CA  . ALA   A 1 111 ? -10.513 0.310   -5.394  1.00 14.32  ? 117 ALA   B CA  1 
ATOM   986  C C   . ALA   A 1 111 ? -11.089 -0.786  -4.487  1.00 15.03  ? 117 ALA   B C   1 
ATOM   987  O O   . ALA   A 1 111 ? -12.115 -1.457  -4.831  1.00 15.13  ? 117 ALA   B O   1 
ATOM   988  C CB  . ALA   A 1 111 ? -11.250 1.602   -5.228  1.00 15.43  ? 117 ALA   B CB  1 
ATOM   989  N N   . GLY   A 1 112 ? -10.456 -0.988  -3.333  1.00 15.66  ? 118 GLY   B N   1 
ATOM   990  C CA  . GLY   A 1 112 ? -10.792 -2.007  -2.322  1.00 17.52  ? 118 GLY   B CA  1 
ATOM   991  C C   . GLY   A 1 112 ? -12.000 -1.602  -1.499  1.00 19.10  ? 118 GLY   B C   1 
ATOM   992  O O   . GLY   A 1 112 ? -11.892 -1.417  -0.311  1.00 20.74  ? 118 GLY   B O   1 
ATOM   993  N N   . THR   A 1 113 ? -13.125 -1.388  -2.134  1.00 20.23  ? 119 THR   B N   1 
ATOM   994  C CA  . THR   A 1 113 ? -14.432 -1.267  -1.483  1.00 20.05  ? 119 THR   B CA  1 
ATOM   995  C C   . THR   A 1 113 ? -15.016 -2.681  -1.435  1.00 20.31  ? 119 THR   B C   1 
ATOM   996  O O   . THR   A 1 113 ? -14.429 -3.597  -2.040  1.00 25.39  ? 119 THR   B O   1 
ATOM   997  C CB  . THR   A 1 113 ? -15.283 -0.259  -2.252  1.00 19.21  ? 119 THR   B CB  1 
ATOM   998  O OG1 . THR   A 1 113 ? -15.296 -0.719  -3.603  1.00 18.66  ? 119 THR   B OG1 1 
ATOM   999  C CG2 . THR   A 1 113 ? -14.800 1.176   -2.212  1.00 21.33  ? 119 THR   B CG2 1 
ATOM   1000 N N   . SER   A 1 114 ? -16.155 -2.852  -0.762  1.00 23.52  ? 120 SER   B N   1 
ATOM   1001 C CA  . SER   A 1 114 ? -16.890 -4.136  -0.662  1.00 26.34  ? 120 SER   B CA  1 
ATOM   1002 C C   . SER   A 1 114 ? -18.293 -3.954  -1.228  1.00 29.11  ? 120 SER   B C   1 
ATOM   1003 O O   . SER   A 1 114 ? -19.101 -3.251  -0.641  1.00 31.53  ? 120 SER   B O   1 
ATOM   1004 C CB  . SER   A 1 114 ? -16.925 -4.611  0.782   1.00 32.87  ? 120 SER   B CB  1 
ATOM   1005 O OG  . SER   A 1 114 ? -17.622 -5.838  0.840   1.00 39.18  ? 120 SER   B OG  1 
ATOM   1006 N N   . PRO   A 1 115 ? -18.602 -4.434  -2.446  1.00 27.12  ? 121 PRO   B N   1 
ATOM   1007 C CA  . PRO   A 1 115 ? -17.629 -5.067  -3.344  1.00 27.36  ? 121 PRO   B CA  1 
ATOM   1008 C C   . PRO   A 1 115 ? -16.726 -4.036  -4.041  1.00 23.74  ? 121 PRO   B C   1 
ATOM   1009 O O   . PRO   A 1 115 ? -16.964 -2.819  -3.955  1.00 21.83  ? 121 PRO   B O   1 
ATOM   1010 C CB  . PRO   A 1 115 ? -18.503 -5.722  -4.411  1.00 28.75  ? 121 PRO   B CB  1 
ATOM   1011 C CG  . PRO   A 1 115 ? -19.737 -4.805  -4.481  1.00 28.63  ? 121 PRO   B CG  1 
ATOM   1012 C CD  . PRO   A 1 115 ? -19.919 -4.238  -3.087  1.00 30.21  ? 121 PRO   B CD  1 
ATOM   1013 N N   . GLN   A 1 116 ? -15.741 -4.533  -4.773  1.00 22.58  ? 122 GLN   B N   1 
ATOM   1014 C CA  . GLN   A 1 116 ? -14.678 -3.671  -5.350  1.00 23.42  ? 122 GLN   B CA  1 
ATOM   1015 C C   . GLN   A 1 116 ? -15.243 -2.766  -6.449  1.00 20.68  ? 122 GLN   B C   1 
ATOM   1016 O O   . GLN   A 1 116 ? -16.203 -3.120  -7.109  1.00 22.09  ? 122 GLN   B O   1 
ATOM   1017 C CB  . GLN   A 1 116 ? -13.481 -4.496  -5.831  1.00 28.25  ? 122 GLN   B CB  1 
ATOM   1018 C CG  . GLN   A 1 116 ? -13.705 -5.243  -7.127  1.00 32.25  ? 122 GLN   B CG  1 
ATOM   1019 C CD  . GLN   A 1 116 ? -14.078 -6.693  -6.960  1.00 43.19  ? 122 GLN   B CD  1 
ATOM   1020 O OE1 . GLN   A 1 116 ? -14.830 -7.077  -6.059  1.00 51.25  ? 122 GLN   B OE1 1 
ATOM   1021 N NE2 . GLN   A 1 116 ? -13.591 -7.504  -7.884  1.00 43.69  ? 122 GLN   B NE2 1 
ATOM   1022 N N   . THR   A 1 117 ? -14.633 -1.605  -6.611  1.00 18.04  ? 123 THR   B N   1 
ATOM   1023 C CA  . THR   A 1 117 ? -15.045 -0.563  -7.564  1.00 16.39  ? 123 THR   B CA  1 
ATOM   1024 C C   . THR   A 1 117 ? -14.060 -0.514  -8.738  1.00 16.17  ? 123 THR   B C   1 
ATOM   1025 O O   . THR   A 1 117 ? -12.847 -0.303  -8.527  1.00 15.69  ? 123 THR   B O   1 
ATOM   1026 C CB  . THR   A 1 117 ? -15.144 0.797   -6.861  1.00 16.97  ? 123 THR   B CB  1 
ATOM   1027 O OG1 . THR   A 1 117 ? -16.071 0.614   -5.789  1.00 17.51  ? 123 THR   B OG1 1 
ATOM   1028 C CG2 . THR   A 1 117 ? -15.569 1.898   -7.797  1.00 17.09  ? 123 THR   B CG2 1 
ATOM   1029 N N   . THR   A 1 118 ? -14.589 -0.563  -9.965  1.00 15.88  ? 124 THR   B N   1 
ATOM   1030 C CA  . THR   A 1 118 ? -13.807 -0.370  -11.206 1.00 17.18  ? 124 THR   B CA  1 
ATOM   1031 C C   . THR   A 1 118 ? -13.202 1.034   -11.265 1.00 17.95  ? 124 THR   B C   1 
ATOM   1032 O O   . THR   A 1 118 ? -13.934 2.040   -11.102 1.00 19.11  ? 124 THR   B O   1 
ATOM   1033 C CB  . THR   A 1 118 ? -14.713 -0.665  -12.419 1.00 18.73  ? 124 THR   B CB  1 
ATOM   1034 O OG1 . THR   A 1 118 ? -15.108 -2.030  -12.284 1.00 21.04  ? 124 THR   B OG1 1 
ATOM   1035 C CG2 . THR   A 1 118 ? -14.034 -0.431  -13.744 1.00 22.52  ? 124 THR   B CG2 1 
ATOM   1036 N N   . LEU   A 1 119 ? -11.904 1.150   -11.523 1.00 15.58  ? 125 LEU   B N   1 
ATOM   1037 C CA  . LEU   A 1 119 ? -11.211 2.430   -11.749 1.00 15.74  ? 125 LEU   B CA  1 
ATOM   1038 C C   . LEU   A 1 119 ? -11.109 2.672   -13.255 1.00 20.36  ? 125 LEU   B C   1 
ATOM   1039 O O   . LEU   A 1 119 ? -11.115 1.720   -14.012 1.00 24.28  ? 125 LEU   B O   1 
ATOM   1040 C CB  . LEU   A 1 119 ? -9.817  2.424   -11.115 1.00 16.72  ? 125 LEU   B CB  1 
ATOM   1041 C CG  . LEU   A 1 119 ? -9.837  2.219   -9.605  1.00 16.85  ? 125 LEU   B CG  1 
ATOM   1042 C CD1 . LEU   A 1 119 ? -8.433  2.128   -9.026  1.00 18.03  ? 125 LEU   B CD1 1 
ATOM   1043 C CD2 . LEU   A 1 119 ? -10.631 3.346   -8.924  1.00 18.06  ? 125 LEU   B CD2 1 
ATOM   1044 N N   . HIS   A 1 120 ? -11.020 3.928   -13.648 1.00 22.66  ? 126 HIS   B N   1 
ATOM   1045 C CA  . HIS   A 1 120 ? -10.943 4.337   -15.068 1.00 23.80  ? 126 HIS   B CA  1 
ATOM   1046 C C   . HIS   A 1 120 ? -9.639  5.099   -15.198 1.00 25.15  ? 126 HIS   B C   1 
ATOM   1047 O O   . HIS   A 1 120 ? -9.596  6.247   -14.780 1.00 29.37  ? 126 HIS   B O   1 
ATOM   1048 C CB  . HIS   A 1 120 ? -12.180 5.162   -15.450 1.00 27.69  ? 126 HIS   B CB  1 
ATOM   1049 C CG  . HIS   A 1 120 ? -13.466 4.424   -15.247 1.00 30.12  ? 126 HIS   B CG  1 
ATOM   1050 N ND1 . HIS   A 1 120 ? -14.254 4.595   -14.103 1.00 34.35  ? 126 HIS   B ND1 1 
ATOM   1051 C CD2 . HIS   A 1 120 ? -14.097 3.507   -16.012 1.00 31.27  ? 126 HIS   B CD2 1 
ATOM   1052 C CE1 . HIS   A 1 120 ? -15.272 3.750   -14.159 1.00 33.39  ? 126 HIS   B CE1 1 
ATOM   1053 N NE2 . HIS   A 1 120 ? -15.226 3.122   -15.351 1.00 33.72  ? 126 HIS   B NE2 1 
ATOM   1054 N N   . ILE   A 1 121 ? -8.605  4.452   -15.688 1.00 22.43  ? 127 ILE   B N   1 
ATOM   1055 C CA  . ILE   A 1 121 ? -7.268  5.089   -15.809 1.00 24.64  ? 127 ILE   B CA  1 
ATOM   1056 C C   . ILE   A 1 121 ? -6.874  5.043   -17.295 1.00 27.64  ? 127 ILE   B C   1 
ATOM   1057 O O   . ILE   A 1 121 ? -6.757  3.957   -17.817 1.00 29.34  ? 127 ILE   B O   1 
ATOM   1058 C CB  . ILE   A 1 121 ? -6.229  4.384   -14.911 1.00 24.80  ? 127 ILE   B CB  1 
ATOM   1059 C CG1 . ILE   A 1 121 ? -6.708  4.227   -13.465 1.00 25.37  ? 127 ILE   B CG1 1 
ATOM   1060 C CG2 . ILE   A 1 121 ? -4.908  5.131   -14.971 1.00 26.38  ? 127 ILE   B CG2 1 
ATOM   1061 C CD1 . ILE   A 1 121 ? -5.672  3.686   -12.532 1.00 25.83  ? 127 ILE   B CD1 1 
ATOM   1062 N N   . GLN   A 1 122 ? -6.650  6.207   -17.893 1.00 32.00  ? 128 GLN   B N   1 
ATOM   1063 C CA  . GLN   A 1 122 ? -6.304  6.352   -19.342 1.00 39.91  ? 128 GLN   B CA  1 
ATOM   1064 C C   . GLN   A 1 122 ? -4.839  5.922   -19.559 1.00 33.82  ? 128 GLN   B C   1 
ATOM   1065 O O   . GLN   A 1 122 ? -4.557  5.287   -20.576 1.00 33.36  ? 128 GLN   B O   1 
ATOM   1066 C CB  . GLN   A 1 122 ? -6.582  7.800   -19.754 1.00 47.95  ? 128 GLN   B CB  1 
ATOM   1067 C CG  . GLN   A 1 122 ? -6.249  8.123   -21.210 1.00 64.09  ? 128 GLN   B CG  1 
ATOM   1068 C CD  . GLN   A 1 122 ? -7.157  7.416   -22.191 1.00 80.08  ? 128 GLN   B CD  1 
ATOM   1069 O OE1 . GLN   A 1 122 ? -8.348  7.233   -21.939 1.00 93.45  ? 128 GLN   B OE1 1 
ATOM   1070 N NE2 . GLN   A 1 122 ? -6.600  7.013   -23.327 1.00 83.89  ? 128 GLN   B NE2 1 
ATOM   1071 N N   . VAL   A 1 123 ? -3.952  6.244   -18.609 1.00 27.70  ? 129 VAL   B N   1 
ATOM   1072 C CA  . VAL   A 1 123 ? -2.464  6.102   -18.710 1.00 26.77  ? 129 VAL   B CA  1 
ATOM   1073 C C   . VAL   A 1 123 ? -2.021  5.172   -17.576 1.00 25.91  ? 129 VAL   B C   1 
ATOM   1074 O O   . VAL   A 1 123 ? -2.038  5.581   -16.398 1.00 24.59  ? 129 VAL   B O   1 
ATOM   1075 C CB  . VAL   A 1 123 ? -1.791  7.487   -18.605 1.00 28.96  ? 129 VAL   B CB  1 
ATOM   1076 C CG1 . VAL   A 1 123 ? -0.278  7.406   -18.573 1.00 29.89  ? 129 VAL   B CG1 1 
ATOM   1077 C CG2 . VAL   A 1 123 ? -2.238  8.476   -19.674 1.00 32.66  ? 129 VAL   B CG2 1 
ATOM   1078 N N   . PRO   A 1 124 ? -1.700  3.889   -17.853 1.00 25.84  ? 130 PRO   B N   1 
ATOM   1079 C CA  . PRO   A 1 124 ? -1.288  2.948   -16.804 1.00 24.78  ? 130 PRO   B CA  1 
ATOM   1080 C C   . PRO   A 1 124 ? -0.157  3.544   -15.975 1.00 24.35  ? 130 PRO   B C   1 
ATOM   1081 O O   . PRO   A 1 124 ? 0.860   3.970   -16.506 1.00 21.95  ? 130 PRO   B O   1 
ATOM   1082 C CB  . PRO   A 1 124 ? -0.860  1.695   -17.583 1.00 29.82  ? 130 PRO   B CB  1 
ATOM   1083 C CG  . PRO   A 1 124 ? -1.652  1.765   -18.870 1.00 27.95  ? 130 PRO   B CG  1 
ATOM   1084 C CD  . PRO   A 1 124 ? -1.773  3.233   -19.178 1.00 28.77  ? 130 PRO   B CD  1 
ATOM   1085 N N   . PRO   A 1 125 ? -0.314  3.680   -14.641 1.00 21.34  ? 131 PRO   B N   1 
ATOM   1086 C CA  . PRO   A 1 125 ? 0.695   4.372   -13.850 1.00 21.22  ? 131 PRO   B CA  1 
ATOM   1087 C C   . PRO   A 1 125 ? 1.985   3.587   -13.604 1.00 20.54  ? 131 PRO   B C   1 
ATOM   1088 O O   . PRO   A 1 125 ? 1.906   2.403   -13.395 1.00 21.10  ? 131 PRO   B O   1 
ATOM   1089 C CB  . PRO   A 1 125 ? -0.001  4.652   -12.513 1.00 22.33  ? 131 PRO   B CB  1 
ATOM   1090 C CG  . PRO   A 1 125 ? -1.171  3.697   -12.472 1.00 22.08  ? 131 PRO   B CG  1 
ATOM   1091 C CD  . PRO   A 1 125 ? -1.527  3.356   -13.901 1.00 22.31  ? 131 PRO   B CD  1 
ATOM   1092 N N   . CYS   A 1 126 ? 3.133   4.265   -13.672 1.00 19.76  ? 132 CYS   B N   1 
ATOM   1093 C CA  . CYS   A 1 126 ? 4.411   3.724   -13.157 1.00 21.80  ? 132 CYS   B CA  1 
ATOM   1094 C C   . CYS   A 1 126 ? 4.681   4.216   -11.730 1.00 19.28  ? 132 CYS   B C   1 
ATOM   1095 O O   . CYS   A 1 126 ? 5.467   3.615   -11.061 1.00 19.24  ? 132 CYS   B O   1 
ATOM   1096 C CB  . CYS   A 1 126 ? 5.601   4.096   -14.028 1.00 26.81  ? 132 CYS   B CB  1 
ATOM   1097 S SG  . CYS   A 1 126 ? 5.403   3.446   -15.710 1.00 35.25  ? 132 CYS   B SG  1 
ATOM   1098 N N   A GLN   A 1 127 ? 4.040   5.310   -11.298 0.25 19.45  ? 133 GLN   B N   1 
ATOM   1099 N N   B GLN   A 1 127 ? 4.007   5.291   -11.304 0.25 19.14  ? 133 GLN   B N   1 
ATOM   1100 C CA  A GLN   A 1 127 ? 4.220   5.861   -9.928  0.25 20.77  ? 133 GLN   B CA  1 
ATOM   1101 C CA  B GLN   A 1 127 ? 4.191   5.905   -9.965  0.25 20.39  ? 133 GLN   B CA  1 
ATOM   1102 C C   A GLN   A 1 127 ? 2.876   6.391   -9.416  0.25 19.65  ? 133 GLN   B C   1 
ATOM   1103 C C   B GLN   A 1 127 ? 2.829   6.358   -9.434  0.25 19.44  ? 133 GLN   B C   1 
ATOM   1104 O O   A GLN   A 1 127 ? 2.189   7.124   -10.165 0.25 18.11  ? 133 GLN   B O   1 
ATOM   1105 O O   B GLN   A 1 127 ? 2.065   6.987   -10.203 0.25 18.01  ? 133 GLN   B O   1 
ATOM   1106 C CB  A GLN   A 1 127 ? 5.284   6.962   -9.875  0.25 24.01  ? 133 GLN   B CB  1 
ATOM   1107 C CB  B GLN   A 1 127 ? 5.169   7.082   -10.019 0.25 23.29  ? 133 GLN   B CB  1 
ATOM   1108 C CG  A GLN   A 1 127 ? 6.691   6.493   -10.216 0.25 27.38  ? 133 GLN   B CG  1 
ATOM   1109 C CG  B GLN   A 1 127 ? 6.614   6.682   -9.793  0.25 26.09  ? 133 GLN   B CG  1 
ATOM   1110 C CD  A GLN   A 1 127 ? 7.085   6.887   -11.617 0.25 28.84  ? 133 GLN   B CD  1 
ATOM   1111 C CD  B GLN   A 1 127 ? 7.535   7.870   -9.677  0.25 25.30  ? 133 GLN   B CD  1 
ATOM   1112 O OE1 A GLN   A 1 127 ? 6.439   7.721   -12.242 0.25 30.60  ? 133 GLN   B OE1 1 
ATOM   1113 O OE1 B GLN   A 1 127 ? 7.332   8.782   -8.870  0.25 27.81  ? 133 GLN   B OE1 1 
ATOM   1114 N NE2 A GLN   A 1 127 ? 8.158   6.291   -12.117 0.25 28.99  ? 133 GLN   B NE2 1 
ATOM   1115 N NE2 B GLN   A 1 127 ? 8.580   7.843   -10.477 0.25 26.75  ? 133 GLN   B NE2 1 
ATOM   1116 N N   . ILE   A 1 128 ? 2.555   6.032   -8.168  1.00 18.83  ? 134 ILE   B N   1 
ATOM   1117 C CA  . ILE   A 1 128 ? 1.269   6.338   -7.494  1.00 17.97  ? 134 ILE   B CA  1 
ATOM   1118 C C   . ILE   A 1 128 ? 1.586   7.279   -6.326  1.00 16.62  ? 134 ILE   B C   1 
ATOM   1119 O O   . ILE   A 1 128 ? 2.431   6.944   -5.509  1.00 16.29  ? 134 ILE   B O   1 
ATOM   1120 C CB  . ILE   A 1 128 ? 0.599   5.051   -6.992  1.00 19.13  ? 134 ILE   B CB  1 
ATOM   1121 C CG1 . ILE   A 1 128 ? 0.356   4.002   -8.076  1.00 23.26  ? 134 ILE   B CG1 1 
ATOM   1122 C CG2 . ILE   A 1 128 ? -0.703  5.376   -6.283  1.00 18.80  ? 134 ILE   B CG2 1 
ATOM   1123 C CD1 . ILE   A 1 128 ? -0.666  4.397   -9.026  1.00 22.85  ? 134 ILE   B CD1 1 
ATOM   1124 N N   . GLY   A 1 129 ? 0.804   8.341   -6.191  1.00 16.32  ? 135 GLY   B N   1 
ATOM   1125 C CA  . GLY   A 1 129 ? 0.796   9.201   -4.996  1.00 16.36  ? 135 GLY   B CA  1 
ATOM   1126 C C   . GLY   A 1 129 ? -0.371  8.861   -4.095  1.00 16.01  ? 135 GLY   B C   1 
ATOM   1127 O O   . GLY   A 1 129 ? -1.512  8.637   -4.575  1.00 15.04  ? 135 GLY   B O   1 
ATOM   1128 N N   . ILE   A 1 130 ? -0.098  8.732   -2.792  1.00 17.00  ? 136 ILE   B N   1 
ATOM   1129 C CA  . ILE   A 1 130 ? -1.106  8.421   -1.745  1.00 16.89  ? 136 ILE   B CA  1 
ATOM   1130 C C   . ILE   A 1 130 ? -1.146  9.615   -0.784  1.00 16.75  ? 136 ILE   B C   1 
ATOM   1131 O O   . ILE   A 1 130 ? -0.121  9.964   -0.211  1.00 18.13  ? 136 ILE   B O   1 
ATOM   1132 C CB  . ILE   A 1 130 ? -0.733  7.126   -1.012  1.00 18.21  ? 136 ILE   B CB  1 
ATOM   1133 C CG1 . ILE   A 1 130 ? -0.637  5.966   -2.006  1.00 20.80  ? 136 ILE   B CG1 1 
ATOM   1134 C CG2 . ILE   A 1 130 ? -1.749  6.813   0.071   1.00 19.89  ? 136 ILE   B CG2 1 
ATOM   1135 C CD1 . ILE   A 1 130 ? 0.409   4.978   -1.717  1.00 27.11  ? 136 ILE   B CD1 1 
ATOM   1136 N N   . PHE   A 1 131 ? -2.309  10.180  -0.622  1.00 16.64  ? 137 PHE   B N   1 
ATOM   1137 C CA  . PHE   A 1 131 ? -2.558  11.369  0.225   1.00 15.65  ? 137 PHE   B CA  1 
ATOM   1138 C C   . PHE   A 1 131 ? -3.563  10.981  1.292   1.00 15.53  ? 137 PHE   B C   1 
ATOM   1139 O O   . PHE   A 1 131 ? -4.604  10.438  0.977   1.00 15.71  ? 137 PHE   B O   1 
ATOM   1140 C CB  . PHE   A 1 131 ? -3.141  12.500  -0.599  1.00 16.76  ? 137 PHE   B CB  1 
ATOM   1141 C CG  . PHE   A 1 131 ? -3.552  13.707  0.208   1.00 17.99  ? 137 PHE   B CG  1 
ATOM   1142 C CD1 . PHE   A 1 131 ? -2.597  14.476  0.837   1.00 21.37  ? 137 PHE   B CD1 1 
ATOM   1143 C CD2 . PHE   A 1 131 ? -4.878  14.075  0.325   1.00 20.84  ? 137 PHE   B CD2 1 
ATOM   1144 C CE1 . PHE   A 1 131 ? -2.969  15.620  1.534   1.00 22.90  ? 137 PHE   B CE1 1 
ATOM   1145 C CE2 . PHE   A 1 131 ? -5.248  15.207  1.045   1.00 22.96  ? 137 PHE   B CE2 1 
ATOM   1146 C CZ  . PHE   A 1 131 ? -4.281  15.988  1.629   1.00 21.24  ? 137 PHE   B CZ  1 
ATOM   1147 N N   . VAL   A 1 132 ? -3.238  11.244  2.547   1.00 15.29  ? 138 VAL   B N   1 
ATOM   1148 C CA  . VAL   A 1 132 ? -4.166  11.011  3.687   1.00 15.81  ? 138 VAL   B CA  1 
ATOM   1149 C C   . VAL   A 1 132 ? -4.381  12.351  4.403   1.00 15.31  ? 138 VAL   B C   1 
ATOM   1150 O O   . VAL   A 1 132 ? -3.402  12.993  4.782   1.00 16.80  ? 138 VAL   B O   1 
ATOM   1151 C CB  . VAL   A 1 132 ? -3.638  9.965   4.676   1.00 16.38  ? 138 VAL   B CB  1 
ATOM   1152 C CG1 . VAL   A 1 132 ? -4.644  9.766   5.817   1.00 17.09  ? 138 VAL   B CG1 1 
ATOM   1153 C CG2 . VAL   A 1 132 ? -3.306  8.634   3.991   1.00 18.30  ? 138 VAL   B CG2 1 
ATOM   1154 N N   . ASP   A 1 133 ? -5.628  12.742  4.545   1.00 15.74  ? 139 ASP   B N   1 
ATOM   1155 C CA  . ASP   A 1 133 ? -6.031  13.859  5.452   1.00 17.21  ? 139 ASP   B CA  1 
ATOM   1156 C C   . ASP   A 1 133 ? -6.792  13.221  6.611   1.00 14.37  ? 139 ASP   B C   1 
ATOM   1157 O O   . ASP   A 1 133 ? -7.977  12.863  6.462   1.00 15.51  ? 139 ASP   B O   1 
ATOM   1158 C CB  . ASP   A 1 133 ? -6.791  14.943  4.700   1.00 17.36  ? 139 ASP   B CB  1 
ATOM   1159 C CG  . ASP   A 1 133 ? -7.107  16.179  5.524   1.00 21.49  ? 139 ASP   B CG  1 
ATOM   1160 O OD1 . ASP   A 1 133 ? -7.193  16.070  6.772   1.00 20.92  ? 139 ASP   B OD1 1 
ATOM   1161 O OD2 . ASP   A 1 133 ? -7.363  17.214  4.884   1.00 23.09  ? 139 ASP   B OD2 1 
ATOM   1162 N N   . TYR   A 1 134 ? -6.119  13.060  7.752   1.00 16.84  ? 140 TYR   B N   1 
ATOM   1163 C CA  . TYR   A 1 134 ? -6.709  12.371  8.918   1.00 16.79  ? 140 TYR   B CA  1 
ATOM   1164 C C   . TYR   A 1 134 ? -7.966  13.095  9.407   1.00 17.98  ? 140 TYR   B C   1 
ATOM   1165 O O   . TYR   A 1 134 ? -9.014  12.473  9.532   1.00 19.39  ? 140 TYR   B O   1 
ATOM   1166 C CB  . TYR   A 1 134 ? -5.699  12.240  10.063  1.00 17.98  ? 140 TYR   B CB  1 
ATOM   1167 C CG  . TYR   A 1 134 ? -6.148  11.148  10.989  1.00 17.46  ? 140 TYR   B CG  1 
ATOM   1168 C CD1 . TYR   A 1 134 ? -7.201  11.349  11.859  1.00 17.73  ? 140 TYR   B CD1 1 
ATOM   1169 C CD2 . TYR   A 1 134 ? -5.536  9.892   10.996  1.00 17.87  ? 140 TYR   B CD2 1 
ATOM   1170 C CE1 . TYR   A 1 134 ? -7.639  10.346  12.699  1.00 18.39  ? 140 TYR   B CE1 1 
ATOM   1171 C CE2 . TYR   A 1 134 ? -5.985  8.879   11.817  1.00 15.90  ? 140 TYR   B CE2 1 
ATOM   1172 C CZ  . TYR   A 1 134 ? -7.009  9.111   12.719  1.00 16.80  ? 140 TYR   B CZ  1 
ATOM   1173 O OH  . TYR   A 1 134 ? -7.514  8.102   13.503  1.00 16.96  ? 140 TYR   B OH  1 
ATOM   1174 N N   . GLU   A 1 135 ? -7.867  14.399  9.664   1.00 20.20  ? 141 GLU   B N   1 
ATOM   1175 C CA  . GLU   A 1 135 ? -9.039  15.174  10.171  1.00 21.73  ? 141 GLU   B CA  1 
ATOM   1176 C C   . GLU   A 1 135 ? -10.198 15.157  9.175   1.00 21.58  ? 141 GLU   B C   1 
ATOM   1177 O O   . GLU   A 1 135 ? -11.325 15.021  9.628   1.00 23.03  ? 141 GLU   B O   1 
ATOM   1178 C CB  . GLU   A 1 135 ? -8.630  16.587  10.544  1.00 23.99  ? 141 GLU   B CB  1 
ATOM   1179 C CG  . GLU   A 1 135 ? -8.060  16.586  11.953  1.00 27.24  ? 141 GLU   B CG  1 
ATOM   1180 C CD  . GLU   A 1 135 ? -6.671  16.003  11.964  1.00 31.67  ? 141 GLU   B CD  1 
ATOM   1181 O OE1 . GLU   A 1 135 ? -6.268  15.497  12.997  1.00 28.71  ? 141 GLU   B OE1 1 
ATOM   1182 O OE2 . GLU   A 1 135 ? -5.979  16.116  10.911  1.00 37.77  ? 141 GLU   B OE2 1 
ATOM   1183 N N   . ALA   A 1 136 ? -9.956  15.273  7.872   1.00 21.04  ? 142 ALA   B N   1 
ATOM   1184 C CA  . ALA   A 1 136 ? -11.016 15.308  6.854   1.00 20.92  ? 142 ALA   B CA  1 
ATOM   1185 C C   . ALA   A 1 136 ? -11.622 13.917  6.642   1.00 19.31  ? 142 ALA   B C   1 
ATOM   1186 O O   . ALA   A 1 136 ? -12.753 13.823  6.093   1.00 23.32  ? 142 ALA   B O   1 
ATOM   1187 C CB  . ALA   A 1 136 ? -10.467 15.842  5.558   1.00 20.80  ? 142 ALA   B CB  1 
ATOM   1188 N N   . GLY   A 1 137 ? -10.906 12.843  7.000   1.00 18.27  ? 143 GLY   B N   1 
ATOM   1189 C CA  . GLY   A 1 137 ? -11.364 11.474  6.731   1.00 15.85  ? 143 GLY   B CA  1 
ATOM   1190 C C   . GLY   A 1 137 ? -11.232 11.107  5.235   1.00 15.73  ? 143 GLY   B C   1 
ATOM   1191 O O   . GLY   A 1 137 ? -12.165 10.496  4.668   1.00 17.40  ? 143 GLY   B O   1 
ATOM   1192 N N   . VAL   A 1 138 ? -10.118 11.469  4.641   1.00 15.23  ? 144 VAL   B N   1 
ATOM   1193 C CA  . VAL   A 1 138 ? -9.879  11.313  3.183   1.00 15.84  ? 144 VAL   B CA  1 
ATOM   1194 C C   . VAL   A 1 138 ? -8.615  10.479  2.927   1.00 15.07  ? 144 VAL   B C   1 
ATOM   1195 O O   . VAL   A 1 138 ? -7.555  10.761  3.523   1.00 15.10  ? 144 VAL   B O   1 
ATOM   1196 C CB  . VAL   A 1 138 ? -9.808  12.687  2.512   1.00 17.78  ? 144 VAL   B CB  1 
ATOM   1197 C CG1 . VAL   A 1 138 ? -9.302  12.571  1.075   1.00 19.66  ? 144 VAL   B CG1 1 
ATOM   1198 C CG2 . VAL   A 1 138 ? -11.156 13.390  2.585   1.00 18.16  ? 144 VAL   B CG2 1 
ATOM   1199 N N   . VAL   A 1 139 ? -8.709  9.560   1.966   1.00 15.06  ? 145 VAL   B N   1 
ATOM   1200 C CA  . VAL   A 1 139 ? -7.535  8.878   1.362   1.00 13.43  ? 145 VAL   B CA  1 
ATOM   1201 C C   . VAL   A 1 139 ? -7.677  9.020   -0.162  1.00 12.70  ? 145 VAL   B C   1 
ATOM   1202 O O   . VAL   A 1 139 ? -8.705  8.508   -0.675  1.00 15.06  ? 145 VAL   B O   1 
ATOM   1203 C CB  . VAL   A 1 139 ? -7.469  7.393   1.734   1.00 15.12  ? 145 VAL   B CB  1 
ATOM   1204 C CG1 . VAL   A 1 139 ? -6.201  6.803   1.143   1.00 14.54  ? 145 VAL   B CG1 1 
ATOM   1205 C CG2 . VAL   A 1 139 ? -7.528  7.178   3.243   1.00 15.46  ? 145 VAL   B CG2 1 
ATOM   1206 N N   . SER   A 1 140 ? -6.717  9.673   -0.822  1.00 12.50  ? 146 SER   B N   1 
ATOM   1207 C CA  . SER   A 1 140 ? -6.770  9.877   -2.291  1.00 14.08  ? 146 SER   B CA  1 
ATOM   1208 C C   . SER   A 1 140 ? -5.538  9.285   -2.963  1.00 14.54  ? 146 SER   B C   1 
ATOM   1209 O O   . SER   A 1 140 ? -4.441  9.277   -2.380  1.00 14.94  ? 146 SER   B O   1 
ATOM   1210 C CB  . SER   A 1 140 ? -6.944  11.324  -2.645  1.00 15.07  ? 146 SER   B CB  1 
ATOM   1211 O OG  . SER   A 1 140 ? -8.201  11.787  -2.155  1.00 15.54  ? 146 SER   B OG  1 
ATOM   1212 N N   . PHE   A 1 141 ? -5.735  8.848   -4.197  1.00 13.59  ? 147 PHE   B N   1 
ATOM   1213 C CA  . PHE   A 1 141 ? -4.695  8.217   -5.037  1.00 13.93  ? 147 PHE   B CA  1 
ATOM   1214 C C   . PHE   A 1 141 ? -4.535  9.042   -6.321  1.00 13.76  ? 147 PHE   B C   1 
ATOM   1215 O O   . PHE   A 1 141 ? -5.557  9.328   -6.967  1.00 14.08  ? 147 PHE   B O   1 
ATOM   1216 C CB  . PHE   A 1 141 ? -5.042  6.750   -5.297  1.00 13.14  ? 147 PHE   B CB  1 
ATOM   1217 C CG  . PHE   A 1 141 ? -5.130  5.891   -4.066  1.00 13.53  ? 147 PHE   B CG  1 
ATOM   1218 C CD1 . PHE   A 1 141 ? -6.292  5.872   -3.300  1.00 13.15  ? 147 PHE   B CD1 1 
ATOM   1219 C CD2 . PHE   A 1 141 ? -4.046  5.126   -3.658  1.00 13.76  ? 147 PHE   B CD2 1 
ATOM   1220 C CE1 . PHE   A 1 141 ? -6.362  5.126   -2.128  1.00 13.64  ? 147 PHE   B CE1 1 
ATOM   1221 C CE2 . PHE   A 1 141 ? -4.122  4.359   -2.512  1.00 12.62  ? 147 PHE   B CE2 1 
ATOM   1222 C CZ  . PHE   A 1 141 ? -5.279  4.346   -1.756  1.00 12.96  ? 147 PHE   B CZ  1 
ATOM   1223 N N   . TYR   A 1 142 ? -3.288  9.323   -6.684  1.00 16.01  ? 148 TYR   B N   1 
ATOM   1224 C CA  . TYR   A 1 142 ? -2.927  10.197  -7.829  1.00 16.95  ? 148 TYR   B CA  1 
ATOM   1225 C C   . TYR   A 1 142 ? -1.990  9.465   -8.784  1.00 18.95  ? 148 TYR   B C   1 
ATOM   1226 O O   . TYR   A 1 142 ? -1.094  8.722   -8.356  1.00 17.77  ? 148 TYR   B O   1 
ATOM   1227 C CB  . TYR   A 1 142 ? -2.295  11.492  -7.325  1.00 18.01  ? 148 TYR   B CB  1 
ATOM   1228 C CG  . TYR   A 1 142 ? -3.256  12.314  -6.522  1.00 17.13  ? 148 TYR   B CG  1 
ATOM   1229 C CD1 . TYR   A 1 142 ? -4.217  13.090  -7.148  1.00 19.31  ? 148 TYR   B CD1 1 
ATOM   1230 C CD2 . TYR   A 1 142 ? -3.317  12.183  -5.148  1.00 19.02  ? 148 TYR   B CD2 1 
ATOM   1231 C CE1 . TYR   A 1 142 ? -5.131  13.818  -6.410  1.00 19.79  ? 148 TYR   B CE1 1 
ATOM   1232 C CE2 . TYR   A 1 142 ? -4.224  12.906  -4.397  1.00 19.08  ? 148 TYR   B CE2 1 
ATOM   1233 C CZ  . TYR   A 1 142 ? -5.129  13.727  -5.030  1.00 19.75  ? 148 TYR   B CZ  1 
ATOM   1234 O OH  . TYR   A 1 142 ? -6.069  14.381  -4.294  1.00 20.32  ? 148 TYR   B OH  1 
ATOM   1235 N N   . ASN   A 1 143 ? -2.171  9.705   -10.088 1.00 18.05  ? 149 ASN   B N   1 
ATOM   1236 C CA  . ASN   A 1 143 ? -1.377  9.027   -11.144 1.00 17.90  ? 149 ASN   B CA  1 
ATOM   1237 C C   . ASN   A 1 143 ? -0.202  9.934   -11.513 1.00 20.42  ? 149 ASN   B C   1 
ATOM   1238 O O   . ASN   A 1 143 ? -0.429  10.909  -12.273 1.00 20.03  ? 149 ASN   B O   1 
ATOM   1239 C CB  . ASN   A 1 143 ? -2.261  8.779   -12.366 1.00 18.79  ? 149 ASN   B CB  1 
ATOM   1240 C CG  . ASN   A 1 143 ? -1.568  8.030   -13.487 1.00 19.23  ? 149 ASN   B CG  1 
ATOM   1241 O OD1 . ASN   A 1 143 ? -0.339  8.019   -13.575 1.00 18.97  ? 149 ASN   B OD1 1 
ATOM   1242 N ND2 . ASN   A 1 143 ? -2.369  7.433   -14.345 1.00 20.21  ? 149 ASN   B ND2 1 
ATOM   1243 N N   . ILE   A 1 144 ? 0.980   9.699   -10.962 1.00 18.35  ? 150 ILE   B N   1 
ATOM   1244 C CA  . ILE   A 1 144 ? 2.129   10.642  -11.092 1.00 20.20  ? 150 ILE   B CA  1 
ATOM   1245 C C   . ILE   A 1 144 ? 2.561   10.607  -12.578 1.00 21.92  ? 150 ILE   B C   1 
ATOM   1246 O O   . ILE   A 1 144 ? 3.010   11.632  -13.083 1.00 23.83  ? 150 ILE   B O   1 
ATOM   1247 C CB  . ILE   A 1 144 ? 3.257   10.301  -10.106 1.00 22.40  ? 150 ILE   B CB  1 
ATOM   1248 C CG1 . ILE   A 1 144 ? 2.763   10.236  -8.654  1.00 21.52  ? 150 ILE   B CG1 1 
ATOM   1249 C CG2 . ILE   A 1 144 ? 4.418   11.292  -10.254 1.00 23.32  ? 150 ILE   B CG2 1 
ATOM   1250 C CD1 . ILE   A 1 144 ? 1.903   11.424  -8.254  1.00 23.72  ? 150 ILE   B CD1 1 
ATOM   1251 N N   . THR   A 1 145 ? 2.418   9.464   -13.237 1.00 21.84  ? 151 THR   B N   1 
ATOM   1252 C CA  . THR   A 1 145 ? 2.808   9.263   -14.664 1.00 24.56  ? 151 THR   B CA  1 
ATOM   1253 C C   . THR   A 1 145 ? 1.958   10.180  -15.559 1.00 27.52  ? 151 THR   B C   1 
ATOM   1254 O O   . THR   A 1 145 ? 2.504   10.673  -16.559 1.00 29.92  ? 151 THR   B O   1 
ATOM   1255 C CB  . THR   A 1 145 ? 2.671   7.775   -15.019 1.00 24.24  ? 151 THR   B CB  1 
ATOM   1256 O OG1 . THR   A 1 145 ? 3.462   7.046   -14.069 1.00 21.78  ? 151 THR   B OG1 1 
ATOM   1257 C CG2 . THR   A 1 145 ? 3.032   7.512   -16.465 1.00 27.34  ? 151 THR   B CG2 1 
ATOM   1258 N N   . ASP   A 1 146 ? 0.709   10.462  -15.168 1.00 27.62  ? 152 ASP   B N   1 
ATOM   1259 C CA  . ASP   A 1 146 ? -0.253  11.316  -15.901 1.00 27.44  ? 152 ASP   B CA  1 
ATOM   1260 C C   . ASP   A 1 146 ? -0.443  12.667  -15.198 1.00 27.04  ? 152 ASP   B C   1 
ATOM   1261 O O   . ASP   A 1 146 ? -1.594  13.011  -14.923 1.00 26.44  ? 152 ASP   B O   1 
ATOM   1262 C CB  . ASP   A 1 146 ? -1.555  10.553  -16.066 1.00 27.28  ? 152 ASP   B CB  1 
ATOM   1263 C CG  . ASP   A 1 146 ? -2.534  11.294  -16.943 1.00 34.61  ? 152 ASP   B CG  1 
ATOM   1264 O OD1 . ASP   A 1 146 ? -2.076  11.905  -17.954 1.00 31.44  ? 152 ASP   B OD1 1 
ATOM   1265 O OD2 . ASP   A 1 146 ? -3.732  11.265  -16.605 1.00 31.59  ? 152 ASP   B OD2 1 
ATOM   1266 N N   . HIS   A 1 147 ? 0.639   13.394  -14.897 1.00 26.94  ? 153 HIS   B N   1 
ATOM   1267 C CA  . HIS   A 1 147 ? 0.599   14.770  -14.328 1.00 28.98  ? 153 HIS   B CA  1 
ATOM   1268 C C   . HIS   A 1 147 ? -0.197  14.846  -13.018 1.00 29.41  ? 153 HIS   B C   1 
ATOM   1269 O O   . HIS   A 1 147 ? -0.821  15.895  -12.784 1.00 28.74  ? 153 HIS   B O   1 
ATOM   1270 C CB  . HIS   A 1 147 ? -0.079  15.762  -15.290 1.00 37.18  ? 153 HIS   B CB  1 
ATOM   1271 C CG  . HIS   A 1 147 ? 0.388   15.750  -16.713 1.00 45.76  ? 153 HIS   B CG  1 
ATOM   1272 N ND1 . HIS   A 1 147 ? 1.645   16.210  -17.091 1.00 51.81  ? 153 HIS   B ND1 1 
ATOM   1273 C CD2 . HIS   A 1 147 ? -0.260  15.428  -17.855 1.00 50.70  ? 153 HIS   B CD2 1 
ATOM   1274 C CE1 . HIS   A 1 147 ? 1.766   16.117  -18.401 1.00 55.93  ? 153 HIS   B CE1 1 
ATOM   1275 N NE2 . HIS   A 1 147 ? 0.606   15.644  -18.895 1.00 54.33  ? 153 HIS   B NE2 1 
ATOM   1276 N N   . GLY   A 1 148 ? -0.231  13.788  -12.197 1.00 26.32  ? 154 GLY   B N   1 
ATOM   1277 C CA  . GLY   A 1 148 ? -0.886  13.846  -10.878 1.00 23.21  ? 154 GLY   B CA  1 
ATOM   1278 C C   . GLY   A 1 148 ? -2.398  13.723  -10.957 1.00 21.67  ? 154 GLY   B C   1 
ATOM   1279 O O   . GLY   A 1 148 ? -3.079  14.232  -10.037 1.00 20.62  ? 154 GLY   B O   1 
ATOM   1280 N N   . SER   A 1 149 ? -2.938  13.159  -12.034 1.00 19.97  ? 155 SER   B N   1 
ATOM   1281 C CA  . SER   A 1 149 ? -4.408  13.058  -12.246 1.00 19.97  ? 155 SER   B CA  1 
ATOM   1282 C C   . SER   A 1 149 ? -5.059  12.173  -11.160 1.00 18.49  ? 155 SER   B C   1 
ATOM   1283 O O   . SER   A 1 149 ? -4.427  11.195  -10.696 1.00 18.55  ? 155 SER   B O   1 
ATOM   1284 C CB  . SER   A 1 149 ? -4.754  12.591  -13.625 1.00 20.01  ? 155 SER   B CB  1 
ATOM   1285 O OG  . SER   A 1 149 ? -4.317  11.271  -13.880 1.00 21.51  ? 155 SER   B OG  1 
ATOM   1286 N N   . LEU   A 1 150 ? -6.252  12.524  -10.683 1.00 17.75  ? 156 LEU   B N   1 
ATOM   1287 C CA  . LEU   A 1 150 ? -6.915  11.718  -9.608  1.00 17.19  ? 156 LEU   B CA  1 
ATOM   1288 C C   . LEU   A 1 150 ? -7.279  10.334  -10.139 1.00 16.92  ? 156 LEU   B C   1 
ATOM   1289 O O   . LEU   A 1 150 ? -7.839  10.197  -11.251 1.00 17.02  ? 156 LEU   B O   1 
ATOM   1290 C CB  . LEU   A 1 150 ? -8.186  12.431  -9.163  1.00 18.07  ? 156 LEU   B CB  1 
ATOM   1291 C CG  . LEU   A 1 150 ? -8.985  11.750  -8.061  1.00 18.44  ? 156 LEU   B CG  1 
ATOM   1292 C CD1 . LEU   A 1 150 ? -8.261  11.720  -6.728  1.00 17.90  ? 156 LEU   B CD1 1 
ATOM   1293 C CD2 . LEU   A 1 150 ? -10.318 12.487  -7.907  1.00 18.80  ? 156 LEU   B CD2 1 
ATOM   1294 N N   . ILE   A 1 151 ? -6.996  9.320   -9.332  1.00 15.44  ? 157 ILE   B N   1 
ATOM   1295 C CA  . ILE   A 1 151 ? -7.427  7.938   -9.555  1.00 15.69  ? 157 ILE   B CA  1 
ATOM   1296 C C   . ILE   A 1 151 ? -8.678  7.641   -8.740  1.00 14.26  ? 157 ILE   B C   1 
ATOM   1297 O O   . ILE   A 1 151 ? -9.630  7.054   -9.278  1.00 13.91  ? 157 ILE   B O   1 
ATOM   1298 C CB  . ILE   A 1 151 ? -6.295  6.941   -9.217  1.00 16.00  ? 157 ILE   B CB  1 
ATOM   1299 C CG1 . ILE   A 1 151 ? -5.089  7.179   -10.137 1.00 17.97  ? 157 ILE   B CG1 1 
ATOM   1300 C CG2 . ILE   A 1 151 ? -6.832  5.533   -9.328  1.00 16.88  ? 157 ILE   B CG2 1 
ATOM   1301 C CD1 . ILE   A 1 151 ? -3.864  6.383   -9.757  1.00 17.01  ? 157 ILE   B CD1 1 
ATOM   1302 N N   . TYR   A 1 152 ? -8.634  7.878   -7.415  1.00 13.51  ? 158 TYR   B N   1 
ATOM   1303 C CA  . TYR   A 1 152 ? -9.752  7.481   -6.538  1.00 12.22  ? 158 TYR   B CA  1 
ATOM   1304 C C   . TYR   A 1 152 ? -9.642  8.245   -5.209  1.00 13.21  ? 158 TYR   B C   1 
ATOM   1305 O O   . TYR   A 1 152 ? -8.502  8.559   -4.780  1.00 12.66  ? 158 TYR   B O   1 
ATOM   1306 C CB  . TYR   A 1 152 ? -9.699  5.977   -6.241  1.00 14.22  ? 158 TYR   B CB  1 
ATOM   1307 C CG  . TYR   A 1 152 ? -10.918 5.443   -5.552  1.00 13.38  ? 158 TYR   B CG  1 
ATOM   1308 C CD1 . TYR   A 1 152 ? -12.037 5.069   -6.275  1.00 14.63  ? 158 TYR   B CD1 1 
ATOM   1309 C CD2 . TYR   A 1 152 ? -10.995 5.365   -4.156  1.00 14.22  ? 158 TYR   B CD2 1 
ATOM   1310 C CE1 . TYR   A 1 152 ? -13.202 4.637   -5.645  1.00 16.21  ? 158 TYR   B CE1 1 
ATOM   1311 C CE2 . TYR   A 1 152 ? -12.152 4.925   -3.522  1.00 13.73  ? 158 TYR   B CE2 1 
ATOM   1312 C CZ  . TYR   A 1 152 ? -13.248 4.548   -4.255  1.00 14.66  ? 158 TYR   B CZ  1 
ATOM   1313 O OH  . TYR   A 1 152 ? -14.394 4.148   -3.645  1.00 18.08  ? 158 TYR   B OH  1 
ATOM   1314 N N   . THR   A 1 153 ? -10.800 8.549   -4.621  1.00 13.15  ? 159 THR   B N   1 
ATOM   1315 C CA  . THR   A 1 153 ? -10.929 9.206   -3.273  1.00 13.40  ? 159 THR   B CA  1 
ATOM   1316 C C   . THR   A 1 153 ? -11.905 8.411   -2.415  1.00 14.38  ? 159 THR   B C   1 
ATOM   1317 O O   . THR   A 1 153 ? -13.050 8.222   -2.807  1.00 15.49  ? 159 THR   B O   1 
ATOM   1318 C CB  . THR   A 1 153 ? -11.393 10.670  -3.402  1.00 14.45  ? 159 THR   B CB  1 
ATOM   1319 O OG1 . THR   A 1 153 ? -10.332 11.434  -3.978  1.00 16.83  ? 159 THR   B OG1 1 
ATOM   1320 C CG2 . THR   A 1 153 ? -11.748 11.295  -2.065  1.00 18.43  ? 159 THR   B CG2 1 
ATOM   1321 N N   . PHE   A 1 154 ? -11.429 7.915   -1.265  1.00 14.18  ? 160 PHE   B N   1 
ATOM   1322 C CA  . PHE   A 1 154 ? -12.256 7.414   -0.149  1.00 14.16  ? 160 PHE   B CA  1 
ATOM   1323 C C   . PHE   A 1 154 ? -12.549 8.618   0.748   1.00 15.97  ? 160 PHE   B C   1 
ATOM   1324 O O   . PHE   A 1 154 ? -11.640 9.346   1.076   1.00 16.07  ? 160 PHE   B O   1 
ATOM   1325 C CB  . PHE   A 1 154 ? -11.504 6.388   0.694   1.00 14.91  ? 160 PHE   B CB  1 
ATOM   1326 C CG  . PHE   A 1 154 ? -11.215 5.060   0.054   1.00 12.18  ? 160 PHE   B CG  1 
ATOM   1327 C CD1 . PHE   A 1 154 ? -10.028 4.881   -0.640  1.00 12.26  ? 160 PHE   B CD1 1 
ATOM   1328 C CD2 . PHE   A 1 154 ? -12.086 3.999   0.192   1.00 12.40  ? 160 PHE   B CD2 1 
ATOM   1329 C CE1 . PHE   A 1 154 ? -9.730  3.632   -1.157  1.00 12.70  ? 160 PHE   B CE1 1 
ATOM   1330 C CE2 . PHE   A 1 154 ? -11.799 2.754   -0.365  1.00 12.71  ? 160 PHE   B CE2 1 
ATOM   1331 C CZ  . PHE   A 1 154 ? -10.619 2.577   -1.025  1.00 11.92  ? 160 PHE   B CZ  1 
ATOM   1332 N N   . SER   A 1 155 ? -13.818 8.863   1.043   1.00 17.84  ? 161 SER   B N   1 
ATOM   1333 C CA  . SER   A 1 155 ? -14.187 9.963   1.962   1.00 20.24  ? 161 SER   B CA  1 
ATOM   1334 C C   . SER   A 1 155 ? -15.085 9.431   3.077   1.00 21.17  ? 161 SER   B C   1 
ATOM   1335 O O   . SER   A 1 155 ? -15.489 8.241   3.058   1.00 20.35  ? 161 SER   B O   1 
ATOM   1336 C CB  . SER   A 1 155 ? -14.822 11.108  1.216   1.00 23.66  ? 161 SER   B CB  1 
ATOM   1337 O OG  . SER   A 1 155 ? -16.074 10.727  0.717   1.00 23.94  ? 161 SER   B OG  1 
ATOM   1338 N N   . GLU   A 1 156 ? -15.267 10.264  4.104   1.00 23.24  ? 162 GLU   B N   1 
ATOM   1339 C CA  . GLU   A 1 156 ? -15.959 9.872   5.361   1.00 25.61  ? 162 GLU   B CA  1 
ATOM   1340 C C   . GLU   A 1 156 ? -15.319 8.617   5.964   1.00 22.50  ? 162 GLU   B C   1 
ATOM   1341 O O   . GLU   A 1 156 ? -16.080 7.736   6.428   1.00 22.99  ? 162 GLU   B O   1 
ATOM   1342 C CB  . GLU   A 1 156 ? -17.433 9.545   5.119   1.00 30.58  ? 162 GLU   B CB  1 
ATOM   1343 C CG  . GLU   A 1 156 ? -18.280 10.669  4.575   1.00 39.08  ? 162 GLU   B CG  1 
ATOM   1344 C CD  . GLU   A 1 156 ? -19.649 10.150  4.148   1.00 48.99  ? 162 GLU   B CD  1 
ATOM   1345 O OE1 . GLU   A 1 156 ? -19.711 9.299   3.232   1.00 56.34  ? 162 GLU   B OE1 1 
ATOM   1346 O OE2 . GLU   A 1 156 ? -20.648 10.554  4.762   1.00 62.50  ? 162 GLU   B OE2 1 
ATOM   1347 N N   . CYS   A 1 157 ? -13.993 8.464   5.882   1.00 19.30  ? 163 CYS   B N   1 
ATOM   1348 C CA  . CYS   A 1 157 ? -13.299 7.234   6.337   1.00 18.20  ? 163 CYS   B CA  1 
ATOM   1349 C C   . CYS   A 1 157 ? -13.375 7.110   7.868   1.00 21.48  ? 163 CYS   B C   1 
ATOM   1350 O O   . CYS   A 1 157 ? -13.131 8.147   8.557   1.00 22.21  ? 163 CYS   B O   1 
ATOM   1351 C CB  . CYS   A 1 157 ? -11.831 7.234   5.972   1.00 17.25  ? 163 CYS   B CB  1 
ATOM   1352 S SG  . CYS   A 1 157 ? -11.541 7.257   4.177   1.00 18.48  ? 163 CYS   B SG  1 
ATOM   1353 N N   . VAL   A 1 158 ? -13.590 5.893   8.352   1.00 19.92  ? 164 VAL   B N   1 
ATOM   1354 C CA  . VAL   A 1 158 ? -13.571 5.595   9.819   1.00 21.06  ? 164 VAL   B CA  1 
ATOM   1355 C C   . VAL   A 1 158 ? -12.236 4.985   10.161  1.00 19.78  ? 164 VAL   B C   1 
ATOM   1356 O O   . VAL   A 1 158 ? -12.137 3.737   10.274  1.00 19.02  ? 164 VAL   B O   1 
ATOM   1357 C CB  . VAL   A 1 158 ? -14.758 4.707   10.228  1.00 23.91  ? 164 VAL   B CB  1 
ATOM   1358 C CG1 . VAL   A 1 158 ? -14.773 4.459   11.737  1.00 24.32  ? 164 VAL   B CG1 1 
ATOM   1359 C CG2 . VAL   A 1 158 ? -16.065 5.338   9.782   1.00 26.56  ? 164 VAL   B CG2 1 
ATOM   1360 N N   . PHE   A 1 159 ? -11.227 5.837   10.305  1.00 16.41  ? 165 PHE   B N   1 
ATOM   1361 C CA  . PHE   A 1 159 ? -9.864  5.377   10.592  1.00 15.78  ? 165 PHE   B CA  1 
ATOM   1362 C C   . PHE   A 1 159 ? -9.879  4.619   11.919  1.00 20.97  ? 165 PHE   B C   1 
ATOM   1363 O O   . PHE   A 1 159 ? -9.207  3.589   12.041  1.00 19.97  ? 165 PHE   B O   1 
ATOM   1364 C CB  . PHE   A 1 159 ? -8.891  6.546   10.553  1.00 16.85  ? 165 PHE   B CB  1 
ATOM   1365 C CG  . PHE   A 1 159 ? -8.776  7.193   9.196   1.00 17.08  ? 165 PHE   B CG  1 
ATOM   1366 C CD1 . PHE   A 1 159 ? -8.684  6.408   8.056   1.00 15.98  ? 165 PHE   B CD1 1 
ATOM   1367 C CD2 . PHE   A 1 159 ? -8.732  8.583   9.054   1.00 17.31  ? 165 PHE   B CD2 1 
ATOM   1368 C CE1 . PHE   A 1 159 ? -8.562  6.997   6.807   1.00 14.78  ? 165 PHE   B CE1 1 
ATOM   1369 C CE2 . PHE   A 1 159 ? -8.596  9.167   7.798   1.00 16.70  ? 165 PHE   B CE2 1 
ATOM   1370 C CZ  . PHE   A 1 159 ? -8.531  8.360   6.683   1.00 15.92  ? 165 PHE   B CZ  1 
ATOM   1371 N N   . ALA   A 1 160 ? -10.594 5.143   12.903  1.00 17.41  ? 166 ALA   B N   1 
ATOM   1372 C CA  . ALA   A 1 160 ? -10.808 4.448   14.201  1.00 17.56  ? 166 ALA   B CA  1 
ATOM   1373 C C   . ALA   A 1 160 ? -9.504  4.097   14.903  1.00 19.44  ? 166 ALA   B C   1 
ATOM   1374 O O   . ALA   A 1 160 ? -9.493  3.145   15.756  1.00 21.31  ? 166 ALA   B O   1 
ATOM   1375 C CB  . ALA   A 1 160 ? -11.695 3.257   13.983  1.00 17.79  ? 166 ALA   B CB  1 
ATOM   1376 N N   . GLY   A 1 161 ? -8.455  4.886   14.684  1.00 19.45  ? 167 GLY   B N   1 
ATOM   1377 C CA  . GLY   A 1 161 ? -7.180  4.675   15.371  1.00 19.20  ? 167 GLY   B CA  1 
ATOM   1378 C C   . GLY   A 1 161 ? -6.027  5.086   14.502  1.00 18.17  ? 167 GLY   B C   1 
ATOM   1379 O O   . GLY   A 1 161 ? -6.241  5.679   13.433  1.00 17.95  ? 167 GLY   B O   1 
ATOM   1380 N N   . PRO   A 1 162 ? -4.800  4.787   14.944  1.00 16.80  ? 168 PRO   B N   1 
ATOM   1381 C CA  . PRO   A 1 162 ? -3.627  5.186   14.189  1.00 16.52  ? 168 PRO   B CA  1 
ATOM   1382 C C   . PRO   A 1 162 ? -3.586  4.466   12.824  1.00 14.99  ? 168 PRO   B C   1 
ATOM   1383 O O   . PRO   A 1 162 ? -4.073  3.323   12.727  1.00 14.97  ? 168 PRO   B O   1 
ATOM   1384 C CB  . PRO   A 1 162 ? -2.451  4.752   15.050  1.00 17.27  ? 168 PRO   B CB  1 
ATOM   1385 C CG  . PRO   A 1 162 ? -3.050  4.531   16.418  1.00 17.45  ? 168 PRO   B CG  1 
ATOM   1386 C CD  . PRO   A 1 162 ? -4.472  4.077   16.207  1.00 17.32  ? 168 PRO   B CD  1 
ATOM   1387 N N   . LEU   A 1 163 ? -2.984  5.118   11.826  1.00 15.20  ? 169 LEU   B N   1 
ATOM   1388 C CA  . LEU   A 1 163 ? -2.881  4.543   10.453  1.00 15.55  ? 169 LEU   B CA  1 
ATOM   1389 C C   . LEU   A 1 163 ? -1.429  4.217   10.134  1.00 14.90  ? 169 LEU   B C   1 
ATOM   1390 O O   . LEU   A 1 163 ? -0.473  4.903   10.646  1.00 15.77  ? 169 LEU   B O   1 
ATOM   1391 C CB  . LEU   A 1 163 ? -3.400  5.560   9.436   1.00 15.61  ? 169 LEU   B CB  1 
ATOM   1392 C CG  . LEU   A 1 163 ? -4.898  5.841   9.430   1.00 15.78  ? 169 LEU   B CG  1 
ATOM   1393 C CD1 . LEU   A 1 163 ? -5.178  6.909   8.391   1.00 17.18  ? 169 LEU   B CD1 1 
ATOM   1394 C CD2 . LEU   A 1 163 ? -5.751  4.591   9.176   1.00 17.15  ? 169 LEU   B CD2 1 
ATOM   1395 N N   . ARG   A 1 164 ? -1.239  3.177   9.297   1.00 15.46  ? 170 ARG   B N   1 
ATOM   1396 C CA  . ARG   A 1 164 ? 0.099   2.805   8.778   1.00 15.69  ? 170 ARG   B CA  1 
ATOM   1397 C C   . ARG   A 1 164 ? 0.044   2.724   7.256   1.00 13.37  ? 170 ARG   B C   1 
ATOM   1398 O O   . ARG   A 1 164 ? -0.953  2.223   6.728   1.00 13.38  ? 170 ARG   B O   1 
ATOM   1399 C CB  . ARG   A 1 164 ? 0.505   1.469   9.386   1.00 18.65  ? 170 ARG   B CB  1 
ATOM   1400 C CG  . ARG   A 1 164 ? 0.420   1.656   10.899  1.00 24.63  ? 170 ARG   B CG  1 
ATOM   1401 C CD  . ARG   A 1 164 ? 1.353   1.037   11.846  1.00 29.07  ? 170 ARG   B CD  1 
ATOM   1402 N NE  . ARG   A 1 164 ? 2.663   0.727   11.384  1.00 25.55  ? 170 ARG   B NE  1 
ATOM   1403 C CZ  . ARG   A 1 164 ? 3.329   -0.265  11.908  1.00 28.11  ? 170 ARG   B CZ  1 
ATOM   1404 N NH1 . ARG   A 1 164 ? 2.744   -0.942  12.882  1.00 28.03  ? 170 ARG   B NH1 1 
ATOM   1405 N NH2 . ARG   A 1 164 ? 4.535   -0.591  11.474  1.00 24.14  ? 170 ARG   B NH2 1 
ATOM   1406 N N   . PRO   A 1 165 ? 1.104   3.156   6.557   1.00 13.52  ? 171 PRO   B N   1 
ATOM   1407 C CA  . PRO   A 1 165 ? 1.221   2.910   5.113   1.00 13.89  ? 171 PRO   B CA  1 
ATOM   1408 C C   . PRO   A 1 165 ? 1.143   1.395   4.896   1.00 13.64  ? 171 PRO   B C   1 
ATOM   1409 O O   . PRO   A 1 165 ? 1.684   0.633   5.733   1.00 12.00  ? 171 PRO   B O   1 
ATOM   1410 C CB  . PRO   A 1 165 ? 2.607   3.473   4.773   1.00 14.74  ? 171 PRO   B CB  1 
ATOM   1411 C CG  . PRO   A 1 165 ? 2.835   4.525   5.847   1.00 15.65  ? 171 PRO   B CG  1 
ATOM   1412 C CD  . PRO   A 1 165 ? 2.279   3.873   7.092   1.00 14.51  ? 171 PRO   B CD  1 
ATOM   1413 N N   . PHE   A 1 166 ? 0.438   0.957   3.862   1.00 12.47  ? 172 PHE   B N   1 
ATOM   1414 C CA  . PHE   A 1 166 ? 0.196   -0.468  3.560   1.00 13.24  ? 172 PHE   B CA  1 
ATOM   1415 C C   . PHE   A 1 166 ? 0.682   -0.795  2.137   1.00 13.12  ? 172 PHE   B C   1 
ATOM   1416 O O   . PHE   A 1 166 ? 0.412   -0.040  1.190   1.00 12.51  ? 172 PHE   B O   1 
ATOM   1417 C CB  . PHE   A 1 166 ? -1.299  -0.723  3.680   1.00 14.08  ? 172 PHE   B CB  1 
ATOM   1418 C CG  . PHE   A 1 166 ? -1.693  -2.114  3.243   1.00 15.00  ? 172 PHE   B CG  1 
ATOM   1419 C CD1 . PHE   A 1 166 ? -1.470  -3.183  4.109   1.00 13.63  ? 172 PHE   B CD1 1 
ATOM   1420 C CD2 . PHE   A 1 166 ? -2.194  -2.356  1.970   1.00 15.26  ? 172 PHE   B CD2 1 
ATOM   1421 C CE1 . PHE   A 1 166 ? -1.803  -4.469  3.722   1.00 15.08  ? 172 PHE   B CE1 1 
ATOM   1422 C CE2 . PHE   A 1 166 ? -2.530  -3.658  1.587   1.00 15.11  ? 172 PHE   B CE2 1 
ATOM   1423 C CZ  . PHE   A 1 166 ? -2.338  -4.696  2.476   1.00 14.78  ? 172 PHE   B CZ  1 
ATOM   1424 N N   . PHE   A 1 167 ? 1.306   -1.971  1.968   1.00 12.10  ? 173 PHE   B N   1 
ATOM   1425 C CA  . PHE   A 1 167 ? 1.908   -2.427  0.700   1.00 13.52  ? 173 PHE   B CA  1 
ATOM   1426 C C   . PHE   A 1 167 ? 1.651   -3.925  0.530   1.00 14.38  ? 173 PHE   B C   1 
ATOM   1427 O O   . PHE   A 1 167 ? 1.794   -4.670  1.496   1.00 14.65  ? 173 PHE   B O   1 
ATOM   1428 C CB  . PHE   A 1 167 ? 3.427   -2.179  0.699   1.00 14.20  ? 173 PHE   B CB  1 
ATOM   1429 C CG  . PHE   A 1 167 ? 3.843   -0.763  1.052   1.00 14.09  ? 173 PHE   B CG  1 
ATOM   1430 C CD1 . PHE   A 1 167 ? 4.000   -0.407  2.380   1.00 14.44  ? 173 PHE   B CD1 1 
ATOM   1431 C CD2 . PHE   A 1 167 ? 4.063   0.185   0.079   1.00 15.52  ? 173 PHE   B CD2 1 
ATOM   1432 C CE1 . PHE   A 1 167 ? 4.350   0.892   2.744   1.00 14.27  ? 173 PHE   B CE1 1 
ATOM   1433 C CE2 . PHE   A 1 167 ? 4.425   1.474   0.432   1.00 15.52  ? 173 PHE   B CE2 1 
ATOM   1434 C CZ  . PHE   A 1 167 ? 4.582   1.825   1.757   1.00 14.23  ? 173 PHE   B CZ  1 
ATOM   1435 N N   . ASN   A 1 168 ? 1.357   -4.340  -0.696  1.00 13.97  ? 174 ASN   B N   1 
ATOM   1436 C CA  . ASN   A 1 168 ? 1.304   -5.770  -1.085  1.00 12.73  ? 174 ASN   B CA  1 
ATOM   1437 C C   . ASN   A 1 168 ? 2.060   -5.869  -2.414  1.00 13.86  ? 174 ASN   B C   1 
ATOM   1438 O O   . ASN   A 1 168 ? 1.608   -5.243  -3.386  1.00 12.65  ? 174 ASN   B O   1 
ATOM   1439 C CB  . ASN   A 1 168 ? -0.140  -6.271  -1.204  1.00 13.12  ? 174 ASN   B CB  1 
ATOM   1440 C CG  . ASN   A 1 168 ? -0.214  -7.758  -1.492  1.00 14.44  ? 174 ASN   B CG  1 
ATOM   1441 O OD1 . ASN   A 1 168 ? 0.794   -8.415  -1.712  1.00 16.03  ? 174 ASN   B OD1 1 
ATOM   1442 N ND2 . ASN   A 1 168 ? -1.400  -8.324  -1.360  1.00 16.31  ? 174 ASN   B ND2 1 
ATOM   1443 N N   . VAL   A 1 169 ? 3.184   -6.610  -2.464  1.00 14.04  ? 175 VAL   B N   1 
ATOM   1444 C CA  . VAL   A 1 169 ? 4.004   -6.730  -3.710  1.00 13.79  ? 175 VAL   B CA  1 
ATOM   1445 C C   . VAL   A 1 169 ? 3.347   -7.741  -4.652  1.00 13.58  ? 175 VAL   B C   1 
ATOM   1446 O O   . VAL   A 1 169 ? 3.770   -7.844  -5.818  1.00 14.02  ? 175 VAL   B O   1 
ATOM   1447 C CB  . VAL   A 1 169 ? 5.465   -7.101  -3.409  1.00 14.89  ? 175 VAL   B CB  1 
ATOM   1448 C CG1 . VAL   A 1 169 ? 6.141   -6.052  -2.546  1.00 15.83  ? 175 VAL   B CG1 1 
ATOM   1449 C CG2 . VAL   A 1 169 ? 5.579   -8.460  -2.736  1.00 15.02  ? 175 VAL   B CG2 1 
ATOM   1450 N N   . GLY   A 1 170 ? 2.403   -8.526  -4.138  1.00 15.40  ? 176 GLY   B N   1 
ATOM   1451 C CA  . GLY   A 1 170 ? 1.710   -9.561  -4.939  1.00 16.09  ? 176 GLY   B CA  1 
ATOM   1452 C C   . GLY   A 1 170 ? 2.526   -10.837 -5.056  1.00 15.10  ? 176 GLY   B C   1 
ATOM   1453 O O   . GLY   A 1 170 ? 3.717   -10.828 -4.818  1.00 15.21  ? 176 GLY   B O   1 
ATOM   1454 N N   . PHE   A 1 171 ? 1.860   -11.932 -5.388  1.00 15.78  ? 177 PHE   B N   1 
ATOM   1455 C CA  . PHE   A 1 171 ? 2.521   -13.223 -5.684  1.00 16.22  ? 177 PHE   B CA  1 
ATOM   1456 C C   . PHE   A 1 171 ? 3.268   -13.103 -7.006  1.00 15.96  ? 177 PHE   B C   1 
ATOM   1457 O O   . PHE   A 1 171 ? 3.088   -12.134 -7.770  1.00 15.65  ? 177 PHE   B O   1 
ATOM   1458 C CB  . PHE   A 1 171 ? 1.504   -14.373 -5.674  1.00 17.58  ? 177 PHE   B CB  1 
ATOM   1459 C CG  . PHE   A 1 171 ? 0.960   -14.645 -4.310  1.00 17.43  ? 177 PHE   B CG  1 
ATOM   1460 C CD1 . PHE   A 1 171 ? 1.687   -15.407 -3.422  1.00 18.95  ? 177 PHE   B CD1 1 
ATOM   1461 C CD2 . PHE   A 1 171 ? -0.278  -14.180 -3.917  1.00 18.03  ? 177 PHE   B CD2 1 
ATOM   1462 C CE1 . PHE   A 1 171 ? 1.212   -15.662 -2.142  1.00 20.55  ? 177 PHE   B CE1 1 
ATOM   1463 C CE2 . PHE   A 1 171 ? -0.760  -14.460 -2.642  1.00 18.63  ? 177 PHE   B CE2 1 
ATOM   1464 C CZ  . PHE   A 1 171 ? -0.005  -15.181 -1.756  1.00 19.37  ? 177 PHE   B CZ  1 
ATOM   1465 N N   . ASN   A 1 172 ? 4.112   -14.097 -7.260  1.00 16.57  ? 178 ASN   B N   1 
ATOM   1466 C CA  . ASN   A 1 172 ? 4.839   -14.205 -8.537  1.00 16.18  ? 178 ASN   B CA  1 
ATOM   1467 C C   . ASN   A 1 172 ? 4.701   -15.628 -9.091  1.00 17.65  ? 178 ASN   B C   1 
ATOM   1468 O O   . ASN   A 1 172 ? 5.743   -16.237 -9.466  1.00 18.39  ? 178 ASN   B O   1 
ATOM   1469 C CB  . ASN   A 1 172 ? 6.296   -13.799 -8.347  1.00 17.57  ? 178 ASN   B CB  1 
ATOM   1470 C CG  . ASN   A 1 172 ? 7.075   -13.683 -9.635  1.00 17.42  ? 178 ASN   B CG  1 
ATOM   1471 O OD1 . ASN   A 1 172 ? 6.512   -13.426 -10.687 1.00 16.42  ? 178 ASN   B OD1 1 
ATOM   1472 N ND2 . ASN   A 1 172 ? 8.390   -13.881 -9.577  1.00 18.26  ? 178 ASN   B ND2 1 
ATOM   1473 N N   . TYR   A 1 173 ? 3.479   -16.078 -9.344  1.00 19.20  ? 179 TYR   B N   1 
ATOM   1474 C CA  . TYR   A 1 173 ? 3.248   -17.423 -9.948  1.00 18.28  ? 179 TYR   B CA  1 
ATOM   1475 C C   . TYR   A 1 173 ? 3.680   -17.430 -11.414 1.00 20.92  ? 179 TYR   B C   1 
ATOM   1476 O O   . TYR   A 1 173 ? 4.105   -18.514 -11.934 1.00 20.81  ? 179 TYR   B O   1 
ATOM   1477 C CB  . TYR   A 1 173 ? 1.784   -17.822 -9.838  1.00 18.10  ? 179 TYR   B CB  1 
ATOM   1478 C CG  . TYR   A 1 173 ? 1.287   -18.048 -8.436  1.00 19.71  ? 179 TYR   B CG  1 
ATOM   1479 C CD1 . TYR   A 1 173 ? 1.630   -19.194 -7.740  1.00 24.76  ? 179 TYR   B CD1 1 
ATOM   1480 C CD2 . TYR   A 1 173 ? 0.440   -17.141 -7.840  1.00 22.29  ? 179 TYR   B CD2 1 
ATOM   1481 C CE1 . TYR   A 1 173 ? 1.191   -19.401 -6.442  1.00 26.49  ? 179 TYR   B CE1 1 
ATOM   1482 C CE2 . TYR   A 1 173 ? -0.022  -17.342 -6.549  1.00 25.55  ? 179 TYR   B CE2 1 
ATOM   1483 C CZ  . TYR   A 1 173 ? 0.369   -18.467 -5.849  1.00 25.82  ? 179 TYR   B CZ  1 
ATOM   1484 O OH  . TYR   A 1 173 ? -0.136  -18.667 -4.596  1.00 33.56  ? 179 TYR   B OH  1 
ATOM   1485 N N   . SER   A 1 174 ? 3.544   -16.296 -12.091 1.00 19.77  ? 180 SER   B N   1 
ATOM   1486 C CA  . SER   A 1 174 ? 3.761   -16.168 -13.560 1.00 19.27  ? 180 SER   B CA  1 
ATOM   1487 C C   . SER   A 1 174 ? 5.252   -16.010 -13.906 1.00 20.24  ? 180 SER   B C   1 
ATOM   1488 O O   . SER   A 1 174 ? 5.589   -16.099 -15.095 1.00 19.69  ? 180 SER   B O   1 
ATOM   1489 C CB  . SER   A 1 174 ? 3.006   -14.957 -14.096 1.00 19.03  ? 180 SER   B CB  1 
ATOM   1490 O OG  . SER   A 1 174 ? 3.522   -13.743 -13.495 1.00 21.20  ? 180 SER   B OG  1 
ATOM   1491 N N   . GLY   A 1 175 ? 6.074   -15.574 -12.962 1.00 17.96  ? 181 GLY   B N   1 
ATOM   1492 C CA  . GLY   A 1 175 ? 7.445   -15.133 -13.236 1.00 18.74  ? 181 GLY   B CA  1 
ATOM   1493 C C   . GLY   A 1 175 ? 7.495   -13.731 -13.813 1.00 20.62  ? 181 GLY   B C   1 
ATOM   1494 O O   . GLY   A 1 175 ? 8.624   -13.274 -14.044 1.00 24.30  ? 181 GLY   B O   1 
ATOM   1495 N N   . GLY   A 1 176 ? 6.346   -13.047 -14.000 1.00 18.54  ? 182 GLY   B N   1 
ATOM   1496 C CA  . GLY   A 1 176 ? 6.288   -11.680 -14.511 1.00 18.55  ? 182 GLY   B CA  1 
ATOM   1497 C C   . GLY   A 1 176 ? 6.078   -10.610 -13.438 1.00 18.59  ? 182 GLY   B C   1 
ATOM   1498 O O   . GLY   A 1 176 ? 5.956   -9.440  -13.848 1.00 19.93  ? 182 GLY   B O   1 
ATOM   1499 N N   . ASN   A 1 177 ? 6.083   -10.963 -12.151 1.00 14.83  ? 183 ASN   B N   1 
ATOM   1500 C CA  . ASN   A 1 177 ? 5.796   -9.966  -11.068 1.00 14.40  ? 183 ASN   B CA  1 
ATOM   1501 C C   . ASN   A 1 177 ? 6.905   -9.891  -10.004 1.00 15.95  ? 183 ASN   B C   1 
ATOM   1502 O O   . ASN   A 1 177 ? 6.602   -9.560  -8.852  1.00 17.05  ? 183 ASN   B O   1 
ATOM   1503 C CB  . ASN   A 1 177 ? 4.454   -10.253 -10.404 1.00 13.93  ? 183 ASN   B CB  1 
ATOM   1504 C CG  . ASN   A 1 177 ? 3.916   -9.066  -9.634  1.00 14.25  ? 183 ASN   B CG  1 
ATOM   1505 O OD1 . ASN   A 1 177 ? 4.084   -7.948  -10.063 1.00 15.22  ? 183 ASN   B OD1 1 
ATOM   1506 N ND2 . ASN   A 1 177 ? 3.254   -9.348  -8.521  1.00 14.29  ? 183 ASN   B ND2 1 
ATOM   1507 N N   . ALA   A 1 178 ? 8.151   -10.141 -10.367 1.00 16.64  ? 184 ALA   B N   1 
ATOM   1508 C CA  . ALA   A 1 178 ? 9.258   -10.141 -9.397  1.00 16.63  ? 184 ALA   B CA  1 
ATOM   1509 C C   . ALA   A 1 178 ? 9.664   -8.723  -9.027  1.00 15.82  ? 184 ALA   B C   1 
ATOM   1510 O O   . ALA   A 1 178 ? 10.306  -8.602  -7.999  1.00 16.47  ? 184 ALA   B O   1 
ATOM   1511 C CB  . ALA   A 1 178 ? 10.453  -10.895 -9.953  1.00 17.21  ? 184 ALA   B CB  1 
ATOM   1512 N N   . ALA   A 1 179 ? 9.311   -7.696  -9.800  1.00 15.79  ? 185 ALA   B N   1 
ATOM   1513 C CA  . ALA   A 1 179 ? 9.831   -6.322  -9.572  1.00 16.54  ? 185 ALA   B CA  1 
ATOM   1514 C C   . ALA   A 1 179 ? 9.388   -5.803  -8.203  1.00 16.35  ? 185 ALA   B C   1 
ATOM   1515 O O   . ALA   A 1 179 ? 8.331   -6.163  -7.682  1.00 15.41  ? 185 ALA   B O   1 
ATOM   1516 C CB  . ALA   A 1 179 ? 9.411   -5.386  -10.651 1.00 17.23  ? 185 ALA   B CB  1 
ATOM   1517 N N   . PRO   A 1 180 ? 10.236  -4.966  -7.569  1.00 15.09  ? 186 PRO   B N   1 
ATOM   1518 C CA  . PRO   A 1 180 ? 9.922   -4.402  -6.258  1.00 15.66  ? 186 PRO   B CA  1 
ATOM   1519 C C   . PRO   A 1 180 ? 8.866   -3.285  -6.320  1.00 14.76  ? 186 PRO   B C   1 
ATOM   1520 O O   . PRO   A 1 180 ? 8.645   -2.724  -7.381  1.00 16.42  ? 186 PRO   B O   1 
ATOM   1521 C CB  . PRO   A 1 180 ? 11.276  -3.822  -5.831  1.00 17.19  ? 186 PRO   B CB  1 
ATOM   1522 C CG  . PRO   A 1 180 ? 11.939  -3.428  -7.089  1.00 17.60  ? 186 PRO   B CG  1 
ATOM   1523 C CD  . PRO   A 1 180 ? 11.540  -4.511  -8.087  1.00 17.94  ? 186 PRO   B CD  1 
ATOM   1524 N N   . LEU   A 1 181 ? 8.228   -3.010  -5.179  1.00 13.73  ? 187 LEU   B N   1 
ATOM   1525 C CA  . LEU   A 1 181 ? 7.651   -1.689  -4.852  1.00 14.40  ? 187 LEU   B CA  1 
ATOM   1526 C C   . LEU   A 1 181 ? 8.785   -0.821  -4.308  1.00 15.42  ? 187 LEU   B C   1 
ATOM   1527 O O   . LEU   A 1 181 ? 9.555   -1.325  -3.441  1.00 15.43  ? 187 LEU   B O   1 
ATOM   1528 C CB  . LEU   A 1 181 ? 6.516   -1.866  -3.836  1.00 14.54  ? 187 LEU   B CB  1 
ATOM   1529 C CG  . LEU   A 1 181 ? 5.264   -2.596  -4.332  1.00 14.97  ? 187 LEU   B CG  1 
ATOM   1530 C CD1 . LEU   A 1 181 ? 4.256   -2.779  -3.212  1.00 16.71  ? 187 LEU   B CD1 1 
ATOM   1531 C CD2 . LEU   A 1 181 ? 4.581   -1.845  -5.428  1.00 17.32  ? 187 LEU   B CD2 1 
ATOM   1532 N N   . LYS   A 1 182 ? 8.853   0.448   -4.731  1.00 15.38  ? 188 LYS   B N   1 
ATOM   1533 C CA  . LYS   A 1 182 ? 9.946   1.340   -4.286  1.00 16.64  ? 188 LYS   B CA  1 
ATOM   1534 C C   . LYS   A 1 182 ? 9.349   2.647   -3.799  1.00 16.30  ? 188 LYS   B C   1 
ATOM   1535 O O   . LYS   A 1 182 ? 8.622   3.231   -4.580  1.00 18.30  ? 188 LYS   B O   1 
ATOM   1536 C CB  . LYS   A 1 182 ? 10.896  1.659   -5.442  1.00 19.67  ? 188 LYS   B CB  1 
ATOM   1537 C CG  . LYS   A 1 182 ? 11.593  0.494   -6.085  1.00 22.87  ? 188 LYS   B CG  1 
ATOM   1538 C CD  . LYS   A 1 182 ? 12.763  0.960   -6.932  1.00 25.94  ? 188 LYS   B CD  1 
ATOM   1539 C CE  . LYS   A 1 182 ? 13.326  -0.116  -7.814  1.00 31.89  ? 188 LYS   B CE  1 
ATOM   1540 N NZ  . LYS   A 1 182 ? 14.312  0.438   -8.773  1.00 34.42  ? 188 LYS   B NZ  1 
ATOM   1541 N N   . LEU   A 1 183 ? 9.668   3.097   -2.594  1.00 16.47  ? 189 LEU   B N   1 
ATOM   1542 C CA  . LEU   A 1 183 ? 9.245   4.437   -2.125  1.00 18.32  ? 189 LEU   B CA  1 
ATOM   1543 C C   . LEU   A 1 183 ? 10.131  5.466   -2.850  1.00 20.03  ? 189 LEU   B C   1 
ATOM   1544 O O   . LEU   A 1 183 ? 11.347  5.313   -2.860  1.00 22.58  ? 189 LEU   B O   1 
ATOM   1545 C CB  . LEU   A 1 183 ? 9.367   4.484   -0.612  1.00 19.64  ? 189 LEU   B CB  1 
ATOM   1546 C CG  . LEU   A 1 183 ? 8.203   3.773   0.074   1.00 19.33  ? 189 LEU   B CG  1 
ATOM   1547 C CD1 . LEU   A 1 183 ? 8.576   3.255   1.434   1.00 23.82  ? 189 LEU   B CD1 1 
ATOM   1548 C CD2 . LEU   A 1 183 ? 7.002   4.709   0.140   1.00 17.98  ? 189 LEU   B CD2 1 
ATOM   1549 N N   . CYS   A 1 184 ? 9.511   6.416   -3.520  1.00 22.11  ? 190 CYS   B N   1 
ATOM   1550 C CA  . CYS   A 1 184 ? 10.203  7.436   -4.362  1.00 23.64  ? 190 CYS   B CA  1 
ATOM   1551 C C   . CYS   A 1 184 ? 10.691  8.614   -3.549  1.00 26.81  ? 190 CYS   B C   1 
ATOM   1552 O O   . CYS   A 1 184 ? 9.989   9.109   -2.667  1.00 25.04  ? 190 CYS   B O   1 
ATOM   1553 C CB  . CYS   A 1 184 ? 9.233   8.043   -5.343  1.00 26.73  ? 190 CYS   B CB  1 
ATOM   1554 S SG  . CYS   A 1 184 ? 8.511   6.791   -6.414  1.00 29.45  ? 190 CYS   B SG  1 
ATOM   1555 N N   . PRO   A 1 185 ? 11.868  9.156   -3.916  1.00 31.74  ? 191 PRO   B N   1 
ATOM   1556 C CA  . PRO   A 1 185 ? 12.368  10.386  -3.315  1.00 35.29  ? 191 PRO   B CA  1 
ATOM   1557 C C   . PRO   A 1 185 ? 11.382  11.542  -3.515  1.00 34.69  ? 191 PRO   B C   1 
ATOM   1558 O O   . PRO   A 1 185 ? 10.760  11.609  -4.569  1.00 35.20  ? 191 PRO   B O   1 
ATOM   1559 C CB  . PRO   A 1 185 ? 13.697  10.650  -4.052  1.00 35.20  ? 191 PRO   B CB  1 
ATOM   1560 C CG  . PRO   A 1 185 ? 13.656  9.790   -5.285  1.00 37.10  ? 191 PRO   B CG  1 
ATOM   1561 C CD  . PRO   A 1 185 ? 12.788  8.610   -4.924  1.00 35.27  ? 191 PRO   B CD  1 
ATOM   1562 N N   . LEU   A 1 186 ? 11.220  12.328  -2.453  1.00 42.40  ? 192 LEU   B N   1 
ATOM   1563 C CA  . LEU   A 1 186 ? 10.634  13.695  -2.405  1.00 49.65  ? 192 LEU   B CA  1 
ATOM   1564 C C   . LEU   A 1 186 ? 11.551  14.690  -3.123  1.00 51.20  ? 192 LEU   B C   1 
ATOM   1565 O O   . LEU   A 1 186 ? 11.001  15.708  -3.546  1.00 50.54  ? 192 LEU   B O   1 
ATOM   1566 C CB  . LEU   A 1 186 ? 10.479  14.108  -0.937  1.00 55.01  ? 192 LEU   B CB  1 
HETATM 1567 C C1  . EDO   B 2 .   ? 4.463   -17.299 -5.862  1.00 33.71  ? 201 EDO   B C1  1 
HETATM 1568 O O1  . EDO   B 2 .   ? 4.914   -16.022 -5.461  1.00 25.93  ? 201 EDO   B O1  1 
HETATM 1569 C C2  . EDO   B 2 .   ? 3.953   -18.205 -4.781  1.00 41.04  ? 201 EDO   B C2  1 
HETATM 1570 O O2  . EDO   B 2 .   ? 4.919   -18.630 -3.844  1.00 45.25  ? 201 EDO   B O2  1 
HETATM 1571 C C1  . EDO   C 2 .   ? -6.333  -23.341 6.622   1.00 57.33  ? 202 EDO   B C1  1 
HETATM 1572 O O1  . EDO   C 2 .   ? -5.533  -22.172 6.743   1.00 55.56  ? 202 EDO   B O1  1 
HETATM 1573 C C2  . EDO   C 2 .   ? -7.129  -23.389 5.379   1.00 53.04  ? 202 EDO   B C2  1 
HETATM 1574 O O2  . EDO   C 2 .   ? -6.407  -23.952 4.309   1.00 54.11  ? 202 EDO   B O2  1 
HETATM 1575 S S   . SO4   D 3 .   ? -13.855 -11.026 4.826   1.00 48.65  ? 203 SO4   B S   1 
HETATM 1576 O O1  . SO4   D 3 .   ? -12.638 -10.569 5.462   1.00 31.30  ? 203 SO4   B O1  1 
HETATM 1577 O O2  . SO4   D 3 .   ? -14.486 -12.013 5.640   1.00 50.73  ? 203 SO4   B O2  1 
HETATM 1578 O O3  . SO4   D 3 .   ? -14.757 -9.910  4.640   1.00 53.56  ? 203 SO4   B O3  1 
HETATM 1579 O O4  . SO4   D 3 .   ? -13.551 -11.607 3.541   1.00 48.49  ? 203 SO4   B O4  1 
HETATM 1580 N N1  . A1BE8 E 4 .   ? 14.106  -5.257  -10.353 0.18 5.60   ? 204 A1BE8 B N1  1 
HETATM 1581 C C4  . A1BE8 E 4 .   ? 14.111  -6.699  -10.475 0.18 5.49   ? 204 A1BE8 B C4  1 
HETATM 1582 C C5  . A1BE8 E 4 .   ? 15.495  -7.361  -10.448 0.18 5.49   ? 204 A1BE8 B C5  1 
HETATM 1583 C C6  . A1BE8 E 4 .   ? 13.279  -4.466  -11.092 0.18 5.53   ? 204 A1BE8 B C6  1 
HETATM 1584 C C7  . A1BE8 E 4 .   ? 11.706  -4.291  -12.779 0.18 5.50   ? 204 A1BE8 B C7  1 
HETATM 1585 C C8  . A1BE8 E 4 .   ? 11.565  -2.939  -12.598 0.18 5.55   ? 204 A1BE8 B C8  1 
HETATM 1586 C C10 . A1BE8 E 4 .   ? 13.185  -3.066  -10.876 0.18 5.61   ? 204 A1BE8 B C10 1 
HETATM 1587 C C1  . A1BE8 E 4 .   ? 14.822  -9.825  -10.067 0.18 5.48   ? 204 A1BE8 B C1  1 
HETATM 1588 C C2  . A1BE8 E 4 .   ? 14.955  -8.424  -9.470  0.18 5.46   ? 204 A1BE8 B C2  1 
HETATM 1589 C C3  . A1BE8 E 4 .   ? 13.688  -7.570  -9.278  0.18 5.52   ? 204 A1BE8 B C3  1 
HETATM 1590 C C9  . A1BE8 E 4 .   ? 12.325  -2.319  -11.630 0.18 5.53   ? 204 A1BE8 B C9  1 
HETATM 1591 F F1  . A1BE8 E 4 .   ? 13.936  -2.471  -9.927  0.18 5.93   ? 204 A1BE8 B F1  1 
HETATM 1592 N N2  . A1BE8 E 4 .   ? 12.520  -5.061  -12.041 0.18 5.51   ? 204 A1BE8 B N2  1 
HETATM 1593 O O1  . A1BE8 E 4 .   ? 15.700  -8.545  -8.255  0.18 5.64   ? 204 A1BE8 B O1  1 
HETATM 1594 O O   . HOH   F 5 .   ? 8.790   6.079   -14.323 1.00 38.80  ? 301 HOH   B O   1 
HETATM 1595 O O   . HOH   F 5 .   ? 9.624   -14.046 -6.976  1.00 33.10  ? 302 HOH   B O   1 
HETATM 1596 O O   . HOH   F 5 .   ? 8.046   -7.721  -12.502 1.00 20.06  ? 303 HOH   B O   1 
HETATM 1597 O O   . HOH   F 5 .   ? 11.517  -10.601 -6.619  1.00 21.67  ? 304 HOH   B O   1 
HETATM 1598 O O   . HOH   F 5 .   ? 18.018  -15.145 10.726  1.00 34.63  ? 305 HOH   B O   1 
HETATM 1599 O O   . HOH   F 5 .   ? 9.321   -19.985 -5.297  1.00 40.92  ? 306 HOH   B O   1 
HETATM 1600 O O   . HOH   F 5 .   ? 6.030   -10.448 -6.415  1.00 20.01  ? 307 HOH   B O   1 
HETATM 1601 O O   . HOH   F 5 .   ? 8.410   8.858   1.357   1.00 25.91  ? 308 HOH   B O   1 
HETATM 1602 O O   . HOH   F 5 .   ? -1.925  -7.097  -14.559 1.00 22.01  ? 309 HOH   B O   1 
HETATM 1603 O O   . HOH   F 5 .   ? 0.405   0.130   -12.898 1.00 19.89  ? 310 HOH   B O   1 
HETATM 1604 O O   . HOH   F 5 .   ? 6.110   -8.000  -16.133 1.00 40.78  ? 311 HOH   B O   1 
HETATM 1605 O O   . HOH   F 5 .   ? 9.438   -1.791  -9.810  1.00 27.75  ? 312 HOH   B O   1 
HETATM 1606 O O   . HOH   F 5 .   ? 15.919  5.291   4.418   1.00 33.65  ? 313 HOH   B O   1 
HETATM 1607 O O   . HOH   F 5 .   ? 7.644   8.473   -1.381  1.00 22.30  ? 314 HOH   B O   1 
HETATM 1608 O O   . HOH   F 5 .   ? 7.978   -8.534  -5.730  1.00 18.47  ? 315 HOH   B O   1 
HETATM 1609 O O   . HOH   F 5 .   ? 15.866  2.970   -2.537  1.00 32.44  ? 316 HOH   B O   1 
HETATM 1610 O O   . HOH   F 5 .   ? 7.699   -16.213 -5.115  1.00 33.76  ? 317 HOH   B O   1 
HETATM 1611 O O   . HOH   F 5 .   ? 9.303   -10.674 -13.142 1.00 21.44  ? 318 HOH   B O   1 
HETATM 1612 O O   . HOH   F 5 .   ? 2.145   -1.867  -12.180 1.00 16.94  ? 319 HOH   B O   1 
HETATM 1613 O O   . HOH   F 5 .   ? -3.982  -8.845  -22.074 1.00 47.22  ? 320 HOH   B O   1 
HETATM 1614 O O   . HOH   F 5 .   ? -2.241  -10.093 -12.302 1.00 23.54  ? 321 HOH   B O   1 
HETATM 1615 O O   . HOH   F 5 .   ? 14.905  -15.620 -2.485  1.00 45.33  ? 322 HOH   B O   1 
HETATM 1616 O O   . HOH   F 5 .   ? 10.555  -14.752 -11.557 1.00 26.84  ? 323 HOH   B O   1 
HETATM 1617 O O   . HOH   F 5 .   ? 19.185  -0.023  0.152   1.00 36.71  ? 324 HOH   B O   1 
HETATM 1618 O O   . HOH   F 5 .   ? 0.558   11.439  -19.451 1.00 53.99  ? 325 HOH   B O   1 
HETATM 1619 O O   . HOH   F 5 .   ? -1.030  -11.461 -6.603  1.00 15.75  ? 326 HOH   B O   1 
HETATM 1620 O O   . HOH   F 5 .   ? 2.922   -4.867  -16.314 1.00 55.85  ? 327 HOH   B O   1 
HETATM 1621 O O   . HOH   F 5 .   ? 20.032  -3.918  -0.201  1.00 34.69  ? 328 HOH   B O   1 
# 
